data_5WSB
#
_entry.id   5WSB
#
_cell.length_a   125.631
_cell.length_b   125.631
_cell.length_c   144.514
_cell.angle_alpha   90.00
_cell.angle_beta   90.00
_cell.angle_gamma   120.00
#
_symmetry.space_group_name_H-M   'P 31'
#
loop_
_entity.id
_entity.type
_entity.pdbx_description
1 polymer 'Pyruvate kinase'
2 non-polymer 'ADENOSINE MONOPHOSPHATE'
3 non-polymer 6-O-phosphono-alpha-D-glucopyranose
4 non-polymer 'MAGNESIUM ION'
5 non-polymer 'OXALATE ION'
6 non-polymer 'POTASSIUM ION'
7 non-polymer 'PHOSPHATE ION'
8 water water
#
_entity_poly.entity_id   1
_entity_poly.type   'polypeptide(L)'
_entity_poly.pdbx_seq_one_letter_code
;GGHMTRRGKIVCTLGPATQRDDLVRALVEAGMDVARMNFSHGDYDDHKVAYERVRVASDATGRAVGVLADLQGPKIRLGR
FASGATHWAEGETVRITVGACEGSHDRVSTTYKRLAQDAVAGDRVLVDDGKVALVVDAVEGDDVVCTVVEGGPVSDNKGI
SLPGMNVTAPALSEKDIEDLTFALNLGVDMVALSFVRSPADVELVHEVMDRIGRRVPVIAKLEKPEAIDNLEAIVLAFDA
VMVARGDLGVELPLEEVPLVQKRAIQMARENAKPVIVATQMLDSMIENSRPTRAEASDVANAVLDGADALMLSGETSVGK
YPLAAVRTMSRIICAVEENSTAAPPLTHIPRTKRGVISYAARDIGERLDAKALVAFTQSGDTVRRLARLHTPLPLLAFTA
WPEVRSQLAMTWGTETFIVPKMQSTDGMIRQVDKSLLELARYKRGDLVVIVAGAPPGTVGSTNLIHVHRIGEDDV
;
_entity_poly.pdbx_strand_id   A,B,C,D
#
loop_
_chem_comp.id
_chem_comp.type
_chem_comp.name
_chem_comp.formula
AMP non-polymer 'ADENOSINE MONOPHOSPHATE' 'C10 H14 N5 O7 P'
G6P D-saccharide, alpha linking 6-O-phosphono-alpha-D-glucopyranose 'C6 H13 O9 P'
K non-polymer 'POTASSIUM ION' 'K 1'
MG non-polymer 'MAGNESIUM ION' 'Mg 2'
OXL non-polymer 'OXALATE ION' 'C2 O4 -2'
PO4 non-polymer 'PHOSPHATE ION' 'O4 P -3'
#
# COMPACT_ATOMS: atom_id res chain seq x y z
N THR A 5 12.40 29.78 -0.41
CA THR A 5 11.75 30.51 -1.53
C THR A 5 10.98 29.54 -2.43
N ARG A 6 10.24 30.12 -3.36
CA ARG A 6 9.43 29.38 -4.31
C ARG A 6 10.20 28.41 -5.20
N ARG A 7 9.57 27.29 -5.48
CA ARG A 7 10.17 26.22 -6.26
C ARG A 7 9.61 26.24 -7.68
N GLY A 8 8.29 26.21 -7.80
CA GLY A 8 7.66 26.31 -9.12
C GLY A 8 8.07 27.56 -9.90
N LYS A 9 8.34 27.39 -11.19
CA LYS A 9 8.88 28.46 -11.97
C LYS A 9 7.77 29.25 -12.72
N ILE A 10 8.04 30.53 -12.96
CA ILE A 10 7.09 31.46 -13.56
C ILE A 10 7.55 31.97 -14.88
N VAL A 11 6.79 31.73 -15.94
CA VAL A 11 7.09 32.24 -17.29
C VAL A 11 6.22 33.46 -17.62
N CYS A 12 6.84 34.56 -18.05
CA CYS A 12 6.10 35.77 -18.36
C CYS A 12 6.25 36.15 -19.80
N THR A 13 5.19 36.64 -20.41
CA THR A 13 5.25 37.03 -21.80
C THR A 13 5.46 38.54 -21.86
N LEU A 14 6.32 38.98 -22.76
CA LEU A 14 6.67 40.37 -22.88
C LEU A 14 5.87 40.94 -23.96
N GLY A 15 5.56 42.23 -23.80
CA GLY A 15 4.82 42.98 -24.81
C GLY A 15 4.72 44.41 -24.35
N PRO A 16 3.83 45.19 -25.00
CA PRO A 16 3.69 46.63 -24.75
C PRO A 16 3.70 47.01 -23.26
N ALA A 17 3.21 46.15 -22.38
CA ALA A 17 3.08 46.52 -20.98
C ALA A 17 4.35 46.30 -20.22
N THR A 18 5.32 45.61 -20.85
CA THR A 18 6.65 45.47 -20.28
C THR A 18 7.71 46.34 -21.00
N GLN A 19 7.29 47.25 -21.88
CA GLN A 19 8.26 48.01 -22.68
C GLN A 19 8.88 49.23 -21.98
N ARG A 20 8.14 49.84 -21.07
CA ARG A 20 8.64 51.04 -20.41
C ARG A 20 9.84 50.72 -19.55
N ASP A 21 10.48 51.78 -19.10
CA ASP A 21 11.70 51.69 -18.27
C ASP A 21 11.55 50.82 -17.00
N ASP A 22 12.52 49.95 -16.83
CA ASP A 22 12.67 49.25 -15.57
C ASP A 22 11.49 48.29 -15.34
N LEU A 23 10.63 48.00 -16.32
CA LEU A 23 9.54 47.04 -16.05
C LEU A 23 10.03 45.62 -16.16
N VAL A 24 10.74 45.32 -17.24
CA VAL A 24 11.41 44.03 -17.36
C VAL A 24 12.30 43.78 -16.14
N ARG A 25 12.93 44.82 -15.63
CA ARG A 25 13.79 44.69 -14.49
C ARG A 25 12.96 44.28 -13.28
N ALA A 26 11.87 44.99 -13.05
CA ALA A 26 11.04 44.74 -11.88
C ALA A 26 10.38 43.36 -11.92
N LEU A 27 10.16 42.81 -13.10
CA LEU A 27 9.62 41.47 -13.23
C LEU A 27 10.62 40.44 -12.82
N VAL A 28 11.87 40.68 -13.22
CA VAL A 28 12.94 39.75 -12.84
C VAL A 28 13.08 39.84 -11.33
N GLU A 29 13.07 41.05 -10.80
CA GLU A 29 13.15 41.22 -9.35
C GLU A 29 11.96 40.57 -8.64
N ALA A 30 10.79 40.56 -9.29
CA ALA A 30 9.59 39.94 -8.67
C ALA A 30 9.53 38.42 -8.84
N GLY A 31 10.37 37.86 -9.71
CA GLY A 31 10.49 36.42 -9.76
C GLY A 31 10.45 35.78 -11.13
N MET A 32 10.34 36.56 -12.21
CA MET A 32 10.25 35.95 -13.53
C MET A 32 11.41 35.03 -13.84
N ASP A 33 11.12 33.80 -14.22
CA ASP A 33 12.18 32.84 -14.54
C ASP A 33 12.42 32.63 -16.00
N VAL A 34 11.40 32.79 -16.82
CA VAL A 34 11.57 32.74 -18.25
C VAL A 34 10.80 33.87 -18.85
N ALA A 35 11.41 34.55 -19.83
CA ALA A 35 10.72 35.57 -20.59
C ALA A 35 10.30 35.00 -21.93
N ARG A 36 8.99 35.02 -22.20
CA ARG A 36 8.46 34.60 -23.48
C ARG A 36 8.40 35.78 -24.46
N MET A 37 8.90 35.53 -25.66
CA MET A 37 8.87 36.47 -26.74
C MET A 37 7.87 35.87 -27.73
N ASN A 38 6.75 36.54 -27.94
CA ASN A 38 5.73 36.01 -28.83
C ASN A 38 5.90 36.56 -30.22
N PHE A 39 6.34 35.71 -31.15
CA PHE A 39 6.55 36.14 -32.53
C PHE A 39 5.30 36.29 -33.37
N SER A 40 4.12 35.99 -32.80
CA SER A 40 2.85 36.40 -33.45
C SER A 40 2.70 37.92 -33.48
N HIS A 41 3.38 38.62 -32.58
CA HIS A 41 3.28 40.08 -32.51
C HIS A 41 4.68 40.70 -32.50
N GLY A 42 4.75 41.97 -32.93
CA GLY A 42 5.95 42.79 -32.77
C GLY A 42 6.87 42.74 -33.97
N ASP A 43 7.73 43.75 -34.11
CA ASP A 43 8.81 43.67 -35.11
C ASP A 43 10.15 43.33 -34.44
N TYR A 44 11.12 42.93 -35.26
CA TYR A 44 12.40 42.45 -34.78
C TYR A 44 13.11 43.44 -33.88
N ASP A 45 12.89 44.74 -34.09
CA ASP A 45 13.45 45.78 -33.21
C ASP A 45 12.88 45.70 -31.81
N ASP A 46 11.57 45.46 -31.71
CA ASP A 46 10.91 45.31 -30.40
C ASP A 46 11.51 44.11 -29.64
N HIS A 47 11.70 43.01 -30.35
CA HIS A 47 12.20 41.79 -29.75
C HIS A 47 13.64 41.92 -29.35
N LYS A 48 14.43 42.60 -30.17
CA LYS A 48 15.81 42.92 -29.81
C LYS A 48 15.82 43.69 -28.48
N VAL A 49 15.23 44.88 -28.48
CA VAL A 49 15.21 45.71 -27.30
C VAL A 49 14.79 44.93 -26.05
N ALA A 50 13.80 44.07 -26.18
CA ALA A 50 13.27 43.35 -25.02
C ALA A 50 14.24 42.26 -24.54
N TYR A 51 14.76 41.48 -25.49
CA TYR A 51 15.84 40.51 -25.19
C TYR A 51 16.95 41.14 -24.35
N GLU A 52 17.39 42.33 -24.77
CA GLU A 52 18.45 43.03 -24.10
C GLU A 52 18.08 43.38 -22.66
N ARG A 53 16.86 43.87 -22.46
CA ARG A 53 16.46 44.29 -21.12
C ARG A 53 16.41 43.09 -20.18
N VAL A 54 16.20 41.89 -20.73
CA VAL A 54 16.16 40.67 -19.94
C VAL A 54 17.56 40.24 -19.52
N ARG A 55 18.45 40.19 -20.49
CA ARG A 55 19.86 39.93 -20.23
C ARG A 55 20.45 40.90 -19.18
N VAL A 56 20.20 42.19 -19.35
CA VAL A 56 20.69 43.17 -18.40
C VAL A 56 20.23 42.85 -16.98
N ALA A 57 18.91 42.72 -16.85
CA ALA A 57 18.27 42.50 -15.55
C ALA A 57 18.65 41.16 -14.93
N SER A 58 18.79 40.13 -15.75
CA SER A 58 19.32 38.83 -15.27
C SER A 58 20.70 38.99 -14.70
N ASP A 59 21.60 39.58 -15.52
CA ASP A 59 22.98 39.72 -15.10
C ASP A 59 23.08 40.68 -13.91
N ALA A 60 22.24 41.72 -13.86
CA ALA A 60 22.34 42.69 -12.79
C ALA A 60 21.79 42.20 -11.47
N THR A 61 20.72 41.39 -11.50
CA THR A 61 20.13 40.81 -10.27
C THR A 61 20.82 39.53 -9.79
N GLY A 62 21.46 38.82 -10.71
CA GLY A 62 22.07 37.56 -10.39
C GLY A 62 21.08 36.42 -10.49
N ARG A 63 19.87 36.70 -11.00
CA ARG A 63 18.87 35.64 -11.18
C ARG A 63 18.95 35.12 -12.62
N ALA A 64 18.84 33.81 -12.75
CA ALA A 64 18.75 33.17 -14.04
C ALA A 64 17.45 33.57 -14.69
N VAL A 65 17.47 33.86 -15.98
CA VAL A 65 16.26 34.13 -16.71
C VAL A 65 16.39 33.64 -18.13
N GLY A 66 15.74 32.51 -18.42
CA GLY A 66 15.71 31.92 -19.76
C GLY A 66 14.92 32.81 -20.67
N VAL A 67 15.22 32.75 -21.95
CA VAL A 67 14.48 33.50 -22.94
C VAL A 67 13.88 32.50 -23.90
N LEU A 68 12.55 32.54 -24.02
CA LEU A 68 11.80 31.58 -24.83
C LEU A 68 11.27 32.27 -26.07
N ALA A 69 11.68 31.80 -27.23
CA ALA A 69 11.12 32.29 -28.48
C ALA A 69 9.90 31.44 -28.85
N ASP A 70 8.73 32.06 -28.92
CA ASP A 70 7.49 31.36 -29.31
C ASP A 70 7.12 31.64 -30.77
N LEU A 71 7.16 30.59 -31.57
CA LEU A 71 6.88 30.69 -33.02
C LEU A 71 5.39 30.48 -33.30
N GLN A 72 4.84 31.33 -34.17
CA GLN A 72 3.42 31.40 -34.44
C GLN A 72 2.87 30.08 -34.98
N GLY A 73 3.67 29.39 -35.78
CA GLY A 73 3.20 28.16 -36.41
C GLY A 73 2.15 28.45 -37.46
N PRO A 74 1.53 27.39 -38.02
CA PRO A 74 0.49 27.46 -39.05
C PRO A 74 -0.86 27.92 -38.49
N LYS A 75 -0.86 29.09 -37.88
CA LYS A 75 -2.01 29.74 -37.40
C LYS A 75 -2.81 30.28 -38.59
N ILE A 76 -4.08 29.90 -38.67
CA ILE A 76 -4.98 30.40 -39.67
C ILE A 76 -5.61 31.70 -39.21
N ARG A 77 -5.75 32.63 -40.13
CA ARG A 77 -6.15 33.99 -39.79
C ARG A 77 -7.12 34.56 -40.83
N LEU A 78 -7.83 35.60 -40.41
CA LEU A 78 -8.56 36.43 -41.36
C LEU A 78 -7.56 37.42 -41.97
N GLY A 79 -7.93 38.03 -43.09
CA GLY A 79 -7.11 39.07 -43.67
C GLY A 79 -7.54 40.41 -43.12
N ARG A 80 -7.66 41.40 -44.00
CA ARG A 80 -7.87 42.76 -43.58
C ARG A 80 -9.27 43.21 -43.94
N PHE A 81 -9.83 44.05 -43.09
CA PHE A 81 -11.11 44.70 -43.38
C PHE A 81 -10.88 46.14 -43.80
N ALA A 82 -11.73 46.60 -44.71
CA ALA A 82 -11.68 47.97 -45.23
C ALA A 82 -11.73 49.02 -44.13
N SER A 83 -12.36 48.71 -43.01
CA SER A 83 -12.42 49.66 -41.89
C SER A 83 -11.44 49.31 -40.80
N GLY A 84 -10.72 48.21 -40.98
CA GLY A 84 -9.79 47.68 -39.94
C GLY A 84 -10.50 46.75 -38.95
N ALA A 85 -11.80 46.99 -38.77
CA ALA A 85 -12.59 46.25 -37.81
C ALA A 85 -14.07 46.31 -38.22
N THR A 86 -14.84 45.31 -37.79
CA THR A 86 -16.28 45.35 -37.93
C THR A 86 -16.94 44.62 -36.76
N HIS A 87 -18.27 44.64 -36.76
CA HIS A 87 -19.04 43.87 -35.80
C HIS A 87 -19.85 42.80 -36.53
N TRP A 88 -19.67 41.56 -36.10
CA TRP A 88 -20.42 40.43 -36.62
C TRP A 88 -21.48 40.00 -35.60
N ALA A 89 -22.73 40.40 -35.85
CA ALA A 89 -23.83 40.19 -34.89
C ALA A 89 -24.58 38.87 -35.16
N GLU A 90 -24.99 38.20 -34.08
CA GLU A 90 -25.80 36.98 -34.19
C GLU A 90 -26.84 37.17 -35.29
N GLY A 91 -26.92 36.23 -36.22
CA GLY A 91 -27.93 36.26 -37.26
C GLY A 91 -27.45 36.70 -38.63
N GLU A 92 -26.24 37.29 -38.70
CA GLU A 92 -25.73 37.83 -39.97
C GLU A 92 -25.12 36.76 -40.84
N THR A 93 -25.19 36.97 -42.14
CA THR A 93 -24.50 36.11 -43.10
C THR A 93 -23.17 36.73 -43.48
N VAL A 94 -22.11 35.94 -43.34
CA VAL A 94 -20.75 36.35 -43.59
C VAL A 94 -20.07 35.34 -44.54
N ARG A 95 -19.28 35.85 -45.47
CA ARG A 95 -18.49 34.98 -46.36
C ARG A 95 -17.00 35.07 -46.00
N ILE A 96 -16.34 33.92 -45.91
CA ILE A 96 -14.89 33.90 -45.71
C ILE A 96 -14.25 33.24 -46.93
N THR A 97 -13.49 34.05 -47.69
CA THR A 97 -13.07 33.60 -49.00
C THR A 97 -11.58 33.35 -49.05
N VAL A 98 -11.20 32.40 -49.89
CA VAL A 98 -9.79 32.15 -50.14
C VAL A 98 -9.30 32.99 -51.32
N GLY A 99 -10.22 33.76 -51.92
CA GLY A 99 -9.87 34.76 -52.91
C GLY A 99 -9.37 36.03 -52.27
N ALA A 100 -8.63 36.82 -53.04
CA ALA A 100 -8.02 38.00 -52.48
C ALA A 100 -9.01 39.16 -52.45
N CYS A 101 -8.93 39.95 -51.39
CA CYS A 101 -9.74 41.14 -51.24
C CYS A 101 -9.35 41.93 -49.98
N GLU A 102 -9.64 43.22 -50.02
CA GLU A 102 -9.83 43.96 -48.79
C GLU A 102 -11.25 43.63 -48.36
N GLY A 103 -11.36 42.94 -47.24
CA GLY A 103 -12.64 42.57 -46.71
C GLY A 103 -13.56 43.72 -46.39
N SER A 104 -14.80 43.34 -46.10
CA SER A 104 -15.75 44.24 -45.50
C SER A 104 -16.49 43.43 -44.45
N HIS A 105 -17.51 44.03 -43.90
CA HIS A 105 -18.41 43.33 -43.01
C HIS A 105 -18.89 41.99 -43.60
N ASP A 106 -19.21 41.99 -44.89
CA ASP A 106 -19.93 40.87 -45.55
C ASP A 106 -18.97 39.78 -46.05
N ARG A 107 -17.74 40.19 -46.35
CA ARG A 107 -16.82 39.31 -47.06
C ARG A 107 -15.38 39.68 -46.75
N VAL A 108 -14.62 38.72 -46.25
CA VAL A 108 -13.26 38.96 -45.81
C VAL A 108 -12.37 37.77 -46.21
N SER A 109 -11.09 38.03 -46.48
CA SER A 109 -10.21 36.94 -46.86
C SER A 109 -9.76 36.09 -45.68
N THR A 110 -9.18 34.93 -45.98
CA THR A 110 -8.41 34.17 -44.98
C THR A 110 -7.05 33.74 -45.54
N THR A 111 -6.12 33.41 -44.63
CA THR A 111 -4.78 32.97 -45.03
C THR A 111 -4.75 31.51 -45.42
N TYR A 112 -5.72 30.73 -44.95
CA TYR A 112 -5.72 29.30 -45.27
C TYR A 112 -6.41 29.09 -46.59
N LYS A 113 -5.64 28.68 -47.59
CA LYS A 113 -6.12 28.71 -48.96
C LYS A 113 -6.88 27.43 -49.33
N ARG A 114 -6.82 26.44 -48.46
CA ARG A 114 -7.54 25.17 -48.66
C ARG A 114 -8.91 25.21 -47.96
N LEU A 115 -9.33 26.38 -47.50
CA LEU A 115 -10.55 26.50 -46.68
C LEU A 115 -11.79 26.11 -47.46
N ALA A 116 -11.95 26.64 -48.65
CA ALA A 116 -13.08 26.29 -49.50
C ALA A 116 -13.03 24.80 -49.88
N GLN A 117 -11.81 24.26 -49.94
CA GLN A 117 -11.62 22.89 -50.32
C GLN A 117 -11.81 21.92 -49.13
N ASP A 118 -11.67 22.41 -47.89
CA ASP A 118 -11.66 21.50 -46.72
C ASP A 118 -12.85 21.69 -45.79
N ALA A 119 -13.58 22.79 -45.96
CA ALA A 119 -14.71 23.12 -45.08
C ALA A 119 -16.02 22.68 -45.73
N VAL A 120 -16.86 22.00 -44.94
CA VAL A 120 -18.18 21.52 -45.39
C VAL A 120 -19.29 22.11 -44.55
N ALA A 121 -20.48 22.22 -45.13
CA ALA A 121 -21.65 22.69 -44.38
C ALA A 121 -21.70 22.00 -43.02
N GLY A 122 -21.92 22.78 -41.98
CA GLY A 122 -21.98 22.25 -40.59
C GLY A 122 -20.76 22.59 -39.75
N ASP A 123 -19.61 22.77 -40.40
CA ASP A 123 -18.39 23.02 -39.68
C ASP A 123 -18.55 24.29 -38.90
N ARG A 124 -17.92 24.32 -37.72
CA ARG A 124 -17.92 25.51 -36.87
C ARG A 124 -16.62 26.33 -37.05
N VAL A 125 -16.78 27.65 -37.03
CA VAL A 125 -15.64 28.56 -37.12
C VAL A 125 -15.64 29.42 -35.89
N LEU A 126 -14.58 29.29 -35.07
CA LEU A 126 -14.41 30.12 -33.90
C LEU A 126 -13.35 31.17 -34.14
N VAL A 127 -13.59 32.38 -33.67
CA VAL A 127 -12.68 33.48 -33.91
C VAL A 127 -12.04 33.88 -32.60
N ASP A 128 -10.74 34.19 -32.65
CA ASP A 128 -10.01 34.80 -31.54
C ASP A 128 -10.30 34.03 -30.27
N ASP A 129 -10.03 32.72 -30.36
CA ASP A 129 -10.13 31.80 -29.21
C ASP A 129 -11.60 31.67 -28.67
N GLY A 130 -12.58 31.95 -29.54
CA GLY A 130 -14.00 31.49 -29.31
C GLY A 130 -15.09 32.55 -29.15
N LYS A 131 -14.70 33.83 -29.13
CA LYS A 131 -15.63 34.94 -28.81
C LYS A 131 -16.80 34.98 -29.81
N VAL A 132 -16.41 34.85 -31.06
CA VAL A 132 -17.30 34.97 -32.16
C VAL A 132 -17.33 33.61 -32.81
N ALA A 133 -18.55 33.10 -33.06
CA ALA A 133 -18.70 31.74 -33.60
C ALA A 133 -19.63 31.74 -34.80
N LEU A 134 -19.23 31.01 -35.84
CA LEU A 134 -20.01 30.92 -37.02
C LEU A 134 -20.24 29.45 -37.32
N VAL A 135 -21.28 29.17 -38.10
CA VAL A 135 -21.52 27.84 -38.63
C VAL A 135 -21.51 27.96 -40.16
N VAL A 136 -20.86 27.00 -40.80
CA VAL A 136 -20.75 27.04 -42.25
C VAL A 136 -22.03 26.53 -42.86
N ASP A 137 -22.62 27.31 -43.76
CA ASP A 137 -23.91 26.95 -44.39
C ASP A 137 -23.64 26.31 -45.75
N ALA A 138 -22.66 26.85 -46.48
CA ALA A 138 -22.34 26.37 -47.83
C ALA A 138 -20.95 26.81 -48.29
N VAL A 139 -20.39 26.06 -49.24
CA VAL A 139 -19.21 26.49 -50.02
C VAL A 139 -19.59 26.79 -51.48
N GLU A 140 -19.51 28.06 -51.89
CA GLU A 140 -19.80 28.48 -53.28
C GLU A 140 -18.51 28.93 -54.00
N GLY A 141 -17.93 28.03 -54.80
CA GLY A 141 -16.60 28.28 -55.38
C GLY A 141 -15.57 28.57 -54.30
N ASP A 142 -15.12 29.83 -54.23
CA ASP A 142 -14.04 30.24 -53.33
C ASP A 142 -14.52 30.69 -51.95
N ASP A 143 -15.83 30.83 -51.78
CA ASP A 143 -16.37 31.41 -50.56
C ASP A 143 -16.98 30.36 -49.64
N VAL A 144 -16.72 30.51 -48.35
CA VAL A 144 -17.39 29.72 -47.36
C VAL A 144 -18.46 30.61 -46.72
N VAL A 145 -19.72 30.30 -47.01
CA VAL A 145 -20.88 31.10 -46.57
C VAL A 145 -21.26 30.68 -45.16
N CYS A 146 -21.30 31.62 -44.21
CA CYS A 146 -21.56 31.27 -42.83
C CYS A 146 -22.65 32.11 -42.18
N THR A 147 -23.11 31.63 -41.04
CA THR A 147 -24.05 32.36 -40.24
C THR A 147 -23.45 32.58 -38.85
N VAL A 148 -23.48 33.82 -38.39
CA VAL A 148 -22.98 34.14 -37.08
C VAL A 148 -23.94 33.55 -36.09
N VAL A 149 -23.45 32.65 -35.29
CA VAL A 149 -24.21 32.01 -34.24
C VAL A 149 -23.92 32.64 -32.87
N GLU A 150 -22.73 33.21 -32.70
CA GLU A 150 -22.41 34.00 -31.51
C GLU A 150 -21.65 35.26 -31.96
N GLY A 151 -22.12 36.42 -31.54
CA GLY A 151 -21.69 37.66 -32.15
C GLY A 151 -20.57 38.34 -31.40
N GLY A 152 -19.90 39.25 -32.09
CA GLY A 152 -18.78 40.01 -31.48
C GLY A 152 -17.96 40.78 -32.50
N PRO A 153 -16.99 41.58 -31.99
CA PRO A 153 -16.13 42.37 -32.89
C PRO A 153 -15.07 41.50 -33.54
N VAL A 154 -14.85 41.70 -34.83
CA VAL A 154 -13.73 41.09 -35.51
C VAL A 154 -12.85 42.18 -36.12
N SER A 155 -11.55 41.92 -36.16
CA SER A 155 -10.59 42.89 -36.66
C SER A 155 -9.58 42.21 -37.58
N ASP A 156 -8.78 43.04 -38.26
CA ASP A 156 -7.69 42.61 -39.11
C ASP A 156 -6.89 41.44 -38.53
N ASN A 157 -6.73 40.39 -39.34
CA ASN A 157 -5.78 39.29 -39.07
C ASN A 157 -6.04 38.57 -37.78
N LYS A 158 -7.29 38.61 -37.28
CA LYS A 158 -7.65 37.85 -36.10
C LYS A 158 -7.62 36.38 -36.46
N GLY A 159 -7.28 35.53 -35.49
CA GLY A 159 -7.09 34.11 -35.71
C GLY A 159 -8.43 33.41 -35.78
N ILE A 160 -8.52 32.34 -36.56
CA ILE A 160 -9.67 31.51 -36.52
C ILE A 160 -9.30 30.07 -36.36
N SER A 161 -10.25 29.31 -35.86
CA SER A 161 -10.07 27.91 -35.63
C SER A 161 -11.26 27.16 -36.26
N LEU A 162 -10.97 26.01 -36.88
CA LEU A 162 -11.98 25.09 -37.37
C LEU A 162 -11.93 23.73 -36.64
N PRO A 163 -12.60 23.64 -35.50
CA PRO A 163 -12.46 22.41 -34.71
C PRO A 163 -12.87 21.15 -35.45
N GLY A 164 -12.09 20.08 -35.30
CA GLY A 164 -12.40 18.80 -35.92
C GLY A 164 -12.00 18.72 -37.37
N MET A 165 -12.08 19.85 -38.08
CA MET A 165 -11.58 19.95 -39.45
C MET A 165 -10.08 19.67 -39.52
N ASN A 166 -9.67 18.87 -40.51
CA ASN A 166 -8.27 18.50 -40.62
C ASN A 166 -7.55 19.52 -41.48
N VAL A 167 -6.68 20.29 -40.83
CA VAL A 167 -5.85 21.29 -41.50
C VAL A 167 -4.60 20.66 -42.10
N THR A 168 -4.36 20.93 -43.38
CA THR A 168 -3.07 20.61 -44.02
C THR A 168 -2.20 21.86 -44.04
N ALA A 169 -1.01 21.77 -43.45
CA ALA A 169 -0.07 22.91 -43.44
C ALA A 169 1.28 22.52 -42.85
N PRO A 170 2.37 23.07 -43.42
CA PRO A 170 3.70 22.75 -42.89
C PRO A 170 3.83 23.21 -41.45
N ALA A 171 4.61 22.48 -40.67
CA ALA A 171 4.78 22.71 -39.21
C ALA A 171 5.41 24.07 -38.98
N LEU A 172 6.32 24.43 -39.89
CA LEU A 172 6.96 25.75 -39.91
C LEU A 172 6.62 26.47 -41.21
N SER A 173 6.05 27.66 -41.09
CA SER A 173 5.86 28.55 -42.24
C SER A 173 7.17 29.26 -42.56
N GLU A 174 7.21 29.93 -43.71
CA GLU A 174 8.39 30.71 -44.04
C GLU A 174 8.62 31.80 -42.98
N LYS A 175 7.55 32.41 -42.48
CA LYS A 175 7.70 33.40 -41.39
C LYS A 175 8.37 32.80 -40.16
N ASP A 176 7.91 31.62 -39.73
CA ASP A 176 8.49 30.97 -38.57
C ASP A 176 9.97 30.65 -38.77
N ILE A 177 10.37 30.35 -40.01
CA ILE A 177 11.74 30.01 -40.32
C ILE A 177 12.63 31.24 -40.16
N GLU A 178 12.20 32.37 -40.68
CA GLU A 178 12.86 33.62 -40.49
C GLU A 178 12.90 34.09 -39.04
N ASP A 179 11.80 33.91 -38.33
CA ASP A 179 11.76 34.26 -36.91
C ASP A 179 12.70 33.36 -36.09
N LEU A 180 12.75 32.08 -36.44
CA LEU A 180 13.60 31.12 -35.74
C LEU A 180 15.05 31.52 -35.97
N THR A 181 15.37 31.93 -37.20
CA THR A 181 16.69 32.37 -37.54
C THR A 181 17.03 33.62 -36.75
N PHE A 182 16.18 34.63 -36.82
CA PHE A 182 16.42 35.85 -36.06
C PHE A 182 16.64 35.55 -34.60
N ALA A 183 15.91 34.60 -34.08
CA ALA A 183 15.91 34.32 -32.65
C ALA A 183 17.17 33.57 -32.20
N LEU A 184 17.60 32.58 -33.00
CA LEU A 184 18.79 31.83 -32.73
C LEU A 184 20.03 32.71 -32.72
N ASN A 185 20.10 33.64 -33.68
CA ASN A 185 21.22 34.53 -33.86
C ASN A 185 21.29 35.54 -32.74
N LEU A 186 20.12 35.93 -32.23
CA LEU A 186 20.04 36.96 -31.23
C LEU A 186 20.41 36.40 -29.85
N GLY A 187 20.34 35.08 -29.69
CA GLY A 187 20.80 34.40 -28.46
C GLY A 187 19.75 33.69 -27.58
N VAL A 188 18.52 33.51 -28.05
CA VAL A 188 17.49 32.89 -27.18
C VAL A 188 17.89 31.49 -26.71
N ASP A 189 17.42 31.11 -25.54
CA ASP A 189 17.82 29.88 -24.88
C ASP A 189 16.94 28.70 -25.22
N MET A 190 15.69 28.96 -25.65
CA MET A 190 14.74 27.91 -25.93
C MET A 190 13.77 28.37 -27.01
N VAL A 191 13.17 27.41 -27.72
CA VAL A 191 12.23 27.74 -28.79
C VAL A 191 10.91 26.96 -28.62
N ALA A 192 9.78 27.66 -28.69
CA ALA A 192 8.48 26.98 -28.70
C ALA A 192 7.80 27.00 -30.07
N LEU A 193 7.28 25.83 -30.48
CA LEU A 193 6.57 25.72 -31.74
C LEU A 193 5.05 25.55 -31.48
N SER A 194 4.28 26.48 -32.02
CA SER A 194 2.84 26.43 -31.96
C SER A 194 2.29 25.37 -32.90
N PHE A 195 1.19 24.74 -32.46
CA PHE A 195 0.37 23.82 -33.24
C PHE A 195 1.06 22.54 -33.63
N VAL A 196 1.89 22.01 -32.76
CA VAL A 196 2.57 20.74 -33.08
C VAL A 196 1.53 19.65 -33.20
N ARG A 197 1.67 18.78 -34.20
CA ARG A 197 0.82 17.60 -34.31
C ARG A 197 1.56 16.26 -34.37
N SER A 198 2.86 16.29 -34.55
CA SER A 198 3.59 15.07 -34.83
C SER A 198 4.99 15.13 -34.20
N PRO A 199 5.55 13.96 -33.85
CA PRO A 199 6.89 13.96 -33.35
C PRO A 199 7.88 14.38 -34.42
N ALA A 200 7.52 14.21 -35.69
CA ALA A 200 8.43 14.51 -36.78
C ALA A 200 8.53 16.03 -36.98
N ASP A 201 7.64 16.79 -36.38
CA ASP A 201 7.71 18.25 -36.49
C ASP A 201 9.04 18.80 -35.97
N VAL A 202 9.59 18.16 -34.94
CA VAL A 202 10.81 18.65 -34.30
C VAL A 202 12.00 18.50 -35.26
N GLU A 203 11.90 17.56 -36.20
CA GLU A 203 12.96 17.34 -37.17
C GLU A 203 13.14 18.55 -38.07
N LEU A 204 12.03 19.14 -38.47
CA LEU A 204 12.08 20.31 -39.34
C LEU A 204 12.70 21.49 -38.58
N VAL A 205 12.39 21.60 -37.29
CA VAL A 205 12.95 22.67 -36.48
C VAL A 205 14.47 22.49 -36.37
N HIS A 206 14.90 21.23 -36.23
CA HIS A 206 16.33 20.90 -36.10
C HIS A 206 17.07 21.16 -37.43
N GLU A 207 16.39 20.84 -38.54
CA GLU A 207 16.93 21.09 -39.86
C GLU A 207 17.36 22.57 -40.00
N VAL A 208 16.55 23.48 -39.46
CA VAL A 208 16.87 24.89 -39.55
C VAL A 208 17.99 25.22 -38.60
N MET A 209 17.87 24.71 -37.38
CA MET A 209 18.91 24.91 -36.36
C MET A 209 20.29 24.53 -36.87
N ASP A 210 20.35 23.41 -37.59
CA ASP A 210 21.62 22.85 -38.05
C ASP A 210 22.23 23.63 -39.22
N ARG A 211 21.38 24.06 -40.14
CA ARG A 211 21.81 25.01 -41.17
C ARG A 211 22.49 26.24 -40.55
N ILE A 212 21.88 26.77 -39.51
CA ILE A 212 22.39 27.95 -38.82
C ILE A 212 23.51 27.61 -37.83
N GLY A 213 23.66 26.32 -37.51
CA GLY A 213 24.75 25.86 -36.69
C GLY A 213 24.53 26.16 -35.23
N ARG A 214 23.27 26.16 -34.80
CA ARG A 214 22.91 26.43 -33.40
C ARG A 214 21.57 25.77 -32.97
N ARG A 215 21.68 24.78 -32.08
CA ARG A 215 20.52 24.17 -31.42
C ARG A 215 20.25 24.73 -30.03
N VAL A 216 18.97 24.87 -29.75
CA VAL A 216 18.51 25.10 -28.39
C VAL A 216 17.32 24.14 -28.17
N PRO A 217 16.91 23.95 -26.91
CA PRO A 217 15.76 23.07 -26.62
C PRO A 217 14.48 23.56 -27.28
N VAL A 218 13.71 22.59 -27.78
CA VAL A 218 12.49 22.85 -28.51
C VAL A 218 11.32 22.40 -27.67
N ILE A 219 10.39 23.31 -27.41
CA ILE A 219 9.19 23.04 -26.65
C ILE A 219 8.06 22.78 -27.63
N ALA A 220 7.36 21.67 -27.47
CA ALA A 220 6.15 21.41 -28.24
C ALA A 220 4.98 22.02 -27.51
N LYS A 221 4.34 22.97 -28.14
CA LYS A 221 3.07 23.48 -27.63
C LYS A 221 1.94 22.52 -27.98
N LEU A 222 1.17 22.15 -26.96
CA LEU A 222 0.08 21.21 -27.12
C LEU A 222 -1.23 21.96 -27.22
N GLU A 223 -1.81 22.01 -28.42
CA GLU A 223 -3.05 22.75 -28.64
C GLU A 223 -3.76 22.24 -29.89
N LYS A 224 -3.64 20.93 -30.14
CA LYS A 224 -4.27 20.25 -31.28
C LYS A 224 -4.62 18.82 -30.88
N PRO A 225 -5.72 18.26 -31.43
CA PRO A 225 -6.03 16.86 -31.06
C PRO A 225 -4.92 15.87 -31.45
N GLU A 226 -4.32 16.09 -32.63
CA GLU A 226 -3.32 15.17 -33.12
C GLU A 226 -2.19 15.11 -32.11
N ALA A 227 -1.92 16.23 -31.43
CA ALA A 227 -0.84 16.31 -30.47
C ALA A 227 -1.10 15.48 -29.24
N ILE A 228 -2.34 15.48 -28.78
CA ILE A 228 -2.71 14.69 -27.60
C ILE A 228 -2.79 13.22 -28.00
N ASP A 229 -3.19 12.92 -29.21
CA ASP A 229 -3.24 11.54 -29.66
C ASP A 229 -1.83 10.94 -29.72
N ASN A 230 -0.83 11.80 -29.86
CA ASN A 230 0.58 11.39 -29.97
C ASN A 230 1.43 11.87 -28.80
N LEU A 231 0.79 12.07 -27.66
CA LEU A 231 1.42 12.75 -26.55
C LEU A 231 2.76 12.11 -26.16
N GLU A 232 2.79 10.78 -26.03
CA GLU A 232 4.01 10.15 -25.58
C GLU A 232 5.13 10.37 -26.60
N ALA A 233 4.84 10.22 -27.88
CA ALA A 233 5.89 10.27 -28.90
C ALA A 233 6.48 11.68 -28.97
N ILE A 234 5.60 12.68 -28.86
CA ILE A 234 5.98 14.09 -28.90
C ILE A 234 6.77 14.48 -27.68
N VAL A 235 6.32 14.06 -26.50
CA VAL A 235 7.10 14.28 -25.28
C VAL A 235 8.51 13.71 -25.39
N LEU A 236 8.66 12.60 -26.12
CA LEU A 236 9.96 11.93 -26.23
C LEU A 236 10.86 12.55 -27.32
N ALA A 237 10.26 13.09 -28.38
CA ALA A 237 11.02 13.68 -29.48
C ALA A 237 11.36 15.14 -29.20
N PHE A 238 10.50 15.83 -28.45
CA PHE A 238 10.75 17.21 -28.03
C PHE A 238 11.41 17.25 -26.69
N ASP A 239 11.88 18.43 -26.29
CA ASP A 239 12.68 18.55 -25.06
C ASP A 239 11.82 19.11 -23.91
N ALA A 240 10.70 19.68 -24.28
CA ALA A 240 9.71 20.09 -23.31
C ALA A 240 8.37 20.21 -23.98
N VAL A 241 7.32 20.38 -23.18
CA VAL A 241 5.97 20.62 -23.69
C VAL A 241 5.34 21.75 -22.90
N MET A 242 4.45 22.47 -23.59
CA MET A 242 3.61 23.51 -22.98
C MET A 242 2.14 23.13 -23.23
N VAL A 243 1.36 23.08 -22.15
CA VAL A 243 -0.08 22.85 -22.29
C VAL A 243 -0.66 24.21 -22.65
N ALA A 244 -0.94 24.39 -23.94
CA ALA A 244 -1.31 25.69 -24.49
C ALA A 244 -2.85 25.79 -24.53
N ARG A 245 -3.42 26.22 -23.41
CA ARG A 245 -4.81 25.93 -23.13
C ARG A 245 -5.78 26.77 -23.92
N GLY A 246 -5.33 27.96 -24.34
CA GLY A 246 -6.13 28.84 -25.16
C GLY A 246 -6.61 28.19 -26.43
N ASP A 247 -5.68 27.82 -27.32
CA ASP A 247 -6.10 27.19 -28.59
C ASP A 247 -6.59 25.76 -28.31
N LEU A 248 -6.08 25.11 -27.26
CA LEU A 248 -6.42 23.72 -26.97
C LEU A 248 -7.89 23.62 -26.64
N GLY A 249 -8.39 24.62 -25.92
CA GLY A 249 -9.79 24.70 -25.55
C GLY A 249 -10.73 25.22 -26.63
N VAL A 250 -10.26 25.46 -27.85
CA VAL A 250 -11.17 25.60 -28.97
C VAL A 250 -10.98 24.46 -29.96
N GLU A 251 -9.77 23.92 -30.04
CA GLU A 251 -9.48 22.82 -30.97
C GLU A 251 -10.00 21.51 -30.42
N LEU A 252 -10.13 21.47 -29.10
CA LEU A 252 -10.82 20.38 -28.37
C LEU A 252 -11.98 21.01 -27.62
N PRO A 253 -13.00 20.21 -27.29
CA PRO A 253 -14.02 20.80 -26.44
C PRO A 253 -13.36 21.27 -25.14
N LEU A 254 -13.71 22.47 -24.71
CA LEU A 254 -13.10 23.03 -23.54
C LEU A 254 -13.23 22.19 -22.28
N GLU A 255 -14.28 21.40 -22.21
CA GLU A 255 -14.50 20.52 -21.06
C GLU A 255 -13.48 19.36 -20.96
N GLU A 256 -12.73 19.11 -22.04
CA GLU A 256 -11.75 18.03 -22.03
C GLU A 256 -10.37 18.49 -21.53
N VAL A 257 -10.20 19.80 -21.42
CA VAL A 257 -8.88 20.38 -21.20
C VAL A 257 -8.28 20.05 -19.84
N PRO A 258 -9.10 20.07 -18.77
CA PRO A 258 -8.49 19.91 -17.44
C PRO A 258 -7.77 18.60 -17.25
N LEU A 259 -8.35 17.55 -17.79
CA LEU A 259 -7.75 16.26 -17.69
C LEU A 259 -6.65 16.05 -18.73
N VAL A 260 -6.71 16.75 -19.85
CA VAL A 260 -5.60 16.67 -20.79
C VAL A 260 -4.37 17.28 -20.14
N GLN A 261 -4.53 18.49 -19.59
CA GLN A 261 -3.52 19.13 -18.79
C GLN A 261 -2.84 18.15 -17.84
N LYS A 262 -3.62 17.47 -17.02
CA LYS A 262 -3.05 16.62 -15.98
C LYS A 262 -2.28 15.42 -16.57
N ARG A 263 -2.81 14.83 -17.63
CA ARG A 263 -2.13 13.72 -18.32
C ARG A 263 -0.83 14.19 -19.01
N ALA A 264 -0.79 15.44 -19.45
CA ALA A 264 0.34 15.93 -20.18
C ALA A 264 1.46 16.20 -19.20
N ILE A 265 1.12 16.79 -18.06
CA ILE A 265 2.10 17.00 -16.96
C ILE A 265 2.69 15.68 -16.45
N GLN A 266 1.86 14.68 -16.20
CA GLN A 266 2.34 13.38 -15.71
C GLN A 266 3.28 12.78 -16.72
N MET A 267 2.97 12.92 -17.99
CA MET A 267 3.74 12.28 -19.05
C MET A 267 5.11 12.98 -19.21
N ALA A 268 5.11 14.29 -19.09
CA ALA A 268 6.33 15.04 -19.04
C ALA A 268 7.19 14.55 -17.88
N ARG A 269 6.64 14.50 -16.68
CA ARG A 269 7.43 14.12 -15.53
C ARG A 269 7.92 12.66 -15.61
N GLU A 270 7.15 11.77 -16.24
CA GLU A 270 7.57 10.37 -16.36
C GLU A 270 8.83 10.26 -17.20
N ASN A 271 9.00 11.20 -18.13
CA ASN A 271 10.09 11.16 -19.07
C ASN A 271 11.11 12.27 -18.84
N ALA A 272 10.98 12.93 -17.68
CA ALA A 272 11.94 13.93 -17.23
C ALA A 272 12.05 15.09 -18.22
N LYS A 273 10.90 15.54 -18.71
CA LYS A 273 10.85 16.71 -19.57
C LYS A 273 10.10 17.79 -18.86
N PRO A 274 10.57 19.03 -19.00
CA PRO A 274 9.85 20.17 -18.47
C PRO A 274 8.43 20.32 -19.06
N VAL A 275 7.50 20.77 -18.22
CA VAL A 275 6.16 21.13 -18.68
C VAL A 275 5.71 22.49 -18.13
N ILE A 276 5.22 23.32 -19.03
CA ILE A 276 4.64 24.61 -18.70
C ILE A 276 3.12 24.54 -18.91
N VAL A 277 2.36 25.09 -17.96
CA VAL A 277 0.95 25.22 -18.11
C VAL A 277 0.69 26.67 -18.46
N ALA A 278 -0.02 26.92 -19.56
CA ALA A 278 -0.16 28.28 -20.06
C ALA A 278 -1.61 28.69 -20.21
N THR A 279 -1.86 29.99 -20.01
CA THR A 279 -2.98 30.71 -20.58
C THR A 279 -4.21 30.83 -19.69
N GLN A 280 -4.58 32.08 -19.42
CA GLN A 280 -5.69 32.51 -18.63
C GLN A 280 -5.67 32.11 -17.15
N MET A 281 -4.50 31.73 -16.65
CA MET A 281 -4.37 31.35 -15.25
C MET A 281 -4.80 32.50 -14.35
N LEU A 282 -4.48 33.74 -14.72
CA LEU A 282 -4.89 34.88 -13.95
C LEU A 282 -5.52 35.93 -14.89
N ASP A 283 -6.31 35.45 -15.87
CA ASP A 283 -6.85 36.33 -16.93
C ASP A 283 -7.42 37.69 -16.47
N SER A 284 -8.22 37.69 -15.40
CA SER A 284 -8.91 38.92 -14.98
C SER A 284 -7.95 40.01 -14.52
N MET A 285 -6.71 39.64 -14.20
CA MET A 285 -5.73 40.62 -13.73
C MET A 285 -5.22 41.51 -14.87
N ILE A 286 -5.63 41.18 -16.07
CA ILE A 286 -5.52 42.11 -17.17
C ILE A 286 -6.17 43.44 -16.85
N GLU A 287 -7.34 43.41 -16.17
CA GLU A 287 -8.09 44.65 -15.82
C GLU A 287 -8.11 44.96 -14.34
N ASN A 288 -7.83 43.96 -13.51
CA ASN A 288 -8.10 44.06 -12.06
C ASN A 288 -6.88 43.76 -11.24
N SER A 289 -6.80 44.33 -10.04
CA SER A 289 -5.58 44.21 -9.22
C SER A 289 -5.50 42.89 -8.44
N ARG A 290 -6.58 42.13 -8.47
CA ARG A 290 -6.67 40.85 -7.74
C ARG A 290 -7.45 39.90 -8.63
N PRO A 291 -7.04 38.63 -8.65
CA PRO A 291 -7.66 37.64 -9.50
C PRO A 291 -9.03 37.09 -8.92
N THR A 292 -9.75 36.31 -9.74
CA THR A 292 -10.91 35.58 -9.28
C THR A 292 -10.51 34.35 -8.43
N ARG A 293 -11.51 33.72 -7.81
CA ARG A 293 -11.28 32.55 -6.99
C ARG A 293 -11.04 31.37 -7.90
N ALA A 294 -11.68 31.37 -9.08
CA ALA A 294 -11.34 30.33 -10.07
C ALA A 294 -9.85 30.42 -10.45
N GLU A 295 -9.37 31.62 -10.65
CA GLU A 295 -8.01 31.82 -11.10
C GLU A 295 -6.99 31.40 -10.03
N ALA A 296 -7.25 31.77 -8.79
CA ALA A 296 -6.39 31.37 -7.69
C ALA A 296 -6.34 29.83 -7.59
N SER A 297 -7.51 29.23 -7.72
CA SER A 297 -7.62 27.77 -7.74
C SER A 297 -6.82 27.14 -8.88
N ASP A 298 -6.95 27.73 -10.06
CA ASP A 298 -6.35 27.15 -11.25
C ASP A 298 -4.84 27.08 -11.10
N VAL A 299 -4.28 28.15 -10.53
CA VAL A 299 -2.83 28.23 -10.25
C VAL A 299 -2.37 27.19 -9.24
N ALA A 300 -3.03 27.13 -8.09
CA ALA A 300 -2.69 26.17 -7.05
C ALA A 300 -2.78 24.72 -7.56
N ASN A 301 -3.75 24.45 -8.41
CA ASN A 301 -3.99 23.10 -8.87
C ASN A 301 -2.97 22.72 -9.95
N ALA A 302 -2.50 23.70 -10.68
CA ALA A 302 -1.38 23.51 -11.62
C ALA A 302 -0.10 23.10 -10.87
N VAL A 303 0.11 23.70 -9.70
CA VAL A 303 1.23 23.31 -8.85
C VAL A 303 1.06 21.85 -8.36
N LEU A 304 -0.15 21.51 -7.88
CA LEU A 304 -0.41 20.19 -7.30
C LEU A 304 -0.34 19.11 -8.34
N ASP A 305 -0.72 19.47 -9.57
CA ASP A 305 -0.63 18.56 -10.73
C ASP A 305 0.81 18.13 -10.98
N GLY A 306 1.76 19.02 -10.66
CA GLY A 306 3.19 18.72 -10.84
C GLY A 306 3.86 19.55 -11.94
N ALA A 307 3.30 20.73 -12.26
CA ALA A 307 3.85 21.55 -13.31
C ALA A 307 5.17 22.15 -12.88
N ASP A 308 6.14 22.09 -13.78
CA ASP A 308 7.45 22.72 -13.58
C ASP A 308 7.25 24.23 -13.58
N ALA A 309 6.44 24.70 -14.52
CA ALA A 309 6.30 26.12 -14.69
C ALA A 309 4.87 26.50 -15.03
N LEU A 310 4.51 27.72 -14.66
CA LEU A 310 3.22 28.30 -15.02
C LEU A 310 3.46 29.57 -15.76
N MET A 311 2.57 29.92 -16.69
CA MET A 311 2.84 31.02 -17.57
C MET A 311 1.76 32.09 -17.46
N LEU A 312 2.17 33.32 -17.71
CA LEU A 312 1.30 34.48 -17.82
C LEU A 312 1.40 34.98 -19.24
N SER A 313 0.26 35.26 -19.89
CA SER A 313 0.30 35.78 -21.24
C SER A 313 -0.06 37.26 -21.31
N GLY A 314 -1.33 37.58 -21.48
CA GLY A 314 -1.72 38.97 -21.56
C GLY A 314 -1.63 39.65 -20.21
N GLU A 315 -1.67 38.84 -19.16
CA GLU A 315 -1.47 39.34 -17.80
C GLU A 315 -0.23 40.21 -17.64
N THR A 316 0.84 39.87 -18.36
CA THR A 316 2.11 40.68 -18.33
C THR A 316 2.36 41.40 -19.66
N SER A 317 1.96 40.78 -20.78
CA SER A 317 2.23 41.35 -22.10
C SER A 317 1.41 42.63 -22.42
N VAL A 318 0.10 42.65 -22.16
CA VAL A 318 -0.69 43.85 -22.44
C VAL A 318 -1.49 44.41 -21.27
N GLY A 319 -1.48 43.75 -20.12
CA GLY A 319 -2.39 44.10 -19.02
C GLY A 319 -1.98 45.31 -18.21
N LYS A 320 -2.84 45.71 -17.27
CA LYS A 320 -2.56 46.87 -16.43
C LYS A 320 -1.88 46.55 -15.12
N TYR A 321 -1.75 45.26 -14.81
CA TYR A 321 -1.04 44.85 -13.59
C TYR A 321 -0.01 43.74 -13.81
N PRO A 322 0.99 44.01 -14.67
CA PRO A 322 2.02 43.02 -14.97
C PRO A 322 2.80 42.60 -13.72
N LEU A 323 3.18 43.56 -12.91
CA LEU A 323 3.94 43.25 -11.71
C LEU A 323 3.09 42.48 -10.73
N ALA A 324 1.94 43.04 -10.40
CA ALA A 324 1.07 42.39 -9.43
C ALA A 324 0.70 40.98 -9.88
N ALA A 325 0.57 40.76 -11.19
CA ALA A 325 0.32 39.42 -11.70
C ALA A 325 1.43 38.44 -11.35
N VAL A 326 2.68 38.86 -11.56
CA VAL A 326 3.79 38.01 -11.19
C VAL A 326 3.87 37.76 -9.68
N ARG A 327 3.74 38.81 -8.89
CA ARG A 327 3.79 38.64 -7.43
C ARG A 327 2.64 37.76 -6.96
N THR A 328 1.50 37.95 -7.59
CA THR A 328 0.30 37.19 -7.19
C THR A 328 0.44 35.71 -7.51
N MET A 329 0.92 35.42 -8.71
CA MET A 329 1.21 34.02 -9.08
C MET A 329 2.21 33.43 -8.12
N SER A 330 3.23 34.21 -7.75
CA SER A 330 4.25 33.74 -6.79
C SER A 330 3.72 33.52 -5.37
N ARG A 331 2.85 34.39 -4.89
CA ARG A 331 2.27 34.17 -3.58
C ARG A 331 1.48 32.88 -3.51
N ILE A 332 0.71 32.60 -4.56
CA ILE A 332 -0.14 31.41 -4.59
C ILE A 332 0.68 30.12 -4.65
N ILE A 333 1.71 30.12 -5.48
CA ILE A 333 2.57 28.96 -5.62
C ILE A 333 3.24 28.69 -4.29
N CYS A 334 3.65 29.76 -3.61
CA CYS A 334 4.39 29.62 -2.34
C CYS A 334 3.45 29.08 -1.25
N ALA A 335 2.21 29.56 -1.24
CA ALA A 335 1.26 29.11 -0.25
C ALA A 335 1.10 27.62 -0.39
N VAL A 336 1.02 27.12 -1.60
CA VAL A 336 0.80 25.68 -1.81
C VAL A 336 2.00 24.86 -1.37
N GLU A 337 3.20 25.32 -1.74
CA GLU A 337 4.43 24.59 -1.49
C GLU A 337 4.84 24.56 0.00
N GLU A 338 4.57 25.66 0.69
CA GLU A 338 4.75 25.71 2.15
C GLU A 338 3.97 24.53 2.81
N ASN A 339 2.77 24.28 2.34
CA ASN A 339 2.04 23.11 2.80
C ASN A 339 2.74 21.82 2.38
N SER A 340 3.02 21.68 1.09
CA SER A 340 3.67 20.46 0.60
C SER A 340 4.11 20.59 -0.84
N THR A 341 5.27 20.01 -1.14
CA THR A 341 5.84 20.03 -2.47
C THR A 341 5.49 18.76 -3.24
N ALA A 342 4.79 17.85 -2.57
CA ALA A 342 4.43 16.56 -3.17
C ALA A 342 3.86 16.68 -4.56
N ALA A 343 4.27 15.77 -5.43
CA ALA A 343 3.73 15.63 -6.78
C ALA A 343 3.23 14.21 -6.94
N PRO A 344 2.27 14.01 -7.86
CA PRO A 344 1.76 12.66 -8.09
C PRO A 344 2.89 11.66 -8.37
N PRO A 345 2.93 10.55 -7.62
CA PRO A 345 4.01 9.61 -7.87
C PRO A 345 4.14 9.15 -9.34
N LEU A 346 5.33 8.72 -9.70
CA LEU A 346 5.57 8.16 -11.01
C LEU A 346 4.99 6.76 -11.05
N THR A 347 4.53 6.35 -12.22
CA THR A 347 3.93 5.03 -12.37
C THR A 347 4.94 3.97 -12.82
N HIS A 348 6.23 4.30 -12.77
CA HIS A 348 7.27 3.31 -13.01
C HIS A 348 8.45 3.51 -12.07
N ILE A 349 9.15 2.41 -11.82
CA ILE A 349 10.43 2.43 -11.14
C ILE A 349 11.47 2.92 -12.16
N PRO A 350 12.36 3.83 -11.76
CA PRO A 350 13.41 4.30 -12.70
C PRO A 350 14.34 3.19 -13.17
N ARG A 351 14.67 3.23 -14.46
CA ARG A 351 15.62 2.27 -15.06
C ARG A 351 16.96 2.90 -15.54
N THR A 352 16.94 4.15 -16.00
CA THR A 352 18.17 4.76 -16.53
C THR A 352 19.06 5.09 -15.36
N LYS A 353 20.36 5.00 -15.59
CA LYS A 353 21.35 5.23 -14.56
C LYS A 353 21.10 6.55 -13.88
N ARG A 354 20.84 7.58 -14.68
CA ARG A 354 20.67 8.93 -14.16
C ARG A 354 19.39 9.07 -13.34
N GLY A 355 18.36 8.33 -13.77
CA GLY A 355 17.09 8.34 -13.06
C GLY A 355 17.21 7.64 -11.72
N VAL A 356 17.81 6.47 -11.72
CA VAL A 356 17.96 5.67 -10.52
C VAL A 356 18.84 6.38 -9.51
N ILE A 357 19.92 7.02 -10.00
CA ILE A 357 20.87 7.67 -9.12
C ILE A 357 20.32 8.96 -8.55
N SER A 358 19.63 9.74 -9.38
CA SER A 358 18.96 10.94 -8.86
C SER A 358 17.81 10.58 -7.87
N TYR A 359 17.15 9.47 -8.10
CA TYR A 359 16.06 9.09 -7.22
C TYR A 359 16.64 8.65 -5.87
N ALA A 360 17.72 7.88 -5.90
CA ALA A 360 18.43 7.51 -4.66
C ALA A 360 18.96 8.73 -3.92
N ALA A 361 19.41 9.73 -4.66
CA ALA A 361 20.07 10.88 -4.03
C ALA A 361 19.04 11.60 -3.19
N ARG A 362 17.85 11.73 -3.74
CA ARG A 362 16.72 12.30 -3.04
C ARG A 362 16.43 11.56 -1.75
N ASP A 363 16.32 10.25 -1.84
CA ASP A 363 16.09 9.42 -0.67
C ASP A 363 17.09 9.74 0.40
N ILE A 364 18.37 9.83 -0.01
CA ILE A 364 19.46 9.99 0.93
C ILE A 364 19.38 11.32 1.61
N GLY A 365 19.17 12.37 0.82
CA GLY A 365 19.24 13.73 1.34
C GLY A 365 18.14 13.94 2.35
N GLU A 366 16.94 13.49 2.01
CA GLU A 366 15.78 13.66 2.91
C GLU A 366 15.91 12.83 4.16
N ARG A 367 16.40 11.60 4.02
CA ARG A 367 16.50 10.71 5.16
C ARG A 367 17.61 11.16 6.12
N LEU A 368 18.61 11.89 5.61
CA LEU A 368 19.66 12.48 6.48
C LEU A 368 19.47 13.96 6.83
N ASP A 369 18.31 14.54 6.49
CA ASP A 369 18.04 15.95 6.79
C ASP A 369 19.14 16.81 6.21
N ALA A 370 19.57 16.45 5.01
CA ALA A 370 20.59 17.21 4.31
C ALA A 370 20.11 18.62 4.08
N LYS A 371 21.06 19.56 3.91
CA LYS A 371 20.77 20.99 3.69
C LYS A 371 20.52 21.30 2.24
N ALA A 372 21.04 20.46 1.36
CA ALA A 372 20.77 20.62 -0.07
C ALA A 372 21.09 19.38 -0.85
N LEU A 373 20.47 19.26 -2.01
CA LEU A 373 20.84 18.27 -2.99
C LEU A 373 21.47 19.01 -4.14
N VAL A 374 22.60 18.48 -4.62
CA VAL A 374 23.38 19.16 -5.59
C VAL A 374 23.59 18.14 -6.67
N ALA A 375 23.34 18.52 -7.92
CA ALA A 375 23.66 17.63 -9.03
C ALA A 375 24.43 18.35 -10.16
N PHE A 376 25.49 17.73 -10.63
CA PHE A 376 26.25 18.26 -11.74
C PHE A 376 25.64 17.79 -13.02
N THR A 377 25.50 18.69 -13.98
CA THR A 377 24.87 18.33 -15.23
C THR A 377 25.41 19.15 -16.41
N GLN A 378 25.63 18.44 -17.50
CA GLN A 378 26.20 19.00 -18.68
C GLN A 378 25.11 19.38 -19.69
N SER A 379 24.03 18.60 -19.70
CA SER A 379 22.90 18.79 -20.62
C SER A 379 21.64 19.07 -19.83
N GLY A 380 21.67 18.88 -18.52
CA GLY A 380 20.51 19.23 -17.63
C GLY A 380 19.73 18.02 -17.15
N ASP A 381 20.00 16.88 -17.77
CA ASP A 381 19.16 15.71 -17.67
C ASP A 381 19.16 15.16 -16.26
N THR A 382 20.34 15.09 -15.65
CA THR A 382 20.46 14.48 -14.35
C THR A 382 19.67 15.32 -13.34
N VAL A 383 19.66 16.62 -13.52
CA VAL A 383 18.90 17.49 -12.64
C VAL A 383 17.39 17.34 -12.87
N ARG A 384 17.00 17.14 -14.13
CA ARG A 384 15.60 17.04 -14.47
C ARG A 384 14.99 15.74 -13.94
N ARG A 385 15.81 14.70 -13.85
CA ARG A 385 15.33 13.46 -13.28
C ARG A 385 15.11 13.52 -11.79
N LEU A 386 15.77 14.47 -11.12
CA LEU A 386 15.53 14.70 -9.68
C LEU A 386 14.38 15.70 -9.49
N ALA A 387 14.35 16.73 -10.35
CA ALA A 387 13.40 17.81 -10.16
C ALA A 387 11.99 17.26 -10.25
N ARG A 388 11.79 16.33 -11.18
CA ARG A 388 10.47 15.80 -11.49
C ARG A 388 9.88 15.14 -10.24
N LEU A 389 10.74 14.70 -9.33
CA LEU A 389 10.29 13.99 -8.15
C LEU A 389 9.71 14.89 -7.10
N HIS A 390 10.08 16.15 -7.17
CA HIS A 390 9.80 17.10 -6.10
C HIS A 390 10.39 16.67 -4.77
N THR A 391 10.81 17.67 -3.99
CA THR A 391 11.43 17.47 -2.70
C THR A 391 11.39 18.83 -2.03
N PRO A 392 11.23 18.84 -0.70
CA PRO A 392 11.29 20.11 -0.01
C PRO A 392 12.72 20.70 0.10
N LEU A 393 13.76 19.92 -0.25
CA LEU A 393 15.13 20.37 -0.11
C LEU A 393 15.54 21.25 -1.29
N PRO A 394 16.46 22.18 -1.04
CA PRO A 394 17.03 22.89 -2.16
C PRO A 394 17.66 21.93 -3.17
N LEU A 395 17.38 22.19 -4.45
CA LEU A 395 17.98 21.45 -5.52
C LEU A 395 18.85 22.45 -6.28
N LEU A 396 20.17 22.25 -6.22
CA LEU A 396 21.13 23.16 -6.83
C LEU A 396 21.80 22.39 -7.95
N ALA A 397 21.58 22.84 -9.17
CA ALA A 397 22.24 22.26 -10.31
C ALA A 397 23.61 22.95 -10.47
N PHE A 398 24.64 22.18 -10.82
CA PHE A 398 25.97 22.76 -11.11
C PHE A 398 26.34 22.42 -12.53
N THR A 399 26.96 23.35 -13.24
CA THR A 399 27.28 23.11 -14.64
C THR A 399 28.42 24.00 -15.09
N ALA A 400 29.11 23.62 -16.16
CA ALA A 400 30.09 24.54 -16.76
C ALA A 400 29.62 25.16 -18.03
N TRP A 401 28.39 24.85 -18.41
CA TRP A 401 27.82 25.39 -19.63
C TRP A 401 26.72 26.39 -19.30
N PRO A 402 27.03 27.70 -19.44
CA PRO A 402 26.20 28.85 -19.04
C PRO A 402 24.73 28.74 -19.49
N GLU A 403 24.54 28.18 -20.66
CA GLU A 403 23.28 28.16 -21.30
C GLU A 403 22.38 27.17 -20.55
N VAL A 404 22.98 26.20 -19.85
CA VAL A 404 22.24 25.21 -19.11
C VAL A 404 21.53 25.83 -17.91
N ARG A 405 22.15 26.85 -17.32
CA ARG A 405 21.53 27.66 -16.26
C ARG A 405 20.24 28.33 -16.72
N SER A 406 20.24 28.79 -17.97
CA SER A 406 19.08 29.44 -18.55
C SER A 406 18.01 28.41 -18.92
N GLN A 407 18.46 27.30 -19.46
CA GLN A 407 17.59 26.20 -19.82
C GLN A 407 16.91 25.63 -18.58
N LEU A 408 17.63 25.56 -17.46
CA LEU A 408 17.05 25.03 -16.23
C LEU A 408 16.18 26.03 -15.47
N ALA A 409 16.13 27.25 -15.96
CA ALA A 409 15.22 28.24 -15.39
C ALA A 409 13.74 27.81 -15.46
N MET A 410 13.42 26.89 -16.37
CA MET A 410 12.05 26.35 -16.41
C MET A 410 11.86 24.97 -15.77
N THR A 411 12.89 24.45 -15.11
CA THR A 411 12.81 23.17 -14.42
C THR A 411 12.47 23.42 -12.95
N TRP A 412 11.49 22.67 -12.42
CA TRP A 412 11.04 22.79 -11.04
C TRP A 412 12.17 22.86 -9.99
N GLY A 413 12.01 23.81 -9.07
CA GLY A 413 12.70 23.79 -7.80
C GLY A 413 14.20 24.05 -7.87
N THR A 414 14.67 24.39 -9.05
CA THR A 414 16.10 24.28 -9.36
C THR A 414 16.81 25.64 -9.46
N GLU A 415 17.88 25.82 -8.67
CA GLU A 415 18.80 26.98 -8.81
C GLU A 415 20.12 26.48 -9.45
N THR A 416 20.69 27.25 -10.38
CA THR A 416 21.87 26.75 -11.07
C THR A 416 23.11 27.60 -10.78
N PHE A 417 24.25 26.92 -10.71
CA PHE A 417 25.54 27.57 -10.45
C PHE A 417 26.52 27.22 -11.55
N ILE A 418 27.06 28.26 -12.19
CA ILE A 418 28.06 28.05 -13.23
C ILE A 418 29.43 27.92 -12.56
N VAL A 419 30.22 26.94 -12.98
CA VAL A 419 31.57 26.78 -12.46
C VAL A 419 32.45 26.31 -13.60
N PRO A 420 33.77 26.38 -13.39
CA PRO A 420 34.69 25.94 -14.42
C PRO A 420 34.54 24.49 -14.76
N LYS A 421 34.91 24.12 -15.97
CA LYS A 421 34.95 22.72 -16.37
C LYS A 421 36.05 22.01 -15.60
N MET A 422 35.65 21.05 -14.77
CA MET A 422 36.60 20.38 -13.88
C MET A 422 36.94 19.03 -14.50
N GLN A 423 38.15 18.54 -14.21
CA GLN A 423 38.66 17.29 -14.77
C GLN A 423 38.67 16.18 -13.73
N SER A 424 38.15 16.44 -12.53
CA SER A 424 37.93 15.38 -11.55
C SER A 424 36.66 15.61 -10.74
N THR A 425 36.17 14.54 -10.11
CA THR A 425 35.01 14.65 -9.21
C THR A 425 35.37 15.34 -7.88
N ASP A 426 36.60 15.10 -7.38
CA ASP A 426 37.06 15.81 -6.18
C ASP A 426 36.95 17.30 -6.45
N GLY A 427 37.26 17.66 -7.68
CA GLY A 427 37.29 19.05 -8.08
C GLY A 427 35.90 19.61 -8.22
N MET A 428 35.02 18.85 -8.83
CA MET A 428 33.59 19.22 -8.84
C MET A 428 33.13 19.53 -7.40
N ILE A 429 33.46 18.66 -6.46
CA ILE A 429 33.08 18.89 -5.05
C ILE A 429 33.73 20.13 -4.37
N ARG A 430 35.00 20.39 -4.64
CA ARG A 430 35.59 21.63 -4.12
C ARG A 430 34.85 22.84 -4.65
N GLN A 431 34.47 22.79 -5.92
CA GLN A 431 33.66 23.85 -6.53
C GLN A 431 32.31 24.05 -5.83
N VAL A 432 31.68 22.95 -5.40
CA VAL A 432 30.45 23.06 -4.63
C VAL A 432 30.71 23.88 -3.37
N ASP A 433 31.72 23.48 -2.58
CA ASP A 433 32.05 24.20 -1.34
C ASP A 433 32.24 25.71 -1.58
N LYS A 434 32.98 26.04 -2.63
CA LYS A 434 33.33 27.42 -2.90
C LYS A 434 32.07 28.22 -3.26
N SER A 435 31.31 27.71 -4.23
CA SER A 435 30.10 28.41 -4.65
C SER A 435 29.15 28.59 -3.46
N LEU A 436 29.00 27.57 -2.63
CA LEU A 436 28.03 27.63 -1.53
C LEU A 436 28.49 28.50 -0.38
N LEU A 437 29.78 28.53 -0.13
CA LEU A 437 30.26 29.28 1.01
C LEU A 437 30.16 30.78 0.83
N GLU A 438 30.03 31.23 -0.42
CA GLU A 438 29.91 32.67 -0.70
C GLU A 438 28.51 33.15 -0.30
N LEU A 439 27.61 32.21 -0.06
CA LEU A 439 26.25 32.51 0.36
C LEU A 439 26.11 32.66 1.86
N ALA A 440 25.43 33.71 2.28
CA ALA A 440 25.05 33.87 3.68
C ALA A 440 24.42 32.56 4.19
N ARG A 441 23.69 31.88 3.32
CA ARG A 441 22.86 30.71 3.66
C ARG A 441 23.65 29.46 4.09
N TYR A 442 24.81 29.22 3.48
CA TYR A 442 25.60 28.03 3.84
C TYR A 442 26.87 28.33 4.62
N LYS A 443 27.26 27.36 5.45
CA LYS A 443 28.45 27.45 6.26
C LYS A 443 29.14 26.09 6.41
N ARG A 444 30.39 26.11 6.84
CA ARG A 444 31.15 24.89 7.10
C ARG A 444 30.32 23.99 8.00
N GLY A 445 30.43 22.68 7.78
CA GLY A 445 29.67 21.71 8.57
C GLY A 445 28.34 21.32 7.99
N ASP A 446 27.79 22.17 7.09
CA ASP A 446 26.49 21.88 6.48
C ASP A 446 26.55 20.65 5.59
N LEU A 447 25.62 19.74 5.79
CA LEU A 447 25.60 18.46 5.12
C LEU A 447 24.90 18.65 3.78
N VAL A 448 25.50 18.15 2.72
CA VAL A 448 24.89 18.15 1.42
C VAL A 448 25.17 16.81 0.74
N VAL A 449 24.37 16.51 -0.29
CA VAL A 449 24.48 15.28 -1.05
C VAL A 449 24.75 15.69 -2.45
N ILE A 450 25.86 15.21 -2.99
CA ILE A 450 26.29 15.63 -4.30
C ILE A 450 26.21 14.49 -5.28
N VAL A 451 25.59 14.74 -6.44
CA VAL A 451 25.58 13.81 -7.57
C VAL A 451 26.55 14.33 -8.63
N ALA A 452 27.44 13.45 -9.08
CA ALA A 452 28.40 13.80 -10.11
C ALA A 452 28.72 12.56 -10.91
N GLY A 453 29.64 12.70 -11.86
CA GLY A 453 30.02 11.56 -12.67
C GLY A 453 31.41 11.67 -13.32
N ALA A 454 32.02 10.52 -13.52
CA ALA A 454 33.20 10.42 -14.37
C ALA A 454 32.91 9.34 -15.40
N PRO A 455 33.47 9.46 -16.60
CA PRO A 455 34.42 10.49 -16.92
C PRO A 455 33.82 11.89 -16.94
N PRO A 456 34.58 12.87 -16.42
CA PRO A 456 34.16 14.27 -16.35
C PRO A 456 33.92 14.90 -17.71
N GLY A 457 33.06 15.91 -17.75
CA GLY A 457 32.69 16.52 -19.01
C GLY A 457 32.12 15.57 -20.04
N THR A 458 31.43 14.52 -19.59
CA THR A 458 30.76 13.61 -20.51
C THR A 458 29.24 13.49 -20.15
N VAL A 459 28.38 13.84 -21.09
CA VAL A 459 26.95 13.74 -20.85
C VAL A 459 26.60 12.31 -20.52
N GLY A 460 25.86 12.12 -19.43
CA GLY A 460 25.33 10.81 -19.02
C GLY A 460 26.30 9.98 -18.18
N SER A 461 27.41 10.58 -17.73
CA SER A 461 28.44 9.77 -17.06
C SER A 461 28.12 9.68 -15.58
N THR A 462 27.17 10.51 -15.17
CA THR A 462 26.66 10.47 -13.80
C THR A 462 26.75 9.08 -13.16
N ASN A 463 27.53 8.97 -12.08
CA ASN A 463 27.75 7.66 -11.45
C ASN A 463 28.16 7.66 -10.01
N LEU A 464 27.97 8.77 -9.29
CA LEU A 464 28.37 8.79 -7.92
C LEU A 464 27.52 9.71 -7.09
N ILE A 465 27.33 9.30 -5.84
CA ILE A 465 26.70 10.14 -4.87
C ILE A 465 27.65 10.24 -3.71
N HIS A 466 27.84 11.47 -3.22
CA HIS A 466 28.76 11.66 -2.12
C HIS A 466 28.10 12.47 -1.08
N VAL A 467 28.07 11.99 0.15
CA VAL A 467 27.55 12.82 1.24
C VAL A 467 28.70 13.68 1.79
N HIS A 468 28.56 15.00 1.76
CA HIS A 468 29.64 15.86 2.08
C HIS A 468 29.26 16.95 3.08
N ARG A 469 30.16 17.20 4.02
CA ARG A 469 30.02 18.31 4.93
C ARG A 469 30.87 19.44 4.39
N ILE A 470 30.27 20.61 4.25
CA ILE A 470 30.95 21.70 3.59
C ILE A 470 32.23 22.10 4.34
N GLY A 471 33.34 22.05 3.62
CA GLY A 471 34.64 22.50 4.17
C GLY A 471 35.43 21.40 4.87
N GLU A 472 34.79 20.25 5.09
CA GLU A 472 35.41 19.21 5.89
C GLU A 472 36.11 18.22 5.00
N ASP A 473 36.99 17.44 5.62
CA ASP A 473 37.97 16.64 4.91
C ASP A 473 37.48 15.21 4.71
N ASP A 474 36.44 15.03 3.89
CA ASP A 474 35.77 13.71 3.81
C ASP A 474 35.63 13.19 2.38
N VAL A 475 36.48 13.69 1.49
CA VAL A 475 36.41 13.29 0.09
C VAL A 475 37.61 12.46 -0.32
N THR B 5 -24.51 10.20 -17.57
CA THR B 5 -25.20 11.36 -16.96
C THR B 5 -24.73 11.71 -15.53
N ARG B 6 -25.01 12.94 -15.14
CA ARG B 6 -24.23 13.62 -14.13
C ARG B 6 -24.54 13.23 -12.72
N ARG B 7 -23.51 13.16 -11.91
CA ARG B 7 -23.59 12.81 -10.50
C ARG B 7 -23.51 14.05 -9.63
N GLY B 8 -22.44 14.83 -9.81
CA GLY B 8 -22.29 16.07 -9.04
C GLY B 8 -23.46 17.03 -9.21
N LYS B 9 -23.86 17.68 -8.12
CA LYS B 9 -25.01 18.51 -8.16
C LYS B 9 -24.66 20.00 -8.37
N ILE B 10 -25.60 20.73 -9.01
CA ILE B 10 -25.43 22.13 -9.38
C ILE B 10 -26.40 23.03 -8.67
N VAL B 11 -25.88 23.99 -7.90
CA VAL B 11 -26.71 25.01 -7.23
C VAL B 11 -26.72 26.33 -8.01
N CYS B 12 -27.90 26.89 -8.28
CA CYS B 12 -28.00 28.14 -9.03
C CYS B 12 -28.64 29.21 -8.20
N THR B 13 -28.16 30.43 -8.33
CA THR B 13 -28.73 31.53 -7.57
C THR B 13 -29.70 32.28 -8.46
N LEU B 14 -30.85 32.63 -7.90
CA LEU B 14 -31.89 33.31 -8.63
C LEU B 14 -31.74 34.76 -8.39
N GLY B 15 -32.10 35.55 -9.40
CA GLY B 15 -32.11 37.00 -9.32
C GLY B 15 -32.69 37.53 -10.60
N PRO B 16 -32.52 38.85 -10.83
CA PRO B 16 -33.12 39.53 -11.98
C PRO B 16 -33.00 38.78 -13.32
N ALA B 17 -31.95 37.99 -13.50
CA ALA B 17 -31.72 37.37 -14.80
C ALA B 17 -32.50 36.08 -14.94
N THR B 18 -33.04 35.59 -13.83
CA THR B 18 -33.93 34.43 -13.85
C THR B 18 -35.42 34.80 -13.62
N GLN B 19 -35.75 36.10 -13.62
CA GLN B 19 -37.15 36.53 -13.39
C GLN B 19 -37.92 36.51 -14.69
N ARG B 20 -37.20 36.65 -15.79
CA ARG B 20 -37.77 36.63 -17.13
C ARG B 20 -38.47 35.29 -17.37
N ASP B 21 -39.47 35.30 -18.24
CA ASP B 21 -40.42 34.21 -18.27
C ASP B 21 -39.86 32.82 -18.60
N ASP B 22 -40.23 31.85 -17.78
CA ASP B 22 -39.85 30.46 -17.99
C ASP B 22 -38.31 30.26 -18.02
N LEU B 23 -37.57 31.18 -17.40
CA LEU B 23 -36.15 30.93 -17.23
C LEU B 23 -35.86 29.94 -16.13
N VAL B 24 -36.53 30.10 -15.01
CA VAL B 24 -36.43 29.10 -13.94
C VAL B 24 -36.77 27.72 -14.48
N ARG B 25 -37.71 27.65 -15.39
CA ARG B 25 -38.09 26.39 -15.95
C ARG B 25 -36.92 25.83 -16.76
N ALA B 26 -36.35 26.67 -17.61
CA ALA B 26 -35.27 26.23 -18.48
C ALA B 26 -34.02 25.79 -17.69
N LEU B 27 -33.81 26.38 -16.52
CA LEU B 27 -32.71 26.01 -15.66
C LEU B 27 -32.91 24.63 -15.08
N VAL B 28 -34.14 24.35 -14.68
CA VAL B 28 -34.45 23.05 -14.12
C VAL B 28 -34.26 22.04 -15.24
N GLU B 29 -34.78 22.37 -16.43
CA GLU B 29 -34.63 21.46 -17.56
C GLU B 29 -33.16 21.28 -17.94
N ALA B 30 -32.32 22.30 -17.71
CA ALA B 30 -30.89 22.18 -18.02
C ALA B 30 -30.06 21.50 -16.91
N GLY B 31 -30.63 21.34 -15.72
CA GLY B 31 -29.93 20.57 -14.69
C GLY B 31 -29.90 21.16 -13.29
N MET B 32 -30.51 22.30 -13.04
CA MET B 32 -30.41 22.90 -11.71
C MET B 32 -30.95 21.99 -10.63
N ASP B 33 -30.17 21.72 -9.60
CA ASP B 33 -30.60 20.82 -8.52
C ASP B 33 -31.02 21.55 -7.27
N VAL B 34 -30.47 22.71 -7.01
CA VAL B 34 -30.89 23.53 -5.91
C VAL B 34 -30.97 24.96 -6.38
N ALA B 35 -32.02 25.65 -5.95
CA ALA B 35 -32.17 27.06 -6.23
C ALA B 35 -31.83 27.85 -4.98
N ARG B 36 -30.81 28.72 -5.10
CA ARG B 36 -30.42 29.59 -4.02
C ARG B 36 -31.17 30.92 -4.08
N MET B 37 -31.71 31.31 -2.95
CA MET B 37 -32.41 32.56 -2.79
C MET B 37 -31.54 33.42 -1.92
N ASN B 38 -31.04 34.52 -2.47
CA ASN B 38 -30.10 35.36 -1.73
C ASN B 38 -30.85 36.49 -1.08
N PHE B 39 -30.97 36.44 0.26
CA PHE B 39 -31.69 37.48 0.99
C PHE B 39 -30.94 38.80 1.17
N SER B 40 -29.70 38.87 0.68
CA SER B 40 -29.01 40.17 0.57
C SER B 40 -29.66 41.06 -0.50
N HIS B 41 -30.41 40.47 -1.42
CA HIS B 41 -31.09 41.25 -2.47
C HIS B 41 -32.57 40.86 -2.52
N GLY B 42 -33.40 41.75 -3.07
CA GLY B 42 -34.80 41.43 -3.41
C GLY B 42 -35.79 41.72 -2.30
N ASP B 43 -37.07 41.89 -2.66
CA ASP B 43 -38.12 41.92 -1.62
C ASP B 43 -38.87 40.58 -1.55
N TYR B 44 -39.64 40.40 -0.49
CA TYR B 44 -40.32 39.14 -0.21
C TYR B 44 -41.21 38.71 -1.36
N ASP B 45 -41.77 39.66 -2.09
CA ASP B 45 -42.60 39.33 -3.26
C ASP B 45 -41.80 38.70 -4.37
N ASP B 46 -40.56 39.18 -4.59
CA ASP B 46 -39.65 38.59 -5.58
C ASP B 46 -39.33 37.13 -5.20
N HIS B 47 -39.05 36.91 -3.92
CA HIS B 47 -38.66 35.60 -3.45
C HIS B 47 -39.84 34.63 -3.49
N LYS B 48 -41.03 35.14 -3.16
CA LYS B 48 -42.23 34.32 -3.29
C LYS B 48 -42.39 33.88 -4.74
N VAL B 49 -42.56 34.83 -5.63
CA VAL B 49 -42.74 34.50 -7.04
C VAL B 49 -41.72 33.48 -7.53
N ALA B 50 -40.47 33.62 -7.11
CA ALA B 50 -39.42 32.75 -7.62
C ALA B 50 -39.50 31.35 -7.01
N TYR B 51 -39.75 31.27 -5.71
CA TYR B 51 -40.01 29.98 -5.05
C TYR B 51 -41.08 29.18 -5.79
N GLU B 52 -42.16 29.88 -6.16
CA GLU B 52 -43.26 29.25 -6.88
C GLU B 52 -42.83 28.72 -8.24
N ARG B 53 -42.04 29.52 -8.96
CA ARG B 53 -41.58 29.11 -10.29
C ARG B 53 -40.74 27.83 -10.20
N VAL B 54 -40.08 27.65 -9.06
CA VAL B 54 -39.23 26.47 -8.84
C VAL B 54 -40.05 25.24 -8.54
N ARG B 55 -40.98 25.37 -7.60
CA ARG B 55 -41.94 24.30 -7.30
C ARG B 55 -42.69 23.85 -8.57
N VAL B 56 -43.19 24.79 -9.35
CA VAL B 56 -43.88 24.43 -10.58
C VAL B 56 -43.01 23.58 -11.50
N ALA B 57 -41.83 24.12 -11.81
CA ALA B 57 -40.89 23.49 -12.73
C ALA B 57 -40.38 22.14 -12.23
N SER B 58 -40.13 22.05 -10.93
CA SER B 58 -39.78 20.77 -10.31
C SER B 58 -40.88 19.76 -10.52
N ASP B 59 -42.11 20.13 -10.10
CA ASP B 59 -43.22 19.21 -10.20
C ASP B 59 -43.55 18.88 -11.66
N ALA B 60 -43.39 19.85 -12.56
CA ALA B 60 -43.76 19.60 -13.95
C ALA B 60 -42.75 18.74 -14.69
N THR B 61 -41.46 18.88 -14.36
CA THR B 61 -40.39 18.08 -15.01
C THR B 61 -40.15 16.71 -14.34
N GLY B 62 -40.51 16.61 -13.07
CA GLY B 62 -40.23 15.41 -12.31
C GLY B 62 -38.82 15.43 -11.73
N ARG B 63 -38.12 16.56 -11.85
CA ARG B 63 -36.77 16.67 -11.26
C ARG B 63 -36.87 17.27 -9.87
N ALA B 64 -36.10 16.71 -8.93
CA ALA B 64 -36.01 17.23 -7.59
C ALA B 64 -35.32 18.58 -7.67
N VAL B 65 -35.81 19.56 -6.92
CA VAL B 65 -35.13 20.84 -6.84
C VAL B 65 -35.28 21.42 -5.46
N GLY B 66 -34.20 21.33 -4.67
CA GLY B 66 -34.17 21.89 -3.31
C GLY B 66 -34.21 23.39 -3.40
N VAL B 67 -34.75 24.02 -2.37
CA VAL B 67 -34.78 25.48 -2.32
C VAL B 67 -33.98 25.91 -1.11
N LEU B 68 -32.92 26.71 -1.36
CA LEU B 68 -31.97 27.10 -0.32
C LEU B 68 -32.14 28.56 -0.02
N ALA B 69 -32.51 28.88 1.21
CA ALA B 69 -32.60 30.26 1.64
C ALA B 69 -31.26 30.69 2.24
N ASP B 70 -30.63 31.69 1.63
CA ASP B 70 -29.31 32.18 2.08
C ASP B 70 -29.43 33.50 2.83
N LEU B 71 -29.12 33.45 4.11
CA LEU B 71 -29.27 34.61 5.00
C LEU B 71 -27.99 35.45 5.03
N GLN B 72 -28.17 36.78 4.99
CA GLN B 72 -27.10 37.72 4.82
C GLN B 72 -26.08 37.65 5.96
N GLY B 73 -26.56 37.41 7.16
CA GLY B 73 -25.70 37.39 8.32
C GLY B 73 -25.20 38.77 8.65
N PRO B 74 -24.27 38.87 9.61
CA PRO B 74 -23.64 40.13 10.07
C PRO B 74 -22.62 40.69 9.05
N LYS B 75 -23.14 40.96 7.87
CA LYS B 75 -22.47 41.62 6.83
C LYS B 75 -22.34 43.10 7.19
N ILE B 76 -21.09 43.58 7.15
CA ILE B 76 -20.82 44.99 7.32
C ILE B 76 -20.92 45.72 5.99
N ARG B 77 -21.50 46.91 6.04
CA ARG B 77 -21.77 47.66 4.81
C ARG B 77 -21.48 49.15 4.98
N LEU B 78 -21.30 49.81 3.84
CA LEU B 78 -21.35 51.27 3.82
C LEU B 78 -22.83 51.69 3.78
N GLY B 79 -23.11 52.95 4.11
CA GLY B 79 -24.42 53.50 4.04
C GLY B 79 -24.65 54.06 2.66
N ARG B 80 -25.35 55.17 2.62
CA ARG B 80 -25.85 55.70 1.37
C ARG B 80 -25.12 56.98 1.06
N PHE B 81 -24.90 57.20 -0.23
CA PHE B 81 -24.31 58.45 -0.69
C PHE B 81 -25.39 59.34 -1.28
N ALA B 82 -25.25 60.64 -1.06
CA ALA B 82 -26.17 61.64 -1.61
C ALA B 82 -26.36 61.52 -3.11
N SER B 83 -25.37 61.04 -3.82
CA SER B 83 -25.46 60.87 -5.28
C SER B 83 -25.86 59.45 -5.66
N GLY B 84 -25.88 58.56 -4.67
CA GLY B 84 -26.07 57.13 -4.91
C GLY B 84 -24.75 56.40 -5.17
N ALA B 85 -23.78 57.12 -5.74
CA ALA B 85 -22.53 56.50 -6.16
C ALA B 85 -21.42 57.56 -6.25
N THR B 86 -20.18 57.14 -6.02
CA THR B 86 -19.05 58.02 -6.21
C THR B 86 -17.85 57.24 -6.74
N HIS B 87 -16.77 57.97 -7.01
CA HIS B 87 -15.52 57.35 -7.42
C HIS B 87 -14.45 57.66 -6.38
N TRP B 88 -13.88 56.59 -5.85
CA TRP B 88 -12.80 56.69 -4.87
C TRP B 88 -11.48 56.35 -5.56
N ALA B 89 -10.71 57.41 -5.89
CA ALA B 89 -9.49 57.26 -6.70
C ALA B 89 -8.24 57.13 -5.82
N GLU B 90 -7.32 56.30 -6.26
CA GLU B 90 -6.03 56.16 -5.59
C GLU B 90 -5.53 57.54 -5.15
N GLY B 91 -5.15 57.65 -3.88
CA GLY B 91 -4.61 58.90 -3.35
C GLY B 91 -5.56 59.69 -2.45
N GLU B 92 -6.87 59.46 -2.58
CA GLU B 92 -7.86 60.31 -1.92
C GLU B 92 -8.09 59.93 -0.49
N THR B 93 -8.48 60.91 0.31
CA THR B 93 -8.80 60.69 1.72
C THR B 93 -10.30 60.54 1.88
N VAL B 94 -10.72 59.44 2.52
CA VAL B 94 -12.12 59.15 2.77
C VAL B 94 -12.34 58.85 4.25
N ARG B 95 -13.46 59.33 4.79
CA ARG B 95 -13.87 59.00 6.17
C ARG B 95 -15.04 58.01 6.18
N ILE B 96 -14.94 56.98 6.99
CA ILE B 96 -16.06 56.04 7.19
C ILE B 96 -16.52 56.14 8.63
N THR B 97 -17.74 56.64 8.83
CA THR B 97 -18.17 57.01 10.17
C THR B 97 -19.25 56.11 10.69
N VAL B 98 -19.29 55.95 12.01
CA VAL B 98 -20.33 55.21 12.67
C VAL B 98 -21.49 56.14 13.03
N GLY B 99 -21.32 57.43 12.74
CA GLY B 99 -22.42 58.39 12.84
C GLY B 99 -23.30 58.30 11.60
N ALA B 100 -24.54 58.75 11.70
CA ALA B 100 -25.41 58.68 10.54
C ALA B 100 -25.19 59.91 9.67
N CYS B 101 -25.22 59.70 8.35
CA CYS B 101 -25.23 60.79 7.38
C CYS B 101 -25.73 60.32 6.02
N GLU B 102 -26.20 61.27 5.21
CA GLU B 102 -26.23 61.02 3.78
C GLU B 102 -24.81 61.31 3.32
N GLY B 103 -24.14 60.27 2.87
CA GLY B 103 -22.74 60.37 2.58
C GLY B 103 -22.44 61.28 1.42
N SER B 104 -21.17 61.53 1.26
CA SER B 104 -20.66 62.12 0.06
C SER B 104 -19.43 61.35 -0.31
N HIS B 105 -18.72 61.86 -1.30
CA HIS B 105 -17.42 61.35 -1.65
C HIS B 105 -16.52 61.19 -0.42
N ASP B 106 -16.52 62.20 0.45
CA ASP B 106 -15.54 62.33 1.54
C ASP B 106 -15.94 61.58 2.78
N ARG B 107 -17.24 61.39 2.97
CA ARG B 107 -17.73 60.87 4.24
C ARG B 107 -19.01 60.10 4.04
N VAL B 108 -18.99 58.84 4.46
CA VAL B 108 -20.11 57.95 4.30
C VAL B 108 -20.28 57.11 5.56
N SER B 109 -21.52 56.71 5.88
CA SER B 109 -21.77 55.87 7.07
C SER B 109 -21.32 54.43 6.89
N THR B 110 -21.30 53.69 8.00
CA THR B 110 -21.25 52.22 7.96
C THR B 110 -22.23 51.65 8.96
N THR B 111 -22.62 50.38 8.74
CA THR B 111 -23.60 49.70 9.60
C THR B 111 -22.94 49.12 10.83
N TYR B 112 -21.63 48.93 10.80
CA TYR B 112 -20.94 48.39 11.96
C TYR B 112 -20.58 49.53 12.87
N LYS B 113 -21.22 49.56 14.02
CA LYS B 113 -21.18 50.71 14.90
C LYS B 113 -19.95 50.68 15.82
N ARG B 114 -19.24 49.55 15.83
CA ARG B 114 -18.04 49.38 16.65
C ARG B 114 -16.77 49.68 15.83
N LEU B 115 -16.94 50.24 14.64
CA LEU B 115 -15.83 50.42 13.69
C LEU B 115 -14.75 51.36 14.22
N ALA B 116 -15.17 52.52 14.72
CA ALA B 116 -14.24 53.45 15.33
C ALA B 116 -13.58 52.84 16.57
N GLN B 117 -14.30 51.94 17.23
CA GLN B 117 -13.81 51.30 18.42
C GLN B 117 -12.91 50.08 18.13
N ASP B 118 -13.01 49.49 16.94
CA ASP B 118 -12.31 48.22 16.66
C ASP B 118 -11.21 48.35 15.60
N ALA B 119 -11.19 49.49 14.91
CA ALA B 119 -10.19 49.73 13.86
C ALA B 119 -8.99 50.52 14.44
N VAL B 120 -7.77 50.07 14.07
CA VAL B 120 -6.52 50.82 14.35
C VAL B 120 -5.83 51.26 13.06
N ALA B 121 -5.07 52.35 13.14
CA ALA B 121 -4.25 52.77 12.01
C ALA B 121 -3.51 51.57 11.43
N GLY B 122 -3.56 51.42 10.10
CA GLY B 122 -2.90 50.29 9.42
C GLY B 122 -3.84 49.21 8.93
N ASP B 123 -5.02 49.12 9.55
CA ASP B 123 -6.00 48.15 9.12
C ASP B 123 -6.35 48.44 7.70
N ARG B 124 -6.65 47.37 6.96
CA ARG B 124 -7.07 47.45 5.57
C ARG B 124 -8.60 47.35 5.46
N VAL B 125 -9.16 48.10 4.51
CA VAL B 125 -10.59 48.02 4.21
C VAL B 125 -10.73 47.66 2.75
N LEU B 126 -11.32 46.51 2.48
CA LEU B 126 -11.67 46.13 1.11
C LEU B 126 -13.18 46.34 0.90
N VAL B 127 -13.51 46.94 -0.23
CA VAL B 127 -14.86 47.32 -0.50
C VAL B 127 -15.35 46.53 -1.68
N ASP B 128 -16.60 46.09 -1.63
CA ASP B 128 -17.25 45.48 -2.80
C ASP B 128 -16.43 44.24 -3.07
N ASP B 129 -16.01 43.55 -2.00
CA ASP B 129 -15.20 42.35 -2.08
C ASP B 129 -13.82 42.55 -2.80
N GLY B 130 -13.32 43.79 -2.84
CA GLY B 130 -11.89 44.09 -3.17
C GLY B 130 -11.62 44.93 -4.41
N LYS B 131 -12.68 45.48 -5.02
CA LYS B 131 -12.54 46.40 -6.18
C LYS B 131 -12.25 47.83 -5.73
N VAL B 132 -11.99 47.99 -4.43
CA VAL B 132 -11.51 49.22 -3.88
C VAL B 132 -10.85 48.83 -2.58
N ALA B 133 -9.63 49.33 -2.36
CA ALA B 133 -8.88 49.01 -1.12
C ALA B 133 -8.39 50.29 -0.45
N LEU B 134 -8.59 50.38 0.86
CA LEU B 134 -8.21 51.53 1.61
C LEU B 134 -7.34 51.09 2.77
N VAL B 135 -6.53 52.01 3.29
CA VAL B 135 -5.80 51.77 4.52
C VAL B 135 -6.26 52.82 5.55
N VAL B 136 -6.48 52.37 6.78
CA VAL B 136 -6.89 53.26 7.85
C VAL B 136 -5.71 54.07 8.33
N ASP B 137 -5.87 55.39 8.34
CA ASP B 137 -4.80 56.30 8.76
C ASP B 137 -4.99 56.69 10.23
N ALA B 138 -6.25 56.92 10.62
CA ALA B 138 -6.54 57.45 11.97
C ALA B 138 -8.00 57.26 12.34
N VAL B 139 -8.27 57.24 13.66
CA VAL B 139 -9.63 57.33 14.20
C VAL B 139 -9.83 58.66 14.95
N GLU B 140 -10.71 59.53 14.44
CA GLU B 140 -11.09 60.79 15.14
C GLU B 140 -12.54 60.68 15.70
N GLY B 141 -12.69 60.33 16.98
CA GLY B 141 -14.01 60.06 17.54
C GLY B 141 -14.76 58.99 16.76
N ASP B 142 -15.77 59.41 15.99
CA ASP B 142 -16.67 58.49 15.28
C ASP B 142 -16.17 58.10 13.88
N ASP B 143 -15.14 58.79 13.40
CA ASP B 143 -14.72 58.64 12.01
C ASP B 143 -13.44 57.84 11.89
N VAL B 144 -13.42 56.95 10.91
CA VAL B 144 -12.21 56.24 10.57
C VAL B 144 -11.67 56.88 9.27
N VAL B 145 -10.56 57.61 9.41
CA VAL B 145 -9.91 58.32 8.29
C VAL B 145 -9.08 57.36 7.48
N CYS B 146 -9.32 57.27 6.17
CA CYS B 146 -8.59 56.31 5.32
C CYS B 146 -8.01 56.93 4.06
N THR B 147 -7.10 56.19 3.45
CA THR B 147 -6.54 56.57 2.18
C THR B 147 -6.80 55.48 1.17
N VAL B 148 -7.38 55.85 0.03
CA VAL B 148 -7.62 54.90 -1.03
C VAL B 148 -6.27 54.51 -1.58
N VAL B 149 -5.95 53.24 -1.49
CA VAL B 149 -4.72 52.74 -2.07
C VAL B 149 -4.98 52.02 -3.41
N GLU B 150 -6.17 51.50 -3.60
CA GLU B 150 -6.59 50.96 -4.90
C GLU B 150 -7.99 51.48 -5.23
N GLY B 151 -8.15 52.10 -6.38
CA GLY B 151 -9.29 52.95 -6.64
C GLY B 151 -10.38 52.26 -7.39
N GLY B 152 -11.58 52.85 -7.35
CA GLY B 152 -12.74 52.31 -8.06
C GLY B 152 -14.05 52.95 -7.64
N PRO B 153 -15.15 52.55 -8.33
CA PRO B 153 -16.48 53.09 -7.99
C PRO B 153 -17.03 52.44 -6.73
N VAL B 154 -17.63 53.25 -5.87
CA VAL B 154 -18.39 52.72 -4.76
C VAL B 154 -19.83 53.25 -4.86
N SER B 155 -20.78 52.44 -4.39
CA SER B 155 -22.17 52.84 -4.37
C SER B 155 -22.83 52.52 -3.03
N ASP B 156 -24.07 53.00 -2.89
CA ASP B 156 -24.90 52.74 -1.74
C ASP B 156 -24.79 51.30 -1.20
N ASN B 157 -24.54 51.19 0.11
CA ASN B 157 -24.68 49.92 0.85
C ASN B 157 -23.81 48.82 0.33
N LYS B 158 -22.69 49.18 -0.31
CA LYS B 158 -21.73 48.18 -0.75
C LYS B 158 -21.07 47.59 0.49
N GLY B 159 -20.69 46.31 0.41
CA GLY B 159 -20.15 45.58 1.54
C GLY B 159 -18.70 45.98 1.77
N ILE B 160 -18.24 45.88 3.01
CA ILE B 160 -16.86 46.03 3.28
C ILE B 160 -16.38 44.92 4.15
N SER B 161 -15.08 44.68 4.02
CA SER B 161 -14.43 43.63 4.71
C SER B 161 -13.17 44.21 5.37
N LEU B 162 -12.95 43.81 6.64
CA LEU B 162 -11.83 44.31 7.44
C LEU B 162 -10.94 43.15 7.88
N PRO B 163 -10.03 42.71 7.02
CA PRO B 163 -9.35 41.44 7.29
C PRO B 163 -8.61 41.40 8.61
N GLY B 164 -8.72 40.28 9.33
CA GLY B 164 -8.00 40.06 10.58
C GLY B 164 -8.54 40.81 11.77
N MET B 165 -9.38 41.83 11.54
CA MET B 165 -10.11 42.48 12.63
C MET B 165 -11.05 41.49 13.33
N ASN B 166 -11.09 41.52 14.66
CA ASN B 166 -11.98 40.64 15.39
C ASN B 166 -13.34 41.33 15.58
N VAL B 167 -14.32 40.86 14.81
CA VAL B 167 -15.63 41.49 14.72
C VAL B 167 -16.54 40.96 15.81
N THR B 168 -17.18 41.87 16.56
CA THR B 168 -18.25 41.47 17.49
C THR B 168 -19.60 41.71 16.85
N ALA B 169 -20.41 40.66 16.73
CA ALA B 169 -21.74 40.80 16.11
C ALA B 169 -22.56 39.53 16.24
N PRO B 170 -23.87 39.68 16.52
CA PRO B 170 -24.72 38.51 16.63
C PRO B 170 -24.74 37.75 15.32
N ALA B 171 -24.85 36.42 15.41
CA ALA B 171 -24.79 35.52 14.25
C ALA B 171 -25.96 35.76 13.33
N LEU B 172 -27.10 36.11 13.94
CA LEU B 172 -28.32 36.51 13.23
C LEU B 172 -28.70 37.94 13.60
N SER B 173 -28.87 38.79 12.60
CA SER B 173 -29.45 40.13 12.81
C SER B 173 -30.95 40.02 12.87
N GLU B 174 -31.60 41.11 13.26
CA GLU B 174 -33.05 41.10 13.28
C GLU B 174 -33.59 40.91 11.86
N LYS B 175 -32.94 41.49 10.86
CA LYS B 175 -33.32 41.23 9.47
C LYS B 175 -33.24 39.75 9.10
N ASP B 176 -32.16 39.09 9.47
CA ASP B 176 -32.02 37.66 9.17
C ASP B 176 -33.10 36.84 9.86
N ILE B 177 -33.56 37.28 11.02
CA ILE B 177 -34.57 36.56 11.76
C ILE B 177 -35.90 36.65 11.05
N GLU B 178 -36.26 37.83 10.57
CA GLU B 178 -37.44 37.99 9.78
C GLU B 178 -37.36 37.31 8.42
N ASP B 179 -36.20 37.33 7.79
CA ASP B 179 -36.01 36.59 6.55
C ASP B 179 -36.10 35.07 6.78
N LEU B 180 -35.55 34.60 7.89
CA LEU B 180 -35.58 33.18 8.22
C LEU B 180 -37.03 32.77 8.45
N THR B 181 -37.79 33.63 9.13
CA THR B 181 -39.19 33.39 9.38
C THR B 181 -39.94 33.35 8.07
N PHE B 182 -39.78 34.37 7.24
CA PHE B 182 -40.44 34.41 5.96
C PHE B 182 -40.13 33.15 5.17
N ALA B 183 -38.91 32.69 5.27
CA ALA B 183 -38.45 31.59 4.42
C ALA B 183 -38.96 30.22 4.90
N LEU B 184 -38.97 30.00 6.21
CA LEU B 184 -39.50 28.79 6.79
C LEU B 184 -40.98 28.61 6.47
N ASN B 185 -41.73 29.71 6.56
CA ASN B 185 -43.17 29.69 6.34
C ASN B 185 -43.49 29.49 4.86
N LEU B 186 -42.60 29.97 3.99
CA LEU B 186 -42.84 29.91 2.57
C LEU B 186 -42.56 28.50 2.04
N GLY B 187 -41.82 27.70 2.81
CA GLY B 187 -41.62 26.27 2.52
C GLY B 187 -40.21 25.82 2.12
N VAL B 188 -39.19 26.69 2.28
CA VAL B 188 -37.85 26.32 1.81
C VAL B 188 -37.32 25.07 2.49
N ASP B 189 -36.49 24.33 1.77
CA ASP B 189 -36.02 23.03 2.22
C ASP B 189 -34.72 23.10 3.03
N MET B 190 -33.93 24.16 2.82
CA MET B 190 -32.69 24.31 3.55
C MET B 190 -32.41 25.79 3.79
N VAL B 191 -31.57 26.06 4.80
CA VAL B 191 -31.19 27.42 5.15
C VAL B 191 -29.66 27.56 5.20
N ALA B 192 -29.12 28.59 4.55
CA ALA B 192 -27.68 28.92 4.71
C ALA B 192 -27.43 30.18 5.53
N LEU B 193 -26.50 30.08 6.45
CA LEU B 193 -26.13 31.24 7.28
C LEU B 193 -24.73 31.76 6.88
N SER B 194 -24.70 33.02 6.46
CA SER B 194 -23.49 33.71 6.14
C SER B 194 -22.68 34.05 7.39
N PHE B 195 -21.34 34.00 7.22
CA PHE B 195 -20.35 34.48 8.19
C PHE B 195 -20.30 33.71 9.48
N VAL B 196 -20.51 32.40 9.42
CA VAL B 196 -20.49 31.61 10.64
C VAL B 196 -19.10 31.64 11.20
N ARG B 197 -18.97 31.81 12.52
CA ARG B 197 -17.66 31.67 13.19
C ARG B 197 -17.60 30.58 14.26
N SER B 198 -18.74 30.01 14.64
CA SER B 198 -18.76 29.17 15.82
C SER B 198 -19.80 28.06 15.67
N PRO B 199 -19.57 26.91 16.33
CA PRO B 199 -20.57 25.88 16.31
C PRO B 199 -21.83 26.32 17.03
N ALA B 200 -21.70 27.28 17.96
CA ALA B 200 -22.85 27.72 18.74
C ALA B 200 -23.79 28.56 17.86
N ASP B 201 -23.32 29.01 16.72
CA ASP B 201 -24.18 29.81 15.83
C ASP B 201 -25.43 29.07 15.40
N VAL B 202 -25.32 27.76 15.25
CA VAL B 202 -26.43 26.95 14.73
C VAL B 202 -27.52 26.88 15.78
N GLU B 203 -27.15 27.05 17.05
CA GLU B 203 -28.13 27.02 18.14
C GLU B 203 -29.12 28.17 18.00
N LEU B 204 -28.62 29.34 17.62
CA LEU B 204 -29.50 30.49 17.45
C LEU B 204 -30.42 30.29 16.28
N VAL B 205 -29.95 29.64 15.22
CA VAL B 205 -30.79 29.39 14.06
C VAL B 205 -31.91 28.42 14.45
N HIS B 206 -31.56 27.42 15.28
CA HIS B 206 -32.52 26.41 15.74
C HIS B 206 -33.54 27.04 16.70
N GLU B 207 -33.06 27.96 17.53
CA GLU B 207 -33.93 28.68 18.44
C GLU B 207 -35.08 29.34 17.69
N VAL B 208 -34.79 29.91 16.54
CA VAL B 208 -35.84 30.55 15.74
C VAL B 208 -36.72 29.49 15.12
N MET B 209 -36.09 28.47 14.56
CA MET B 209 -36.83 27.36 13.94
C MET B 209 -37.86 26.77 14.87
N ASP B 210 -37.46 26.61 16.14
CA ASP B 210 -38.29 25.93 17.14
C ASP B 210 -39.45 26.82 17.62
N ARG B 211 -39.16 28.11 17.81
CA ARG B 211 -40.21 29.10 18.06
C ARG B 211 -41.30 29.02 16.99
N ILE B 212 -40.88 28.92 15.74
CA ILE B 212 -41.79 28.87 14.60
C ILE B 212 -42.35 27.48 14.36
N GLY B 213 -41.73 26.48 14.98
CA GLY B 213 -42.19 25.10 14.85
C GLY B 213 -41.95 24.56 13.45
N ARG B 214 -40.76 24.88 12.90
CA ARG B 214 -40.31 24.32 11.61
C ARG B 214 -38.78 24.29 11.49
N ARG B 215 -38.19 23.08 11.50
CA ARG B 215 -36.76 22.87 11.21
C ARG B 215 -36.47 22.42 9.79
N VAL B 216 -35.39 22.95 9.26
CA VAL B 216 -34.80 22.46 8.01
C VAL B 216 -33.28 22.37 8.23
N PRO B 217 -32.58 21.67 7.33
CA PRO B 217 -31.12 21.63 7.40
C PRO B 217 -30.47 22.99 7.29
N VAL B 218 -29.45 23.20 8.10
CA VAL B 218 -28.73 24.47 8.17
C VAL B 218 -27.34 24.28 7.60
N ILE B 219 -27.01 25.08 6.60
CA ILE B 219 -25.69 25.07 5.98
C ILE B 219 -24.87 26.18 6.60
N ALA B 220 -23.67 25.85 7.07
CA ALA B 220 -22.74 26.87 7.54
C ALA B 220 -21.92 27.32 6.37
N LYS B 221 -22.03 28.59 6.04
CA LYS B 221 -21.13 29.19 5.05
C LYS B 221 -19.77 29.49 5.68
N LEU B 222 -18.72 29.03 5.02
CA LEU B 222 -17.37 29.20 5.52
C LEU B 222 -16.70 30.35 4.79
N GLU B 223 -16.56 31.49 5.46
CA GLU B 223 -15.97 32.69 4.82
C GLU B 223 -15.39 33.62 5.87
N LYS B 224 -14.81 33.02 6.90
CA LYS B 224 -14.18 33.75 8.02
C LYS B 224 -13.05 32.88 8.56
N PRO B 225 -11.95 33.49 9.04
CA PRO B 225 -10.91 32.64 9.62
C PRO B 225 -11.39 31.86 10.84
N GLU B 226 -12.24 32.48 11.66
CA GLU B 226 -12.73 31.84 12.86
C GLU B 226 -13.42 30.53 12.49
N ALA B 227 -14.05 30.51 11.32
CA ALA B 227 -14.76 29.33 10.86
C ALA B 227 -13.82 28.19 10.50
N ILE B 228 -12.70 28.55 9.89
CA ILE B 228 -11.71 27.55 9.50
C ILE B 228 -10.96 27.07 10.75
N ASP B 229 -10.76 27.96 11.73
CA ASP B 229 -10.13 27.56 12.99
C ASP B 229 -10.94 26.44 13.65
N ASN B 230 -12.25 26.50 13.42
CA ASN B 230 -13.22 25.64 14.09
C ASN B 230 -13.93 24.70 13.13
N LEU B 231 -13.25 24.36 12.05
CA LEU B 231 -13.88 23.69 10.93
C LEU B 231 -14.57 22.40 11.37
N GLU B 232 -13.88 21.58 12.17
CA GLU B 232 -14.42 20.32 12.56
C GLU B 232 -15.70 20.50 13.39
N ALA B 233 -15.67 21.44 14.33
CA ALA B 233 -16.78 21.58 15.26
C ALA B 233 -18.03 22.08 14.52
N ILE B 234 -17.81 22.98 13.57
CA ILE B 234 -18.88 23.55 12.74
C ILE B 234 -19.46 22.52 11.78
N VAL B 235 -18.59 21.74 11.14
CA VAL B 235 -19.06 20.63 10.31
C VAL B 235 -19.96 19.67 11.10
N LEU B 236 -19.66 19.50 12.39
CA LEU B 236 -20.36 18.53 13.22
C LEU B 236 -21.65 19.09 13.80
N ALA B 237 -21.71 20.41 14.04
CA ALA B 237 -22.89 21.01 14.61
C ALA B 237 -23.91 21.39 13.54
N PHE B 238 -23.41 21.73 12.35
CA PHE B 238 -24.27 22.05 11.21
C PHE B 238 -24.53 20.83 10.37
N ASP B 239 -25.41 20.95 9.38
CA ASP B 239 -25.85 19.79 8.56
C ASP B 239 -25.14 19.79 7.22
N ALA B 240 -24.56 20.93 6.89
CA ALA B 240 -23.76 21.05 5.70
C ALA B 240 -22.88 22.25 5.83
N VAL B 241 -21.89 22.36 4.94
CA VAL B 241 -21.05 23.54 4.83
C VAL B 241 -20.93 23.95 3.38
N MET B 242 -20.75 25.26 3.17
CA MET B 242 -20.49 25.85 1.86
C MET B 242 -19.15 26.60 1.93
N VAL B 243 -18.22 26.26 1.03
CA VAL B 243 -16.97 27.01 0.91
C VAL B 243 -17.31 28.28 0.15
N ALA B 244 -17.44 29.38 0.90
CA ALA B 244 -17.94 30.62 0.37
C ALA B 244 -16.76 31.52 -0.03
N ARG B 245 -16.25 31.34 -1.25
CA ARG B 245 -14.91 31.73 -1.60
C ARG B 245 -14.74 33.21 -1.81
N GLY B 246 -15.82 33.88 -2.18
CA GLY B 246 -15.81 35.32 -2.35
C GLY B 246 -15.36 36.05 -1.10
N ASP B 247 -16.12 35.95 -0.02
CA ASP B 247 -15.72 36.64 1.22
C ASP B 247 -14.52 35.94 1.85
N LEU B 248 -14.37 34.64 1.62
CA LEU B 248 -13.29 33.89 2.24
C LEU B 248 -11.95 34.41 1.73
N GLY B 249 -11.93 34.77 0.46
CA GLY B 249 -10.76 35.31 -0.19
C GLY B 249 -10.48 36.78 0.05
N VAL B 250 -11.28 37.45 0.87
CA VAL B 250 -10.84 38.73 1.41
C VAL B 250 -10.62 38.66 2.92
N GLU B 251 -11.32 37.76 3.60
CA GLU B 251 -11.19 37.61 5.05
C GLU B 251 -9.91 36.82 5.37
N LEU B 252 -9.50 36.00 4.40
CA LEU B 252 -8.22 35.30 4.40
C LEU B 252 -7.43 35.76 3.19
N PRO B 253 -6.10 35.60 3.23
CA PRO B 253 -5.41 35.94 2.01
C PRO B 253 -5.91 35.03 0.89
N LEU B 254 -6.11 35.59 -0.29
CA LEU B 254 -6.68 34.83 -1.37
C LEU B 254 -5.89 33.57 -1.73
N GLU B 255 -4.58 33.61 -1.52
CA GLU B 255 -3.70 32.49 -1.84
C GLU B 255 -3.92 31.29 -0.88
N GLU B 256 -4.59 31.51 0.25
CA GLU B 256 -4.80 30.43 1.23
C GLU B 256 -6.11 29.67 0.94
N VAL B 257 -6.92 30.19 0.03
CA VAL B 257 -8.26 29.64 -0.20
C VAL B 257 -8.24 28.25 -0.82
N PRO B 258 -7.37 28.00 -1.80
CA PRO B 258 -7.47 26.71 -2.50
C PRO B 258 -7.28 25.51 -1.62
N LEU B 259 -6.39 25.62 -0.66
CA LEU B 259 -6.13 24.54 0.25
C LEU B 259 -7.19 24.48 1.36
N VAL B 260 -7.77 25.62 1.72
CA VAL B 260 -8.85 25.59 2.69
C VAL B 260 -10.02 24.84 2.06
N GLN B 261 -10.39 25.24 0.84
CA GLN B 261 -11.38 24.54 0.05
C GLN B 261 -11.22 23.02 0.15
N LYS B 262 -10.04 22.54 -0.18
CA LYS B 262 -9.84 21.09 -0.27
C LYS B 262 -9.96 20.40 1.10
N ARG B 263 -9.45 21.03 2.14
CA ARG B 263 -9.58 20.43 3.45
C ARG B 263 -11.01 20.55 4.02
N ALA B 264 -11.79 21.50 3.53
CA ALA B 264 -13.15 21.67 4.01
C ALA B 264 -14.00 20.60 3.40
N ILE B 265 -13.82 20.34 2.12
CA ILE B 265 -14.50 19.24 1.42
C ILE B 265 -14.17 17.86 2.04
N GLN B 266 -12.89 17.59 2.32
CA GLN B 266 -12.50 16.33 2.97
C GLN B 266 -13.20 16.17 4.30
N MET B 267 -13.29 17.25 5.05
CA MET B 267 -13.80 17.20 6.41
C MET B 267 -15.35 16.96 6.38
N ALA B 268 -16.01 17.59 5.43
CA ALA B 268 -17.40 17.33 5.19
C ALA B 268 -17.61 15.85 4.87
N ARG B 269 -16.85 15.33 3.91
CA ARG B 269 -17.05 13.94 3.52
C ARG B 269 -16.72 12.95 4.65
N GLU B 270 -15.77 13.28 5.51
CA GLU B 270 -15.40 12.36 6.62
C GLU B 270 -16.58 12.21 7.58
N ASN B 271 -17.42 13.23 7.66
CA ASN B 271 -18.50 13.26 8.62
C ASN B 271 -19.88 13.16 7.92
N ALA B 272 -19.87 12.83 6.63
CA ALA B 272 -21.06 12.59 5.85
C ALA B 272 -21.99 13.79 5.83
N LYS B 273 -21.40 14.96 5.66
CA LYS B 273 -22.18 16.17 5.47
C LYS B 273 -21.94 16.67 4.10
N PRO B 274 -23.01 17.18 3.46
CA PRO B 274 -22.87 17.86 2.20
C PRO B 274 -21.90 19.06 2.23
N VAL B 275 -21.22 19.26 1.11
CA VAL B 275 -20.41 20.46 0.90
C VAL B 275 -20.66 21.06 -0.48
N ILE B 276 -20.90 22.35 -0.49
CA ILE B 276 -21.02 23.13 -1.72
C ILE B 276 -19.77 24.03 -1.88
N VAL B 277 -19.22 24.09 -3.09
CA VAL B 277 -18.16 25.00 -3.39
C VAL B 277 -18.79 26.15 -4.16
N ALA B 278 -18.59 27.38 -3.71
CA ALA B 278 -19.31 28.51 -4.28
C ALA B 278 -18.40 29.63 -4.74
N THR B 279 -18.86 30.33 -5.77
CA THR B 279 -18.46 31.66 -6.10
C THR B 279 -17.28 31.78 -7.08
N GLN B 280 -17.57 32.45 -8.20
CA GLN B 280 -16.67 32.74 -9.30
C GLN B 280 -16.15 31.53 -10.07
N MET B 281 -16.83 30.39 -9.94
CA MET B 281 -16.42 29.19 -10.65
C MET B 281 -16.43 29.44 -12.15
N LEU B 282 -17.43 30.17 -12.64
CA LEU B 282 -17.48 30.51 -14.04
C LEU B 282 -17.74 32.00 -14.18
N ASP B 283 -17.08 32.82 -13.34
CA ASP B 283 -17.33 34.28 -13.27
C ASP B 283 -17.49 34.99 -14.63
N SER B 284 -16.60 34.70 -15.58
CA SER B 284 -16.58 35.46 -16.83
C SER B 284 -17.82 35.21 -17.69
N MET B 285 -18.58 34.17 -17.37
CA MET B 285 -19.80 33.85 -18.15
C MET B 285 -20.92 34.82 -17.84
N ILE B 286 -20.70 35.67 -16.84
CA ILE B 286 -21.51 36.84 -16.68
C ILE B 286 -21.59 37.66 -17.95
N GLU B 287 -20.46 37.80 -18.66
CA GLU B 287 -20.37 38.65 -19.89
C GLU B 287 -20.20 37.82 -21.16
N ASN B 288 -19.71 36.59 -21.02
CA ASN B 288 -19.22 35.83 -22.16
C ASN B 288 -19.91 34.50 -22.27
N SER B 289 -20.00 34.00 -23.50
CA SER B 289 -20.74 32.78 -23.78
C SER B 289 -19.96 31.51 -23.45
N ARG B 290 -18.67 31.65 -23.17
CA ARG B 290 -17.78 30.53 -22.85
C ARG B 290 -16.84 31.03 -21.77
N PRO B 291 -16.50 30.17 -20.79
CA PRO B 291 -15.68 30.56 -19.68
C PRO B 291 -14.13 30.63 -20.01
N THR B 292 -13.33 31.12 -19.07
CA THR B 292 -11.87 30.99 -19.17
C THR B 292 -11.40 29.56 -18.87
N ARG B 293 -10.12 29.32 -19.13
CA ARG B 293 -9.53 28.02 -18.92
C ARG B 293 -9.29 27.84 -17.44
N ALA B 294 -9.04 28.94 -16.73
CA ALA B 294 -8.95 28.84 -15.27
C ALA B 294 -10.30 28.37 -14.70
N GLU B 295 -11.36 28.92 -15.22
CA GLU B 295 -12.70 28.61 -14.74
C GLU B 295 -13.07 27.14 -15.01
N ALA B 296 -12.78 26.66 -16.20
CA ALA B 296 -13.04 25.27 -16.53
C ALA B 296 -12.24 24.34 -15.61
N SER B 297 -10.99 24.71 -15.36
CA SER B 297 -10.14 23.99 -14.41
C SER B 297 -10.74 23.98 -12.99
N ASP B 298 -11.21 25.14 -12.56
CA ASP B 298 -11.66 25.29 -11.20
C ASP B 298 -12.86 24.35 -10.94
N VAL B 299 -13.74 24.27 -11.93
CA VAL B 299 -14.89 23.35 -11.88
C VAL B 299 -14.50 21.88 -11.83
N ALA B 300 -13.65 21.46 -12.76
CA ALA B 300 -13.17 20.08 -12.78
C ALA B 300 -12.50 19.69 -11.45
N ASN B 301 -11.75 20.61 -10.88
CA ASN B 301 -10.98 20.31 -9.72
C ASN B 301 -11.84 20.31 -8.47
N ALA B 302 -12.92 21.05 -8.50
CA ALA B 302 -13.95 20.98 -7.44
C ALA B 302 -14.59 19.60 -7.41
N VAL B 303 -14.81 19.03 -8.59
CA VAL B 303 -15.33 17.67 -8.67
C VAL B 303 -14.29 16.66 -8.11
N LEU B 304 -13.02 16.81 -8.51
CA LEU B 304 -11.97 15.87 -8.11
C LEU B 304 -11.67 15.98 -6.63
N ASP B 305 -11.87 17.16 -6.07
CA ASP B 305 -11.71 17.40 -4.63
C ASP B 305 -12.72 16.58 -3.84
N GLY B 306 -13.89 16.33 -4.45
CA GLY B 306 -14.96 15.53 -3.81
C GLY B 306 -16.22 16.34 -3.41
N ALA B 307 -16.47 17.44 -4.11
CA ALA B 307 -17.57 18.30 -3.73
C ALA B 307 -18.86 17.68 -4.14
N ASP B 308 -19.85 17.77 -3.24
CA ASP B 308 -21.22 17.29 -3.52
C ASP B 308 -21.83 18.19 -4.56
N ALA B 309 -21.64 19.49 -4.37
CA ALA B 309 -22.29 20.44 -5.21
C ALA B 309 -21.40 21.62 -5.54
N LEU B 310 -21.64 22.20 -6.71
CA LEU B 310 -20.93 23.40 -7.14
C LEU B 310 -21.96 24.47 -7.42
N MET B 311 -21.62 25.73 -7.20
CA MET B 311 -22.63 26.76 -7.22
C MET B 311 -22.29 27.84 -8.23
N LEU B 312 -23.34 28.46 -8.77
CA LEU B 312 -23.26 29.63 -9.65
C LEU B 312 -23.93 30.77 -8.92
N SER B 313 -23.28 31.94 -8.86
CA SER B 313 -23.90 33.09 -8.24
C SER B 313 -24.37 34.12 -9.26
N GLY B 314 -23.53 35.07 -9.62
CA GLY B 314 -23.93 36.10 -10.57
C GLY B 314 -24.06 35.52 -11.96
N GLU B 315 -23.39 34.42 -12.20
CA GLU B 315 -23.50 33.68 -13.45
C GLU B 315 -24.95 33.39 -13.85
N THR B 316 -25.81 33.12 -12.87
CA THR B 316 -27.26 32.90 -13.14
C THR B 316 -28.14 34.05 -12.61
N SER B 317 -27.73 34.65 -11.50
CA SER B 317 -28.55 35.69 -10.84
C SER B 317 -28.60 37.03 -11.63
N VAL B 318 -27.48 37.55 -12.12
CA VAL B 318 -27.51 38.80 -12.88
C VAL B 318 -26.89 38.75 -14.27
N GLY B 319 -26.32 37.63 -14.67
CA GLY B 319 -25.52 37.59 -15.91
C GLY B 319 -26.33 37.53 -17.21
N LYS B 320 -25.64 37.52 -18.34
CA LYS B 320 -26.27 37.47 -19.66
C LYS B 320 -26.50 36.04 -20.14
N TYR B 321 -25.84 35.07 -19.51
CA TYR B 321 -25.93 33.67 -19.97
C TYR B 321 -26.20 32.66 -18.85
N PRO B 322 -27.34 32.83 -18.16
CA PRO B 322 -27.71 31.91 -17.07
C PRO B 322 -27.82 30.47 -17.54
N LEU B 323 -28.48 30.25 -18.67
CA LEU B 323 -28.64 28.89 -19.20
C LEU B 323 -27.29 28.31 -19.56
N ALA B 324 -26.57 29.01 -20.44
CA ALA B 324 -25.31 28.49 -20.92
C ALA B 324 -24.36 28.21 -19.76
N ALA B 325 -24.41 29.03 -18.72
CA ALA B 325 -23.59 28.79 -17.53
C ALA B 325 -23.89 27.43 -16.90
N VAL B 326 -25.17 27.13 -16.71
CA VAL B 326 -25.55 25.85 -16.16
C VAL B 326 -25.14 24.69 -17.06
N ARG B 327 -25.42 24.79 -18.35
CA ARG B 327 -25.09 23.70 -19.26
C ARG B 327 -23.59 23.49 -19.29
N THR B 328 -22.87 24.60 -19.24
CA THR B 328 -21.42 24.55 -19.32
C THR B 328 -20.82 23.89 -18.08
N MET B 329 -21.29 24.29 -16.90
CA MET B 329 -20.84 23.66 -15.65
C MET B 329 -21.14 22.18 -15.70
N SER B 330 -22.33 21.82 -16.22
CA SER B 330 -22.71 20.40 -16.35
C SER B 330 -21.84 19.61 -17.33
N ARG B 331 -21.51 20.20 -18.48
CA ARG B 331 -20.62 19.53 -19.40
C ARG B 331 -19.26 19.21 -18.77
N ILE B 332 -18.71 20.17 -18.02
CA ILE B 332 -17.40 19.99 -17.39
C ILE B 332 -17.41 18.91 -16.30
N ILE B 333 -18.43 18.92 -15.47
CA ILE B 333 -18.57 17.94 -14.41
C ILE B 333 -18.64 16.55 -15.04
N CYS B 334 -19.37 16.45 -16.16
CA CYS B 334 -19.61 15.15 -16.79
C CYS B 334 -18.32 14.64 -17.46
N ALA B 335 -17.58 15.57 -18.06
CA ALA B 335 -16.32 15.20 -18.67
C ALA B 335 -15.44 14.56 -17.62
N VAL B 336 -15.42 15.12 -16.41
CA VAL B 336 -14.52 14.59 -15.38
C VAL B 336 -14.95 13.23 -14.86
N GLU B 337 -16.28 13.08 -14.66
CA GLU B 337 -16.84 11.88 -14.08
C GLU B 337 -16.77 10.68 -15.05
N GLU B 338 -16.92 10.96 -16.35
CA GLU B 338 -16.70 9.93 -17.36
C GLU B 338 -15.32 9.28 -17.20
N ASN B 339 -14.30 10.10 -16.95
CA ASN B 339 -12.98 9.57 -16.63
C ASN B 339 -13.03 8.75 -15.35
N SER B 340 -13.54 9.34 -14.27
CA SER B 340 -13.66 8.60 -13.00
C SER B 340 -14.39 9.41 -11.96
N THR B 341 -15.18 8.69 -11.14
CA THR B 341 -15.93 9.28 -10.06
C THR B 341 -15.13 9.24 -8.76
N ALA B 342 -13.93 8.66 -8.83
CA ALA B 342 -13.03 8.55 -7.68
C ALA B 342 -12.92 9.83 -6.90
N ALA B 343 -12.94 9.71 -5.57
CA ALA B 343 -12.78 10.85 -4.66
C ALA B 343 -11.69 10.50 -3.67
N PRO B 344 -11.03 11.50 -3.10
CA PRO B 344 -9.97 11.21 -2.15
C PRO B 344 -10.44 10.27 -1.04
N PRO B 345 -9.71 9.19 -0.81
CA PRO B 345 -10.18 8.26 0.23
C PRO B 345 -10.41 8.92 1.60
N LEU B 346 -11.26 8.31 2.41
CA LEU B 346 -11.46 8.78 3.76
C LEU B 346 -10.26 8.33 4.60
N THR B 347 -9.90 9.12 5.59
CA THR B 347 -8.72 8.84 6.40
C THR B 347 -9.07 8.09 7.69
N HIS B 348 -10.29 7.57 7.77
CA HIS B 348 -10.65 6.61 8.80
C HIS B 348 -11.55 5.54 8.21
N ILE B 349 -11.49 4.36 8.80
CA ILE B 349 -12.43 3.30 8.53
C ILE B 349 -13.74 3.63 9.25
N PRO B 350 -14.87 3.47 8.54
CA PRO B 350 -16.17 3.83 9.13
C PRO B 350 -16.50 3.04 10.39
N ARG B 351 -17.06 3.76 11.36
CA ARG B 351 -17.35 3.17 12.70
C ARG B 351 -18.87 3.06 13.01
N THR B 352 -19.66 4.01 12.51
CA THR B 352 -21.07 4.04 12.78
C THR B 352 -21.70 2.96 11.94
N LYS B 353 -22.78 2.40 12.47
CA LYS B 353 -23.47 1.29 11.83
C LYS B 353 -23.80 1.63 10.41
N ARG B 354 -24.32 2.83 10.21
CA ARG B 354 -24.78 3.27 8.90
C ARG B 354 -23.63 3.47 7.93
N GLY B 355 -22.50 3.91 8.47
CA GLY B 355 -21.30 4.10 7.66
C GLY B 355 -20.73 2.76 7.21
N VAL B 356 -20.59 1.85 8.16
CA VAL B 356 -20.03 0.54 7.88
C VAL B 356 -20.92 -0.23 6.90
N ILE B 357 -22.24 -0.13 7.08
CA ILE B 357 -23.18 -0.84 6.22
C ILE B 357 -23.26 -0.25 4.82
N SER B 358 -23.27 1.08 4.72
CA SER B 358 -23.24 1.71 3.40
C SER B 358 -21.89 1.47 2.67
N TYR B 359 -20.82 1.38 3.41
CA TYR B 359 -19.54 1.11 2.80
C TYR B 359 -19.50 -0.32 2.26
N ALA B 360 -20.02 -1.27 3.03
CA ALA B 360 -20.13 -2.66 2.57
C ALA B 360 -21.06 -2.78 1.38
N ALA B 361 -22.11 -1.98 1.34
CA ALA B 361 -23.11 -2.12 0.29
C ALA B 361 -22.47 -1.78 -1.03
N ARG B 362 -21.68 -0.71 -1.02
CA ARG B 362 -20.89 -0.35 -2.15
C ARG B 362 -19.95 -1.43 -2.60
N ASP B 363 -19.21 -2.02 -1.67
CA ASP B 363 -18.32 -3.14 -2.02
C ASP B 363 -19.10 -4.16 -2.81
N ILE B 364 -20.29 -4.51 -2.30
CA ILE B 364 -21.06 -5.61 -2.87
C ILE B 364 -21.55 -5.27 -4.26
N GLY B 365 -22.10 -4.08 -4.40
CA GLY B 365 -22.73 -3.67 -5.67
C GLY B 365 -21.68 -3.62 -6.76
N GLU B 366 -20.54 -3.02 -6.45
CA GLU B 366 -19.47 -2.88 -7.46
C GLU B 366 -18.86 -4.22 -7.82
N ARG B 367 -18.66 -5.07 -6.81
CA ARG B 367 -18.01 -6.35 -7.04
C ARG B 367 -18.93 -7.28 -7.86
N LEU B 368 -20.25 -7.11 -7.73
CA LEU B 368 -21.20 -7.90 -8.52
C LEU B 368 -21.78 -7.19 -9.75
N ASP B 369 -21.19 -6.05 -10.16
CA ASP B 369 -21.64 -5.34 -11.36
C ASP B 369 -23.12 -5.02 -11.25
N ALA B 370 -23.56 -4.68 -10.05
CA ALA B 370 -24.94 -4.34 -9.82
C ALA B 370 -25.33 -3.15 -10.67
N LYS B 371 -26.63 -3.01 -10.96
CA LYS B 371 -27.17 -1.89 -11.78
C LYS B 371 -27.40 -0.66 -10.95
N ALA B 372 -27.59 -0.85 -9.65
CA ALA B 372 -27.83 0.27 -8.77
C ALA B 372 -27.62 -0.07 -7.33
N LEU B 373 -27.33 0.96 -6.55
CA LEU B 373 -27.31 0.87 -5.11
C LEU B 373 -28.50 1.67 -4.62
N VAL B 374 -29.27 1.08 -3.72
CA VAL B 374 -30.55 1.62 -3.34
C VAL B 374 -30.52 1.64 -1.85
N ALA B 375 -30.85 2.78 -1.26
CA ALA B 375 -30.82 2.89 0.21
C ALA B 375 -32.05 3.63 0.75
N PHE B 376 -32.66 3.08 1.79
CA PHE B 376 -33.82 3.68 2.39
C PHE B 376 -33.37 4.62 3.46
N THR B 377 -33.97 5.80 3.50
CA THR B 377 -33.53 6.79 4.45
C THR B 377 -34.63 7.74 4.86
N GLN B 378 -34.65 8.02 6.15
CA GLN B 378 -35.68 8.82 6.74
C GLN B 378 -35.23 10.26 6.92
N SER B 379 -33.93 10.45 7.18
CA SER B 379 -33.32 11.77 7.38
C SER B 379 -32.26 12.02 6.32
N GLY B 380 -31.88 10.97 5.58
CA GLY B 380 -30.91 11.12 4.46
C GLY B 380 -29.55 10.55 4.78
N ASP B 381 -29.33 10.26 6.05
CA ASP B 381 -28.01 10.01 6.58
C ASP B 381 -27.40 8.78 5.96
N THR B 382 -28.19 7.71 5.86
CA THR B 382 -27.66 6.46 5.37
C THR B 382 -27.19 6.63 3.92
N VAL B 383 -27.90 7.43 3.16
CA VAL B 383 -27.55 7.66 1.78
C VAL B 383 -26.31 8.55 1.69
N ARG B 384 -26.19 9.51 2.60
CA ARG B 384 -25.05 10.44 2.60
C ARG B 384 -23.76 9.74 2.97
N ARG B 385 -23.86 8.69 3.77
CA ARG B 385 -22.67 7.93 4.11
C ARG B 385 -22.18 7.09 2.96
N LEU B 386 -23.06 6.79 2.00
CA LEU B 386 -22.65 6.12 0.77
C LEU B 386 -22.22 7.13 -0.30
N ALA B 387 -22.92 8.25 -0.37
CA ALA B 387 -22.67 9.24 -1.40
C ALA B 387 -21.27 9.75 -1.29
N ARG B 388 -20.83 9.97 -0.05
CA ARG B 388 -19.54 10.59 0.23
C ARG B 388 -18.43 9.73 -0.35
N LEU B 389 -18.68 8.43 -0.50
CA LEU B 389 -17.66 7.51 -0.96
C LEU B 389 -17.47 7.57 -2.45
N HIS B 390 -18.44 8.12 -3.14
CA HIS B 390 -18.52 8.03 -4.59
C HIS B 390 -18.57 6.59 -5.09
N THR B 391 -19.22 6.40 -6.23
CA THR B 391 -19.30 5.14 -6.92
C THR B 391 -19.80 5.46 -8.30
N PRO B 392 -19.37 4.70 -9.32
CA PRO B 392 -19.94 4.91 -10.65
C PRO B 392 -21.38 4.40 -10.79
N LEU B 393 -21.91 3.65 -9.82
CA LEU B 393 -23.24 3.06 -9.93
C LEU B 393 -24.27 4.10 -9.53
N PRO B 394 -25.46 4.02 -10.14
CA PRO B 394 -26.52 4.86 -9.65
C PRO B 394 -26.79 4.62 -8.16
N LEU B 395 -26.96 5.72 -7.43
CA LEU B 395 -27.30 5.68 -6.04
C LEU B 395 -28.70 6.28 -5.93
N LEU B 396 -29.64 5.44 -5.53
CA LEU B 396 -31.07 5.81 -5.53
C LEU B 396 -31.50 5.76 -4.09
N ALA B 397 -31.82 6.93 -3.54
CA ALA B 397 -32.33 6.98 -2.20
C ALA B 397 -33.87 6.73 -2.25
N PHE B 398 -34.39 6.00 -1.28
CA PHE B 398 -35.85 5.82 -1.15
C PHE B 398 -36.27 6.37 0.18
N THR B 399 -37.40 7.06 0.20
CA THR B 399 -37.85 7.68 1.43
C THR B 399 -39.35 7.84 1.43
N ALA B 400 -39.96 7.98 2.60
CA ALA B 400 -41.41 8.34 2.62
C ALA B 400 -41.62 9.79 3.03
N TRP B 401 -40.53 10.51 3.22
CA TRP B 401 -40.61 11.89 3.63
C TRP B 401 -40.18 12.81 2.50
N PRO B 402 -41.17 13.45 1.81
CA PRO B 402 -41.03 14.25 0.60
C PRO B 402 -39.92 15.27 0.66
N GLU B 403 -39.73 15.86 1.83
CA GLU B 403 -38.83 16.94 2.00
C GLU B 403 -37.39 16.40 1.86
N VAL B 404 -37.22 15.11 2.14
CA VAL B 404 -35.92 14.50 2.12
C VAL B 404 -35.38 14.38 0.69
N ARG B 405 -36.28 14.18 -0.26
CA ARG B 405 -35.95 14.21 -1.69
C ARG B 405 -35.36 15.56 -2.11
N SER B 406 -35.89 16.63 -1.55
CA SER B 406 -35.41 17.98 -1.85
C SER B 406 -34.08 18.25 -1.14
N GLN B 407 -33.99 17.80 0.10
CA GLN B 407 -32.78 17.92 0.86
C GLN B 407 -31.63 17.12 0.21
N LEU B 408 -31.93 15.97 -0.37
CA LEU B 408 -30.91 15.17 -1.04
C LEU B 408 -30.54 15.63 -2.42
N ALA B 409 -31.27 16.62 -2.91
CA ALA B 409 -30.90 17.27 -4.19
C ALA B 409 -29.49 17.89 -4.16
N MET B 410 -28.96 18.19 -2.97
CA MET B 410 -27.56 18.65 -2.89
C MET B 410 -26.52 17.61 -2.49
N THR B 411 -26.93 16.35 -2.36
CA THR B 411 -26.00 15.26 -2.03
C THR B 411 -25.52 14.60 -3.32
N TRP B 412 -24.21 14.37 -3.42
CA TRP B 412 -23.58 13.75 -4.60
C TRP B 412 -24.29 12.51 -5.12
N GLY B 413 -24.45 12.46 -6.43
CA GLY B 413 -24.73 11.23 -7.15
C GLY B 413 -26.10 10.62 -6.88
N THR B 414 -26.92 11.34 -6.14
CA THR B 414 -28.09 10.75 -5.50
C THR B 414 -29.42 11.16 -6.12
N GLU B 415 -30.21 10.18 -6.58
CA GLU B 415 -31.58 10.44 -7.03
C GLU B 415 -32.56 9.87 -6.01
N THR B 416 -33.65 10.58 -5.75
CA THR B 416 -34.55 10.12 -4.69
C THR B 416 -35.93 9.71 -5.22
N PHE B 417 -36.51 8.70 -4.58
CA PHE B 417 -37.85 8.21 -4.90
C PHE B 417 -38.72 8.22 -3.66
N ILE B 418 -39.86 8.91 -3.74
CA ILE B 418 -40.81 8.94 -2.63
C ILE B 418 -41.70 7.70 -2.73
N VAL B 419 -41.92 7.03 -1.60
CA VAL B 419 -42.82 5.87 -1.57
C VAL B 419 -43.51 5.84 -0.23
N PRO B 420 -44.61 5.08 -0.12
CA PRO B 420 -45.36 5.04 1.11
C PRO B 420 -44.54 4.56 2.29
N LYS B 421 -44.94 5.00 3.47
CA LYS B 421 -44.36 4.48 4.70
C LYS B 421 -44.79 3.03 4.87
N MET B 422 -43.81 2.13 4.87
CA MET B 422 -44.09 0.69 4.90
C MET B 422 -43.81 0.20 6.33
N GLN B 423 -44.42 -0.94 6.71
CA GLN B 423 -44.20 -1.50 8.05
C GLN B 423 -43.28 -2.71 8.04
N SER B 424 -42.73 -3.06 6.88
CA SER B 424 -41.72 -4.13 6.84
C SER B 424 -40.63 -3.84 5.77
N THR B 425 -39.50 -4.54 5.90
CA THR B 425 -38.45 -4.47 4.87
C THR B 425 -38.83 -5.19 3.58
N ASP B 426 -39.57 -6.31 3.67
CA ASP B 426 -40.05 -7.00 2.46
C ASP B 426 -40.83 -5.95 1.66
N GLY B 427 -41.55 -5.10 2.38
CA GLY B 427 -42.40 -4.13 1.76
C GLY B 427 -41.62 -2.99 1.15
N MET B 428 -40.64 -2.51 1.88
CA MET B 428 -39.67 -1.56 1.30
C MET B 428 -39.13 -2.10 -0.04
N ILE B 429 -38.73 -3.37 -0.06
CA ILE B 429 -38.22 -3.97 -1.30
C ILE B 429 -39.24 -4.10 -2.44
N ARG B 430 -40.48 -4.48 -2.15
CA ARG B 430 -41.51 -4.50 -3.19
C ARG B 430 -41.67 -3.13 -3.79
N GLN B 431 -41.63 -2.11 -2.94
CA GLN B 431 -41.71 -0.73 -3.39
C GLN B 431 -40.57 -0.35 -4.32
N VAL B 432 -39.34 -0.85 -4.04
CA VAL B 432 -38.22 -0.61 -4.95
C VAL B 432 -38.59 -1.15 -6.34
N ASP B 433 -38.99 -2.42 -6.42
CA ASP B 433 -39.30 -3.04 -7.71
C ASP B 433 -40.33 -2.21 -8.50
N LYS B 434 -41.36 -1.77 -7.80
CA LYS B 434 -42.48 -1.08 -8.44
C LYS B 434 -42.02 0.27 -8.98
N SER B 435 -41.38 1.06 -8.11
CA SER B 435 -40.91 2.38 -8.50
C SER B 435 -39.94 2.26 -9.69
N LEU B 436 -39.05 1.28 -9.64
CA LEU B 436 -37.99 1.19 -10.62
C LEU B 436 -38.48 0.65 -11.94
N LEU B 437 -39.48 -0.22 -11.91
CA LEU B 437 -39.92 -0.83 -13.14
C LEU B 437 -40.61 0.14 -14.09
N GLU B 438 -41.10 1.25 -13.53
CA GLU B 438 -41.79 2.27 -14.33
C GLU B 438 -40.79 3.08 -15.12
N LEU B 439 -39.52 2.91 -14.80
CA LEU B 439 -38.41 3.59 -15.50
C LEU B 439 -37.95 2.83 -16.72
N ALA B 440 -37.77 3.54 -17.83
CA ALA B 440 -37.16 2.95 -19.01
C ALA B 440 -35.84 2.25 -18.59
N ARG B 441 -35.15 2.81 -17.61
CA ARG B 441 -33.81 2.33 -17.17
C ARG B 441 -33.79 0.89 -16.61
N TYR B 442 -34.80 0.55 -15.80
CA TYR B 442 -34.80 -0.77 -15.14
C TYR B 442 -35.84 -1.74 -15.69
N LYS B 443 -35.53 -3.02 -15.48
CA LYS B 443 -36.22 -4.12 -16.09
C LYS B 443 -36.10 -5.32 -15.12
N ARG B 444 -37.03 -6.26 -15.21
CA ARG B 444 -36.96 -7.41 -14.33
C ARG B 444 -35.66 -8.14 -14.61
N GLY B 445 -35.10 -8.77 -13.60
CA GLY B 445 -33.81 -9.44 -13.75
C GLY B 445 -32.62 -8.57 -13.40
N ASP B 446 -32.81 -7.24 -13.42
CA ASP B 446 -31.72 -6.31 -13.10
C ASP B 446 -31.33 -6.47 -11.63
N LEU B 447 -30.02 -6.60 -11.41
CA LEU B 447 -29.53 -6.88 -10.08
C LEU B 447 -29.26 -5.55 -9.40
N VAL B 448 -29.74 -5.43 -8.17
CA VAL B 448 -29.58 -4.22 -7.39
C VAL B 448 -29.28 -4.63 -5.95
N VAL B 449 -28.73 -3.71 -5.18
CA VAL B 449 -28.33 -3.96 -3.81
C VAL B 449 -29.07 -2.97 -2.95
N ILE B 450 -29.86 -3.46 -2.02
CA ILE B 450 -30.74 -2.61 -1.26
C ILE B 450 -30.34 -2.55 0.20
N VAL B 451 -30.21 -1.33 0.72
CA VAL B 451 -29.95 -1.08 2.13
C VAL B 451 -31.25 -0.60 2.81
N ALA B 452 -31.57 -1.21 3.94
CA ALA B 452 -32.78 -0.88 4.65
C ALA B 452 -32.58 -1.21 6.12
N GLY B 453 -33.63 -1.06 6.92
CA GLY B 453 -33.49 -1.26 8.36
C GLY B 453 -34.80 -1.46 9.08
N ALA B 454 -34.76 -2.26 10.14
CA ALA B 454 -35.90 -2.38 11.06
C ALA B 454 -35.35 -2.13 12.46
N PRO B 455 -36.17 -1.55 13.33
CA PRO B 455 -37.56 -1.27 13.07
C PRO B 455 -37.78 -0.21 12.01
N PRO B 456 -38.78 -0.42 11.14
CA PRO B 456 -39.12 0.48 10.03
C PRO B 456 -39.56 1.85 10.51
N GLY B 457 -39.37 2.86 9.68
CA GLY B 457 -39.73 4.22 10.06
C GLY B 457 -39.05 4.71 11.32
N THR B 458 -37.84 4.24 11.59
CA THR B 458 -37.05 4.72 12.73
C THR B 458 -35.64 5.16 12.23
N VAL B 459 -35.29 6.43 12.41
CA VAL B 459 -34.02 6.91 11.84
C VAL B 459 -32.88 6.16 12.45
N GLY B 460 -32.00 5.65 11.59
CA GLY B 460 -30.74 4.99 12.02
C GLY B 460 -30.92 3.53 12.42
N SER B 461 -32.03 2.93 12.01
CA SER B 461 -32.24 1.51 12.32
C SER B 461 -31.61 0.68 11.21
N THR B 462 -31.16 1.36 10.17
CA THR B 462 -30.45 0.70 9.08
C THR B 462 -29.61 -0.51 9.54
N ASN B 463 -29.95 -1.70 9.04
CA ASN B 463 -29.32 -2.93 9.49
C ASN B 463 -29.40 -4.14 8.56
N LEU B 464 -29.62 -3.91 7.29
CA LEU B 464 -29.77 -5.02 6.35
C LEU B 464 -29.27 -4.62 4.97
N ILE B 465 -28.63 -5.57 4.28
CA ILE B 465 -28.31 -5.37 2.89
C ILE B 465 -28.79 -6.57 2.14
N HIS B 466 -29.50 -6.35 1.04
CA HIS B 466 -30.09 -7.46 0.29
C HIS B 466 -29.73 -7.34 -1.14
N VAL B 467 -29.15 -8.38 -1.70
CA VAL B 467 -28.86 -8.33 -3.15
C VAL B 467 -30.08 -8.91 -3.89
N HIS B 468 -30.70 -8.14 -4.76
CA HIS B 468 -32.01 -8.49 -5.27
C HIS B 468 -32.08 -8.33 -6.78
N ARG B 469 -32.75 -9.27 -7.42
CA ARG B 469 -33.02 -9.17 -8.83
C ARG B 469 -34.46 -8.64 -8.97
N ILE B 470 -34.62 -7.59 -9.75
CA ILE B 470 -35.90 -6.92 -9.80
C ILE B 470 -37.00 -7.85 -10.30
N GLY B 471 -38.03 -8.01 -9.49
CA GLY B 471 -39.22 -8.76 -9.89
C GLY B 471 -39.18 -10.22 -9.49
N GLU B 472 -38.00 -10.70 -9.10
CA GLU B 472 -37.81 -12.11 -8.85
C GLU B 472 -38.06 -12.43 -7.40
N ASP B 473 -38.29 -13.72 -7.14
CA ASP B 473 -38.74 -14.19 -5.84
C ASP B 473 -37.58 -14.62 -4.97
N ASP B 474 -36.77 -13.66 -4.52
CA ASP B 474 -35.56 -13.98 -3.75
C ASP B 474 -35.49 -13.26 -2.42
N VAL B 475 -36.63 -12.82 -1.91
CA VAL B 475 -36.67 -12.18 -0.60
C VAL B 475 -37.40 -13.06 0.40
N THR C 5 24.77 -20.06 -5.54
CA THR C 5 25.13 -20.59 -4.22
C THR C 5 24.54 -19.78 -3.05
N ARG C 6 24.58 -20.41 -1.89
CA ARG C 6 23.77 -20.08 -0.76
C ARG C 6 24.16 -18.80 -0.08
N ARG C 7 23.15 -18.12 0.43
CA ARG C 7 23.30 -16.84 1.10
C ARG C 7 23.25 -17.02 2.60
N GLY C 8 22.20 -17.64 3.10
CA GLY C 8 22.10 -17.91 4.53
C GLY C 8 23.27 -18.72 5.07
N LYS C 9 23.73 -18.36 6.25
CA LYS C 9 24.91 -18.95 6.80
C LYS C 9 24.57 -20.11 7.75
N ILE C 10 25.51 -21.06 7.84
CA ILE C 10 25.33 -22.31 8.62
C ILE C 10 26.39 -22.40 9.69
N VAL C 11 25.96 -22.47 10.95
CA VAL C 11 26.86 -22.69 12.07
C VAL C 11 26.86 -24.17 12.51
N CYS C 12 28.05 -24.77 12.69
CA CYS C 12 28.15 -26.14 13.14
C CYS C 12 28.85 -26.22 14.48
N THR C 13 28.41 -27.13 15.34
CA THR C 13 29.04 -27.31 16.63
C THR C 13 30.00 -28.48 16.53
N LEU C 14 31.19 -28.32 17.11
CA LEU C 14 32.21 -29.34 17.02
C LEU C 14 32.13 -30.17 18.25
N GLY C 15 32.50 -31.44 18.11
CA GLY C 15 32.56 -32.37 19.24
C GLY C 15 33.08 -33.69 18.73
N PRO C 16 32.92 -34.78 19.53
CA PRO C 16 33.44 -36.10 19.22
C PRO C 16 33.26 -36.55 17.76
N ALA C 17 32.18 -36.14 17.11
CA ALA C 17 31.87 -36.65 15.78
C ALA C 17 32.65 -35.88 14.71
N THR C 18 33.21 -34.73 15.09
CA THR C 18 34.05 -33.95 14.21
C THR C 18 35.57 -34.03 14.55
N GLN C 19 35.94 -34.94 15.47
CA GLN C 19 37.33 -35.07 15.90
C GLN C 19 38.23 -35.87 14.94
N ARG C 20 37.64 -36.82 14.22
CA ARG C 20 38.35 -37.58 13.21
C ARG C 20 39.04 -36.68 12.18
N ASP C 21 40.10 -37.19 11.58
CA ASP C 21 40.94 -36.41 10.68
C ASP C 21 40.22 -35.80 9.50
N ASP C 22 40.41 -34.49 9.35
CA ASP C 22 39.86 -33.75 8.23
C ASP C 22 38.34 -33.98 8.04
N LEU C 23 37.64 -34.26 9.14
CA LEU C 23 36.21 -34.07 9.16
C LEU C 23 35.89 -32.59 9.26
N VAL C 24 36.58 -31.87 10.14
CA VAL C 24 36.48 -30.42 10.15
C VAL C 24 36.68 -29.85 8.74
N ARG C 25 37.61 -30.42 7.99
CA ARG C 25 37.89 -29.96 6.65
C ARG C 25 36.68 -30.22 5.76
N ALA C 26 36.14 -31.43 5.83
CA ALA C 26 35.03 -31.80 4.98
C ALA C 26 33.75 -30.97 5.27
N LEU C 27 33.60 -30.52 6.51
CA LEU C 27 32.49 -29.64 6.87
C LEU C 27 32.64 -28.28 6.25
N VAL C 28 33.87 -27.77 6.25
CA VAL C 28 34.13 -26.49 5.65
C VAL C 28 33.86 -26.64 4.15
N GLU C 29 34.34 -27.73 3.55
CA GLU C 29 34.09 -27.94 2.13
C GLU C 29 32.59 -28.11 1.85
N ALA C 30 31.83 -28.65 2.81
CA ALA C 30 30.38 -28.81 2.61
C ALA C 30 29.56 -27.54 2.90
N GLY C 31 30.18 -26.56 3.56
CA GLY C 31 29.53 -25.26 3.64
C GLY C 31 29.63 -24.54 4.96
N MET C 32 30.21 -25.17 5.98
CA MET C 32 30.18 -24.57 7.32
C MET C 32 30.77 -23.19 7.34
N ASP C 33 30.03 -22.23 7.88
CA ASP C 33 30.48 -20.84 7.96
C ASP C 33 31.00 -20.43 9.31
N VAL C 34 30.50 -21.06 10.37
CA VAL C 34 31.00 -20.78 11.68
C VAL C 34 31.11 -22.08 12.41
N ALA C 35 32.22 -22.27 13.12
CA ALA C 35 32.41 -23.42 13.96
C ALA C 35 32.18 -23.02 15.40
N ARG C 36 31.23 -23.71 16.04
CA ARG C 36 30.94 -23.46 17.45
C ARG C 36 31.77 -24.36 18.32
N MET C 37 32.36 -23.75 19.35
CA MET C 37 33.18 -24.44 20.31
C MET C 37 32.39 -24.39 21.59
N ASN C 38 31.92 -25.54 22.06
CA ASN C 38 31.01 -25.52 23.20
C ASN C 38 31.78 -25.82 24.46
N PHE C 39 32.00 -24.80 25.29
CA PHE C 39 32.75 -24.97 26.53
C PHE C 39 32.01 -25.68 27.67
N SER C 40 30.76 -26.08 27.45
CA SER C 40 30.09 -27.04 28.35
C SER C 40 30.79 -28.39 28.36
N HIS C 41 31.46 -28.70 27.25
CA HIS C 41 32.07 -30.03 27.09
C HIS C 41 33.53 -29.81 26.63
N GLY C 42 34.38 -30.83 26.86
CA GLY C 42 35.71 -30.88 26.28
C GLY C 42 36.81 -30.29 27.17
N ASP C 43 38.03 -30.77 26.95
CA ASP C 43 39.30 -30.28 27.52
C ASP C 43 39.87 -29.10 26.66
N TYR C 44 40.66 -28.23 27.27
CA TYR C 44 41.33 -27.15 26.52
C TYR C 44 42.13 -27.68 25.34
N ASP C 45 42.68 -28.89 25.48
CA ASP C 45 43.43 -29.54 24.41
C ASP C 45 42.55 -29.85 23.22
N ASP C 46 41.33 -30.33 23.48
CA ASP C 46 40.35 -30.62 22.41
C ASP C 46 40.02 -29.34 21.65
N HIS C 47 39.79 -28.25 22.38
CA HIS C 47 39.38 -26.99 21.77
C HIS C 47 40.54 -26.37 20.98
N LYS C 48 41.76 -26.50 21.49
CA LYS C 48 42.93 -26.08 20.73
C LYS C 48 43.00 -26.87 19.42
N VAL C 49 43.15 -28.17 19.51
CA VAL C 49 43.22 -29.01 18.33
C VAL C 49 42.17 -28.63 17.30
N ALA C 50 40.93 -28.37 17.75
CA ALA C 50 39.85 -28.18 16.82
C ALA C 50 39.91 -26.80 16.19
N TYR C 51 40.19 -25.78 16.99
CA TYR C 51 40.46 -24.40 16.48
C TYR C 51 41.47 -24.45 15.32
N GLU C 52 42.53 -25.20 15.52
CA GLU C 52 43.58 -25.31 14.53
C GLU C 52 43.11 -26.01 13.26
N ARG C 53 42.33 -27.07 13.40
CA ARG C 53 41.81 -27.76 12.21
C ARG C 53 40.86 -26.86 11.42
N VAL C 54 40.24 -25.90 12.09
CA VAL C 54 39.36 -24.93 11.40
C VAL C 54 40.18 -23.89 10.63
N ARG C 55 41.15 -23.30 11.29
CA ARG C 55 42.08 -22.37 10.65
C ARG C 55 42.75 -23.02 9.42
N VAL C 56 43.24 -24.24 9.58
CA VAL C 56 43.85 -24.93 8.46
C VAL C 56 42.91 -25.03 7.29
N ALA C 57 41.73 -25.59 7.55
CA ALA C 57 40.74 -25.86 6.50
C ALA C 57 40.21 -24.58 5.85
N SER C 58 40.01 -23.54 6.66
CA SER C 58 39.68 -22.23 6.13
C SER C 58 40.78 -21.73 5.18
N ASP C 59 42.01 -21.71 5.67
CA ASP C 59 43.14 -21.21 4.86
C ASP C 59 43.39 -22.14 3.64
N ALA C 60 43.17 -23.44 3.79
CA ALA C 60 43.41 -24.37 2.69
C ALA C 60 42.37 -24.31 1.61
N THR C 61 41.10 -24.08 1.97
CA THR C 61 40.00 -24.00 0.98
C THR C 61 39.81 -22.58 0.42
N GLY C 62 40.26 -21.57 1.16
CA GLY C 62 40.01 -20.21 0.77
C GLY C 62 38.69 -19.69 1.30
N ARG C 63 37.96 -20.52 2.06
CA ARG C 63 36.64 -20.12 2.57
C ARG C 63 36.76 -19.53 3.99
N ALA C 64 36.01 -18.45 4.22
CA ALA C 64 35.92 -17.82 5.52
C ALA C 64 35.24 -18.75 6.48
N VAL C 65 35.76 -18.86 7.70
CA VAL C 65 35.11 -19.65 8.74
C VAL C 65 35.36 -19.04 10.12
N GLY C 66 34.31 -18.44 10.68
CA GLY C 66 34.39 -17.82 12.00
C GLY C 66 34.49 -18.88 13.05
N VAL C 67 35.11 -18.57 14.17
CA VAL C 67 35.13 -19.47 15.28
C VAL C 67 34.44 -18.83 16.46
N LEU C 68 33.41 -19.52 16.95
CA LEU C 68 32.54 -18.98 17.98
C LEU C 68 32.76 -19.74 19.27
N ALA C 69 33.22 -19.05 20.32
CA ALA C 69 33.41 -19.67 21.60
C ALA C 69 32.13 -19.50 22.41
N ASP C 70 31.50 -20.61 22.78
CA ASP C 70 30.25 -20.59 23.51
C ASP C 70 30.46 -20.94 24.98
N LEU C 71 30.21 -19.95 25.84
CA LEU C 71 30.42 -20.07 27.27
C LEU C 71 29.17 -20.66 27.97
N GLN C 72 29.40 -21.63 28.85
CA GLN C 72 28.35 -22.42 29.44
C GLN C 72 27.39 -21.56 30.26
N GLY C 73 27.92 -20.54 30.92
CA GLY C 73 27.12 -19.71 31.78
C GLY C 73 26.64 -20.51 32.98
N PRO C 74 25.62 -20.00 33.68
CA PRO C 74 25.09 -20.58 34.93
C PRO C 74 24.16 -21.75 34.69
N LYS C 75 24.69 -22.76 33.99
CA LYS C 75 23.93 -23.94 33.67
C LYS C 75 23.88 -24.85 34.89
N ILE C 76 22.68 -25.24 35.28
CA ILE C 76 22.50 -26.23 36.33
C ILE C 76 22.52 -27.64 35.75
N ARG C 77 23.21 -28.56 36.43
CA ARG C 77 23.39 -29.91 35.87
C ARG C 77 23.26 -31.03 36.91
N LEU C 78 22.98 -32.23 36.43
CA LEU C 78 23.12 -33.42 37.25
C LEU C 78 24.62 -33.81 37.33
N GLY C 79 24.97 -34.63 38.32
CA GLY C 79 26.31 -35.19 38.43
C GLY C 79 26.40 -36.49 37.64
N ARG C 80 27.03 -37.49 38.23
CA ARG C 80 27.41 -38.70 37.51
C ARG C 80 26.60 -39.87 38.02
N PHE C 81 26.28 -40.81 37.13
CA PHE C 81 25.65 -42.08 37.52
C PHE C 81 26.66 -43.20 37.41
N ALA C 82 26.52 -44.18 38.29
CA ALA C 82 27.44 -45.31 38.38
C ALA C 82 27.52 -46.08 37.05
N SER C 83 26.46 -46.01 36.25
CA SER C 83 26.46 -46.68 34.96
C SER C 83 26.85 -45.73 33.83
N GLY C 84 26.87 -44.43 34.14
CA GLY C 84 27.02 -43.39 33.12
C GLY C 84 25.67 -42.94 32.55
N ALA C 85 24.70 -43.85 32.54
CA ALA C 85 23.35 -43.55 32.05
C ALA C 85 22.32 -44.48 32.69
N THR C 86 21.11 -43.98 32.88
CA THR C 86 20.04 -44.78 33.46
C THR C 86 18.72 -44.45 32.77
N HIS C 87 17.67 -45.19 33.16
CA HIS C 87 16.34 -44.88 32.72
C HIS C 87 15.47 -44.46 33.89
N TRP C 88 14.87 -43.28 33.77
CA TRP C 88 13.93 -42.79 34.76
C TRP C 88 12.51 -42.92 34.21
N ALA C 89 11.81 -43.96 34.67
CA ALA C 89 10.46 -44.27 34.17
C ALA C 89 9.36 -43.60 35.00
N GLU C 90 8.28 -43.20 34.32
CA GLU C 90 7.07 -42.71 34.97
C GLU C 90 6.81 -43.51 36.26
N GLY C 91 6.59 -42.81 37.35
CA GLY C 91 6.22 -43.47 38.59
C GLY C 91 7.33 -43.60 39.62
N GLU C 92 8.58 -43.49 39.19
CA GLU C 92 9.73 -43.78 40.05
C GLU C 92 10.06 -42.61 40.92
N THR C 93 10.58 -42.90 42.12
CA THR C 93 11.02 -41.88 43.04
C THR C 93 12.53 -41.70 42.91
N VAL C 94 12.92 -40.45 42.69
CA VAL C 94 14.30 -40.09 42.45
C VAL C 94 14.71 -38.95 43.40
N ARG C 95 15.90 -39.05 43.93
CA ARG C 95 16.44 -37.98 44.76
C ARG C 95 17.54 -37.23 44.02
N ILE C 96 17.46 -35.90 44.04
CA ILE C 96 18.54 -35.08 43.50
C ILE C 96 19.13 -34.27 44.63
N THR C 97 20.39 -34.56 44.96
CA THR C 97 20.95 -34.07 46.20
C THR C 97 22.04 -33.05 45.92
N VAL C 98 22.19 -32.10 46.85
CA VAL C 98 23.27 -31.13 46.77
C VAL C 98 24.49 -31.67 47.53
N GLY C 99 24.34 -32.84 48.13
CA GLY C 99 25.48 -33.56 48.73
C GLY C 99 26.26 -34.32 47.67
N ALA C 100 27.54 -34.59 47.92
CA ALA C 100 28.33 -35.33 46.93
C ALA C 100 28.12 -36.82 47.17
N CYS C 101 28.06 -37.60 46.10
CA CYS C 101 27.74 -39.03 46.20
C CYS C 101 28.16 -39.83 44.98
N GLU C 102 28.26 -41.15 45.14
CA GLU C 102 28.14 -42.09 44.03
C GLU C 102 26.66 -42.03 43.60
N GLY C 103 26.41 -41.54 42.40
CA GLY C 103 25.07 -41.50 41.85
C GLY C 103 24.64 -42.86 41.33
N SER C 104 23.33 -43.09 41.39
CA SER C 104 22.74 -44.29 40.82
C SER C 104 21.39 -43.90 40.25
N HIS C 105 20.65 -44.89 39.81
CA HIS C 105 19.28 -44.70 39.41
C HIS C 105 18.44 -43.90 40.44
N ASP C 106 18.63 -44.19 41.72
CA ASP C 106 17.77 -43.67 42.80
C ASP C 106 18.23 -42.29 43.32
N ARG C 107 19.52 -42.00 43.18
CA ARG C 107 20.10 -40.83 43.82
C ARG C 107 21.35 -40.32 43.06
N VAL C 108 21.33 -39.03 42.72
CA VAL C 108 22.35 -38.42 41.89
C VAL C 108 22.61 -36.98 42.36
N SER C 109 23.83 -36.49 42.20
CA SER C 109 24.22 -35.12 42.62
C SER C 109 23.61 -34.06 41.67
N THR C 110 23.66 -32.80 42.09
CA THR C 110 23.50 -31.67 41.17
C THR C 110 24.53 -30.57 41.47
N THR C 111 24.77 -29.69 40.49
CA THR C 111 25.78 -28.63 40.64
C THR C 111 25.19 -27.43 41.36
N TYR C 112 23.87 -27.28 41.36
CA TYR C 112 23.27 -26.10 41.98
C TYR C 112 23.04 -26.38 43.43
N LYS C 113 23.79 -25.69 44.29
CA LYS C 113 23.88 -26.08 45.68
C LYS C 113 22.79 -25.45 46.52
N ARG C 114 22.04 -24.51 45.93
CA ARG C 114 20.89 -23.87 46.61
C ARG C 114 19.60 -24.66 46.39
N LEU C 115 19.69 -25.79 45.70
CA LEU C 115 18.50 -26.52 45.23
C LEU C 115 17.65 -27.02 46.38
N ALA C 116 18.26 -27.71 47.35
CA ALA C 116 17.49 -28.20 48.51
C ALA C 116 16.96 -27.04 49.32
N GLN C 117 17.69 -25.92 49.28
CA GLN C 117 17.34 -24.74 50.03
C GLN C 117 16.21 -23.95 49.38
N ASP C 118 16.13 -23.97 48.05
CA ASP C 118 15.19 -23.10 47.33
C ASP C 118 14.05 -23.85 46.62
N ALA C 119 13.99 -25.16 46.83
CA ALA C 119 12.91 -25.97 46.24
C ALA C 119 11.74 -26.13 47.21
N VAL C 120 10.55 -25.99 46.63
CA VAL C 120 9.25 -26.19 47.31
C VAL C 120 8.56 -27.42 46.67
N ALA C 121 7.86 -28.22 47.47
CA ALA C 121 7.05 -29.28 46.87
C ALA C 121 6.20 -28.67 45.75
N GLY C 122 6.10 -29.37 44.62
CA GLY C 122 5.38 -28.85 43.46
C GLY C 122 6.25 -28.24 42.36
N ASP C 123 7.50 -27.96 42.67
CA ASP C 123 8.38 -27.40 41.67
C ASP C 123 8.62 -28.47 40.67
N ARG C 124 8.74 -28.06 39.41
CA ARG C 124 8.98 -29.00 38.31
C ARG C 124 10.45 -29.00 37.93
N VAL C 125 10.95 -30.20 37.64
CA VAL C 125 12.32 -30.36 37.16
C VAL C 125 12.28 -30.97 35.78
N LEU C 126 12.74 -30.24 34.76
CA LEU C 126 12.85 -30.80 33.41
C LEU C 126 14.31 -31.13 33.11
N VAL C 127 14.54 -32.28 32.51
CA VAL C 127 15.87 -32.78 32.35
C VAL C 127 16.19 -32.85 30.87
N ASP C 128 17.40 -32.42 30.52
CA ASP C 128 17.89 -32.59 29.15
C ASP C 128 16.90 -31.92 28.22
N ASP C 129 16.47 -30.72 28.61
CA ASP C 129 15.54 -29.89 27.82
C ASP C 129 14.12 -30.55 27.66
N GLY C 130 13.78 -31.51 28.54
CA GLY C 130 12.37 -32.00 28.66
C GLY C 130 12.09 -33.43 28.21
N LYS C 131 13.14 -34.20 27.93
CA LYS C 131 13.03 -35.65 27.67
C LYS C 131 12.61 -36.40 28.95
N VAL C 132 12.66 -35.71 30.08
CA VAL C 132 12.30 -36.31 31.33
C VAL C 132 11.81 -35.19 32.19
N ALA C 133 10.66 -35.40 32.84
CA ALA C 133 10.08 -34.38 33.71
C ALA C 133 9.76 -34.96 35.09
N LEU C 134 10.13 -34.24 36.13
CA LEU C 134 9.89 -34.68 37.47
C LEU C 134 9.11 -33.60 38.19
N VAL C 135 8.39 -33.98 39.24
CA VAL C 135 7.83 -32.99 40.15
C VAL C 135 8.40 -33.27 41.56
N VAL C 136 8.77 -32.20 42.25
CA VAL C 136 9.29 -32.30 43.59
C VAL C 136 8.18 -32.63 44.58
N ASP C 137 8.40 -33.68 45.36
CA ASP C 137 7.43 -34.08 46.37
C ASP C 137 7.85 -33.53 47.74
N ALA C 138 9.13 -33.65 48.06
CA ALA C 138 9.64 -33.16 49.35
C ALA C 138 11.14 -32.84 49.34
N VAL C 139 11.57 -32.05 50.33
CA VAL C 139 12.97 -31.82 50.64
C VAL C 139 13.34 -32.50 52.00
N GLU C 140 14.20 -33.54 51.97
CA GLU C 140 14.73 -34.15 53.21
C GLU C 140 16.21 -33.82 53.39
N GLY C 141 16.49 -32.82 54.24
CA GLY C 141 17.85 -32.29 54.38
C GLY C 141 18.42 -31.84 53.03
N ASP C 142 19.40 -32.60 52.51
CA ASP C 142 20.10 -32.21 51.28
C ASP C 142 19.48 -32.74 50.02
N ASP C 143 18.45 -33.56 50.13
CA ASP C 143 17.85 -34.21 48.97
C ASP C 143 16.52 -33.58 48.57
N VAL C 144 16.33 -33.43 47.28
CA VAL C 144 15.05 -33.08 46.73
C VAL C 144 14.43 -34.38 46.19
N VAL C 145 13.40 -34.86 46.89
CA VAL C 145 12.73 -36.11 46.55
C VAL C 145 11.70 -35.82 45.47
N CYS C 146 11.78 -36.53 44.35
CA CYS C 146 10.89 -36.25 43.23
C CYS C 146 10.20 -37.48 42.69
N THR C 147 9.20 -37.24 41.86
CA THR C 147 8.54 -38.28 41.17
C THR C 147 8.64 -38.03 39.69
N VAL C 148 9.08 -39.05 38.96
CA VAL C 148 9.12 -38.96 37.53
C VAL C 148 7.69 -38.93 37.06
N VAL C 149 7.30 -37.84 36.43
CA VAL C 149 5.99 -37.75 35.85
C VAL C 149 6.02 -38.03 34.35
N GLU C 150 7.14 -37.74 33.70
CA GLU C 150 7.35 -38.14 32.31
C GLU C 150 8.71 -38.80 32.16
N GLY C 151 8.69 -40.04 31.67
CA GLY C 151 9.86 -40.90 31.75
C GLY C 151 10.73 -40.84 30.52
N GLY C 152 11.99 -41.24 30.69
CA GLY C 152 13.01 -41.17 29.64
C GLY C 152 14.42 -41.49 30.15
N PRO C 153 15.38 -41.62 29.22
CA PRO C 153 16.77 -41.87 29.61
C PRO C 153 17.45 -40.61 30.11
N VAL C 154 18.24 -40.74 31.17
CA VAL C 154 19.10 -39.64 31.64
C VAL C 154 20.56 -40.12 31.67
N SER C 155 21.50 -39.19 31.51
CA SER C 155 22.93 -39.55 31.60
C SER C 155 23.72 -38.53 32.43
N ASP C 156 25.00 -38.87 32.66
CA ASP C 156 25.94 -38.01 33.36
C ASP C 156 25.85 -36.54 32.93
N ASN C 157 25.77 -35.65 33.90
CA ASN C 157 25.91 -34.21 33.72
C ASN C 157 24.91 -33.61 32.73
N LYS C 158 23.76 -34.24 32.59
CA LYS C 158 22.73 -33.68 31.75
C LYS C 158 22.17 -32.44 32.47
N GLY C 159 21.69 -31.48 31.68
CA GLY C 159 21.25 -30.21 32.19
C GLY C 159 19.88 -30.34 32.81
N ILE C 160 19.57 -29.47 33.75
CA ILE C 160 18.22 -29.41 34.24
C ILE C 160 17.74 -28.00 34.21
N SER C 161 16.44 -27.90 34.12
CA SER C 161 15.77 -26.64 34.14
C SER C 161 14.70 -26.67 35.26
N LEU C 162 14.62 -25.57 36.01
CA LEU C 162 13.63 -25.43 37.10
C LEU C 162 12.72 -24.25 36.83
N PRO C 163 11.71 -24.44 35.97
CA PRO C 163 10.98 -23.26 35.47
C PRO C 163 10.33 -22.46 36.61
N GLY C 164 10.34 -21.14 36.50
CA GLY C 164 9.68 -20.31 37.49
C GLY C 164 10.58 -20.00 38.65
N MET C 165 11.26 -21.03 39.16
CA MET C 165 12.31 -20.83 40.19
C MET C 165 13.38 -19.88 39.63
N ASN C 166 13.56 -18.70 40.25
CA ASN C 166 14.53 -17.74 39.74
C ASN C 166 15.88 -17.99 40.41
N VAL C 167 16.80 -18.48 39.60
CA VAL C 167 18.10 -18.98 40.03
C VAL C 167 19.07 -17.87 40.41
N THR C 168 19.77 -18.06 41.53
CA THR C 168 20.84 -17.15 41.93
C THR C 168 22.22 -17.68 41.46
N ALA C 169 22.94 -16.87 40.67
CA ALA C 169 24.18 -17.31 40.04
C ALA C 169 24.81 -16.24 39.15
N PRO C 170 26.14 -16.10 39.24
CA PRO C 170 26.83 -15.10 38.45
C PRO C 170 26.66 -15.35 36.96
N ALA C 171 26.65 -14.26 36.18
CA ALA C 171 26.40 -14.32 34.71
C ALA C 171 27.53 -15.04 34.02
N LEU C 172 28.73 -14.79 34.54
CA LEU C 172 29.95 -15.55 34.22
C LEU C 172 30.50 -16.17 35.49
N SER C 173 30.60 -17.50 35.52
CA SER C 173 31.25 -18.22 36.63
C SER C 173 32.75 -18.12 36.51
N GLU C 174 33.47 -18.55 37.54
CA GLU C 174 34.92 -18.57 37.46
C GLU C 174 35.37 -19.44 36.26
N LYS C 175 34.73 -20.57 36.04
CA LYS C 175 35.07 -21.39 34.86
C LYS C 175 34.85 -20.63 33.55
N ASP C 176 33.71 -19.97 33.39
CA ASP C 176 33.48 -19.17 32.17
C ASP C 176 34.55 -18.08 31.96
N ILE C 177 35.06 -17.52 33.06
CA ILE C 177 36.06 -16.46 32.98
C ILE C 177 37.38 -17.01 32.45
N GLU C 178 37.78 -18.16 32.96
CA GLU C 178 38.96 -18.86 32.48
C GLU C 178 38.79 -19.34 31.06
N ASP C 179 37.62 -19.83 30.69
CA ASP C 179 37.37 -20.26 29.33
C ASP C 179 37.40 -19.06 28.37
N LEU C 180 36.86 -17.94 28.81
CA LEU C 180 36.85 -16.74 28.01
C LEU C 180 38.30 -16.27 27.76
N THR C 181 39.12 -16.34 28.80
CA THR C 181 40.52 -16.01 28.72
C THR C 181 41.24 -16.96 27.79
N PHE C 182 41.09 -18.25 28.01
CA PHE C 182 41.70 -19.23 27.15
C PHE C 182 41.33 -18.98 25.69
N ALA C 183 40.10 -18.57 25.47
CA ALA C 183 39.57 -18.48 24.11
C ALA C 183 40.05 -17.23 23.38
N LEU C 184 40.11 -16.12 24.10
CA LEU C 184 40.63 -14.87 23.57
C LEU C 184 42.06 -15.01 23.12
N ASN C 185 42.86 -15.69 23.94
CA ASN C 185 44.27 -15.83 23.69
C ASN C 185 44.55 -16.84 22.60
N LEU C 186 43.63 -17.77 22.41
CA LEU C 186 43.80 -18.79 21.40
C LEU C 186 43.46 -18.21 20.01
N GLY C 187 42.71 -17.11 19.97
CA GLY C 187 42.38 -16.38 18.71
C GLY C 187 40.95 -16.37 18.19
N VAL C 188 39.97 -16.85 18.98
CA VAL C 188 38.59 -16.94 18.47
C VAL C 188 38.03 -15.60 18.02
N ASP C 189 37.12 -15.65 17.06
CA ASP C 189 36.59 -14.47 16.42
C ASP C 189 35.35 -13.89 17.11
N MET C 190 34.62 -14.73 17.85
CA MET C 190 33.38 -14.29 18.48
C MET C 190 33.17 -15.06 19.78
N VAL C 191 32.39 -14.48 20.68
CA VAL C 191 32.08 -15.12 21.95
C VAL C 191 30.57 -15.18 22.20
N ALA C 192 30.05 -16.35 22.55
CA ALA C 192 28.62 -16.45 22.98
C ALA C 192 28.47 -16.69 24.49
N LEU C 193 27.53 -15.96 25.10
CA LEU C 193 27.23 -16.11 26.50
C LEU C 193 25.84 -16.76 26.68
N SER C 194 25.84 -17.91 27.34
CA SER C 194 24.64 -18.61 27.69
C SER C 194 23.90 -17.93 28.82
N PHE C 195 22.56 -18.02 28.76
CA PHE C 195 21.67 -17.62 29.83
C PHE C 195 21.68 -16.13 30.15
N VAL C 196 21.80 -15.29 29.13
CA VAL C 196 21.83 -13.86 29.38
C VAL C 196 20.48 -13.44 29.92
N ARG C 197 20.49 -12.56 30.92
CA ARG C 197 19.25 -11.99 31.44
C ARG C 197 19.15 -10.47 31.37
N SER C 198 20.26 -9.80 31.07
CA SER C 198 20.31 -8.37 31.20
C SER C 198 21.26 -7.77 30.17
N PRO C 199 21.00 -6.52 29.75
CA PRO C 199 21.92 -5.87 28.85
C PRO C 199 23.27 -5.62 29.54
N ALA C 200 23.27 -5.53 30.86
CA ALA C 200 24.49 -5.24 31.59
C ALA C 200 25.40 -6.44 31.63
N ASP C 201 24.89 -7.62 31.28
CA ASP C 201 25.74 -8.81 31.22
C ASP C 201 26.92 -8.64 30.26
N VAL C 202 26.73 -7.88 29.19
CA VAL C 202 27.79 -7.72 28.19
C VAL C 202 28.96 -6.92 28.75
N GLU C 203 28.67 -6.07 29.73
CA GLU C 203 29.69 -5.25 30.37
C GLU C 203 30.67 -6.13 31.13
N LEU C 204 30.17 -7.18 31.77
CA LEU C 204 31.04 -8.08 32.52
C LEU C 204 31.94 -8.86 31.56
N VAL C 205 31.43 -9.20 30.39
CA VAL C 205 32.21 -9.94 29.40
C VAL C 205 33.31 -9.00 28.90
N HIS C 206 32.96 -7.72 28.70
CA HIS C 206 33.92 -6.70 28.25
C HIS C 206 34.98 -6.45 29.32
N GLU C 207 34.57 -6.46 30.58
CA GLU C 207 35.49 -6.29 31.68
C GLU C 207 36.64 -7.31 31.61
N VAL C 208 36.33 -8.55 31.26
CA VAL C 208 37.36 -9.57 31.11
C VAL C 208 38.18 -9.30 29.86
N MET C 209 37.48 -9.03 28.76
CA MET C 209 38.15 -8.69 27.51
C MET C 209 39.19 -7.60 27.67
N ASP C 210 38.85 -6.58 28.45
CA ASP C 210 39.67 -5.38 28.60
C ASP C 210 40.88 -5.63 29.52
N ARG C 211 40.67 -6.39 30.59
CA ARG C 211 41.77 -6.93 31.39
C ARG C 211 42.84 -7.60 30.52
N ILE C 212 42.39 -8.42 29.59
CA ILE C 212 43.28 -9.16 28.71
C ILE C 212 43.68 -8.35 27.47
N GLY C 213 43.01 -7.23 27.27
CA GLY C 213 43.36 -6.30 26.21
C GLY C 213 42.93 -6.74 24.83
N ARG C 214 41.86 -7.55 24.75
CA ARG C 214 41.36 -8.04 23.46
C ARG C 214 39.84 -8.29 23.46
N ARG C 215 39.15 -7.53 22.60
CA ARG C 215 37.71 -7.63 22.39
C ARG C 215 37.35 -8.36 21.10
N VAL C 216 36.28 -9.12 21.18
CA VAL C 216 35.64 -9.68 20.00
C VAL C 216 34.12 -9.47 20.18
N PRO C 217 33.35 -9.63 19.10
CA PRO C 217 31.90 -9.49 19.23
C PRO C 217 31.27 -10.55 20.14
N VAL C 218 30.30 -10.10 20.93
CA VAL C 218 29.66 -10.93 21.93
C VAL C 218 28.24 -11.19 21.48
N ILE C 219 27.90 -12.47 21.41
CA ILE C 219 26.57 -12.91 21.07
C ILE C 219 25.82 -13.18 22.36
N ALA C 220 24.63 -12.61 22.49
CA ALA C 220 23.76 -12.95 23.62
C ALA C 220 22.92 -14.11 23.20
N LYS C 221 23.02 -15.20 23.93
CA LYS C 221 22.11 -16.33 23.73
C LYS C 221 20.79 -16.05 24.46
N LEU C 222 19.70 -16.20 23.74
CA LEU C 222 18.37 -15.93 24.27
C LEU C 222 17.71 -17.23 24.66
N GLU C 223 17.60 -17.49 25.96
CA GLU C 223 17.04 -18.73 26.48
C GLU C 223 16.57 -18.58 27.91
N LYS C 224 16.14 -17.36 28.25
CA LYS C 224 15.54 -17.07 29.56
C LYS C 224 14.42 -16.05 29.33
N PRO C 225 13.36 -16.10 30.13
CA PRO C 225 12.31 -15.09 29.97
C PRO C 225 12.82 -13.66 30.22
N GLU C 226 13.71 -13.50 31.18
CA GLU C 226 14.29 -12.18 31.47
C GLU C 226 14.89 -11.58 30.19
N ALA C 227 15.46 -12.44 29.36
CA ALA C 227 16.10 -12.01 28.13
C ALA C 227 15.10 -11.53 27.09
N ILE C 228 13.95 -12.19 27.04
CA ILE C 228 12.91 -11.83 26.10
C ILE C 228 12.22 -10.56 26.60
N ASP C 229 12.12 -10.39 27.92
CA ASP C 229 11.50 -9.18 28.46
C ASP C 229 12.33 -7.98 28.10
N ASN C 230 13.63 -8.19 27.90
CA ASN C 230 14.60 -7.12 27.66
C ASN C 230 15.22 -7.20 26.26
N LEU C 231 14.49 -7.78 25.33
CA LEU C 231 15.04 -8.15 24.04
C LEU C 231 15.69 -6.99 23.35
N GLU C 232 15.00 -5.84 23.32
CA GLU C 232 15.51 -4.73 22.58
C GLU C 232 16.81 -4.23 23.19
N ALA C 233 16.87 -4.15 24.53
CA ALA C 233 18.00 -3.55 25.19
C ALA C 233 19.24 -4.42 24.99
N ILE C 234 19.04 -5.74 25.05
CA ILE C 234 20.08 -6.73 24.83
C ILE C 234 20.56 -6.73 23.40
N VAL C 235 19.64 -6.69 22.43
CA VAL C 235 20.04 -6.59 21.02
C VAL C 235 20.91 -5.35 20.77
N LEU C 236 20.68 -4.28 21.53
CA LEU C 236 21.41 -3.03 21.36
C LEU C 236 22.75 -3.00 22.10
N ALA C 237 22.84 -3.70 23.24
CA ALA C 237 24.07 -3.72 24.02
C ALA C 237 25.04 -4.80 23.54
N PHE C 238 24.49 -5.89 23.02
CA PHE C 238 25.28 -6.98 22.47
C PHE C 238 25.43 -6.78 20.97
N ASP C 239 26.29 -7.59 20.34
CA ASP C 239 26.67 -7.38 18.93
C ASP C 239 25.94 -8.38 18.04
N ALA C 240 25.39 -9.41 18.66
CA ALA C 240 24.59 -10.37 17.97
C ALA C 240 23.74 -11.11 19.00
N VAL C 241 22.74 -11.87 18.52
CA VAL C 241 21.93 -12.71 19.36
C VAL C 241 21.74 -14.06 18.71
N MET C 242 21.58 -15.08 19.57
CA MET C 242 21.23 -16.42 19.13
C MET C 242 19.90 -16.82 19.82
N VAL C 243 18.95 -17.29 19.01
CA VAL C 243 17.71 -17.82 19.55
C VAL C 243 18.04 -19.25 19.98
N ALA C 244 18.26 -19.43 21.28
CA ALA C 244 18.76 -20.70 21.82
C ALA C 244 17.60 -21.56 22.28
N ARG C 245 17.04 -22.33 21.36
CA ARG C 245 15.67 -22.86 21.52
C ARG C 245 15.59 -24.01 22.47
N GLY C 246 16.70 -24.72 22.66
CA GLY C 246 16.79 -25.82 23.61
C GLY C 246 16.32 -25.42 25.00
N ASP C 247 17.07 -24.53 25.64
CA ASP C 247 16.73 -24.10 26.97
C ASP C 247 15.53 -23.17 26.94
N LEU C 248 15.36 -22.44 25.84
CA LEU C 248 14.30 -21.45 25.76
C LEU C 248 12.95 -22.18 25.83
N GLY C 249 12.89 -23.36 25.22
CA GLY C 249 11.70 -24.19 25.20
C GLY C 249 11.40 -24.97 26.46
N VAL C 250 12.25 -24.87 27.49
CA VAL C 250 11.84 -25.33 28.80
C VAL C 250 11.68 -24.18 29.77
N GLU C 251 12.40 -23.09 29.55
CA GLU C 251 12.32 -21.91 30.43
C GLU C 251 11.05 -21.14 30.14
N LEU C 252 10.58 -21.29 28.90
CA LEU C 252 9.30 -20.78 28.45
C LEU C 252 8.44 -21.96 28.02
N PRO C 253 7.13 -21.80 28.06
CA PRO C 253 6.31 -22.82 27.37
C PRO C 253 6.82 -23.02 25.95
N LEU C 254 7.00 -24.26 25.56
CA LEU C 254 7.48 -24.58 24.25
C LEU C 254 6.61 -24.00 23.12
N GLU C 255 5.34 -23.83 23.40
CA GLU C 255 4.41 -23.30 22.41
C GLU C 255 4.65 -21.78 22.15
N GLU C 256 5.39 -21.12 23.03
CA GLU C 256 5.64 -19.68 22.86
C GLU C 256 6.91 -19.43 22.06
N VAL C 257 7.71 -20.46 21.84
CA VAL C 257 9.03 -20.29 21.23
C VAL C 257 8.97 -19.80 19.79
N PRO C 258 8.03 -20.32 18.99
CA PRO C 258 8.04 -19.95 17.59
C PRO C 258 7.82 -18.50 17.33
N LEU C 259 6.95 -17.89 18.07
CA LEU C 259 6.76 -16.45 17.95
C LEU C 259 7.88 -15.62 18.60
N VAL C 260 8.51 -16.14 19.64
CA VAL C 260 9.62 -15.43 20.23
C VAL C 260 10.76 -15.37 19.22
N GLN C 261 11.09 -16.54 18.67
CA GLN C 261 12.01 -16.65 17.57
C GLN C 261 11.82 -15.59 16.54
N LYS C 262 10.61 -15.46 16.02
CA LYS C 262 10.36 -14.55 14.90
C LYS C 262 10.53 -13.10 15.30
N ARG C 263 10.10 -12.76 16.51
CA ARG C 263 10.31 -11.40 17.01
C ARG C 263 11.81 -11.09 17.27
N ALA C 264 12.59 -12.11 17.58
CA ALA C 264 13.96 -11.90 17.94
C ALA C 264 14.76 -11.67 16.67
N ILE C 265 14.43 -12.41 15.62
CA ILE C 265 15.04 -12.21 14.32
C ILE C 265 14.73 -10.82 13.74
N GLN C 266 13.47 -10.41 13.80
CA GLN C 266 13.05 -9.10 13.33
C GLN C 266 13.81 -8.01 14.06
N MET C 267 14.00 -8.21 15.35
CA MET C 267 14.60 -7.22 16.20
C MET C 267 16.12 -7.11 15.89
N ALA C 268 16.75 -8.23 15.66
CA ALA C 268 18.12 -8.23 15.21
C ALA C 268 18.24 -7.45 13.90
N ARG C 269 17.41 -7.78 12.92
CA ARG C 269 17.54 -7.11 11.62
C ARG C 269 17.23 -5.61 11.68
N GLU C 270 16.30 -5.21 12.56
CA GLU C 270 15.96 -3.76 12.69
C GLU C 270 17.18 -2.98 13.15
N ASN C 271 18.05 -3.63 13.92
CA ASN C 271 19.19 -2.94 14.51
C ASN C 271 20.53 -3.38 13.90
N ALA C 272 20.45 -4.10 12.77
CA ALA C 272 21.59 -4.51 12.01
C ALA C 272 22.57 -5.35 12.83
N LYS C 273 22.02 -6.29 13.59
CA LYS C 273 22.84 -7.23 14.33
C LYS C 273 22.56 -8.62 13.84
N PRO C 274 23.61 -9.44 13.73
CA PRO C 274 23.45 -10.82 13.31
C PRO C 274 22.54 -11.66 14.25
N VAL C 275 21.76 -12.57 13.67
CA VAL C 275 20.96 -13.50 14.47
C VAL C 275 21.09 -14.96 13.98
N ILE C 276 21.34 -15.84 14.92
CA ILE C 276 21.41 -17.27 14.67
C ILE C 276 20.19 -17.97 15.31
N VAL C 277 19.56 -18.89 14.59
CA VAL C 277 18.52 -19.72 15.13
C VAL C 277 19.13 -21.08 15.43
N ALA C 278 19.01 -21.56 16.66
CA ALA C 278 19.75 -22.76 17.08
C ALA C 278 18.87 -23.84 17.66
N THR C 279 19.29 -25.08 17.44
CA THR C 279 18.91 -26.22 18.24
C THR C 279 17.70 -27.01 17.74
N GLN C 280 17.96 -28.29 17.45
CA GLN C 280 16.99 -29.26 16.99
C GLN C 280 16.42 -29.01 15.60
N MET C 281 17.05 -28.13 14.82
CA MET C 281 16.56 -27.82 13.47
C MET C 281 16.50 -29.09 12.63
N LEU C 282 17.49 -29.96 12.78
CA LEU C 282 17.45 -31.25 12.10
C LEU C 282 17.76 -32.36 13.09
N ASP C 283 17.20 -32.26 14.28
CA ASP C 283 17.54 -33.18 15.37
C ASP C 283 17.61 -34.66 15.02
N SER C 284 16.64 -35.16 14.26
CA SER C 284 16.55 -36.60 13.98
C SER C 284 17.75 -37.12 13.16
N MET C 285 18.49 -36.22 12.53
CA MET C 285 19.62 -36.60 11.71
C MET C 285 20.81 -37.00 12.57
N ILE C 286 20.69 -36.78 13.87
CA ILE C 286 21.58 -37.43 14.80
C ILE C 286 21.64 -38.94 14.57
N GLU C 287 20.49 -39.57 14.29
CA GLU C 287 20.40 -41.03 14.11
C GLU C 287 20.09 -41.46 12.67
N ASN C 288 19.56 -40.55 11.88
CA ASN C 288 18.94 -40.90 10.59
C ASN C 288 19.55 -40.09 9.46
N SER C 289 19.52 -40.65 8.25
CA SER C 289 20.18 -40.06 7.08
C SER C 289 19.36 -38.95 6.44
N ARG C 290 18.06 -38.93 6.76
CA ARG C 290 17.15 -37.92 6.25
C ARG C 290 16.30 -37.41 7.41
N PRO C 291 16.00 -36.09 7.41
CA PRO C 291 15.28 -35.44 8.46
C PRO C 291 13.75 -35.64 8.35
N THR C 292 13.01 -35.15 9.33
CA THR C 292 11.54 -35.21 9.27
C THR C 292 11.03 -34.07 8.41
N ARG C 293 9.73 -34.08 8.15
CA ARG C 293 9.10 -33.04 7.35
C ARG C 293 8.97 -31.81 8.22
N ALA C 294 8.76 -32.01 9.51
CA ALA C 294 8.80 -30.88 10.45
C ALA C 294 10.14 -30.17 10.44
N GLU C 295 11.19 -30.96 10.41
CA GLU C 295 12.54 -30.42 10.45
C GLU C 295 12.87 -29.62 9.20
N ALA C 296 12.53 -30.17 8.05
CA ALA C 296 12.77 -29.46 6.79
C ALA C 296 11.95 -28.17 6.75
N SER C 297 10.74 -28.23 7.26
CA SER C 297 9.91 -27.03 7.40
C SER C 297 10.57 -25.99 8.33
N ASP C 298 11.12 -26.45 9.45
CA ASP C 298 11.61 -25.55 10.47
C ASP C 298 12.79 -24.74 9.90
N VAL C 299 13.61 -25.41 9.11
CA VAL C 299 14.74 -24.79 8.41
C VAL C 299 14.31 -23.77 7.35
N ALA C 300 13.41 -24.17 6.46
CA ALA C 300 12.85 -23.23 5.46
C ALA C 300 12.23 -21.99 6.09
N ASN C 301 11.55 -22.18 7.20
CA ASN C 301 10.80 -21.10 7.80
C ASN C 301 11.73 -20.20 8.59
N ALA C 302 12.84 -20.75 9.06
CA ALA C 302 13.92 -19.93 9.64
C ALA C 302 14.52 -19.00 8.59
N VAL C 303 14.64 -19.48 7.35
CA VAL C 303 15.12 -18.63 6.26
C VAL C 303 14.13 -17.52 5.97
N LEU C 304 12.83 -17.87 5.90
CA LEU C 304 11.79 -16.92 5.55
C LEU C 304 11.62 -15.89 6.62
N ASP C 305 11.86 -16.29 7.87
CA ASP C 305 11.81 -15.38 9.05
C ASP C 305 12.83 -14.29 8.93
N GLY C 306 13.94 -14.59 8.26
CA GLY C 306 15.01 -13.60 8.03
C GLY C 306 16.31 -13.88 8.80
N ALA C 307 16.56 -15.14 9.13
CA ALA C 307 17.70 -15.48 9.94
C ALA C 307 18.96 -15.31 9.11
N ASP C 308 19.99 -14.72 9.73
CA ASP C 308 21.31 -14.62 9.14
C ASP C 308 21.88 -16.01 9.09
N ALA C 309 21.69 -16.77 10.17
CA ALA C 309 22.35 -18.06 10.27
C ALA C 309 21.48 -19.06 10.98
N LEU C 310 21.66 -20.32 10.62
CA LEU C 310 21.02 -21.46 11.30
C LEU C 310 22.10 -22.32 11.86
N MET C 311 21.84 -22.98 12.97
CA MET C 311 22.88 -23.74 13.63
C MET C 311 22.50 -25.22 13.75
N LEU C 312 23.52 -26.07 13.79
CA LEU C 312 23.40 -27.50 14.07
C LEU C 312 24.16 -27.74 15.36
N SER C 313 23.59 -28.51 16.28
CA SER C 313 24.28 -28.81 17.53
C SER C 313 24.74 -30.26 17.61
N GLY C 314 23.91 -31.15 18.13
CA GLY C 314 24.32 -32.54 18.20
C GLY C 314 24.35 -33.19 16.83
N GLU C 315 23.63 -32.59 15.89
CA GLU C 315 23.65 -33.03 14.50
C GLU C 315 25.07 -33.17 13.93
N THR C 316 25.97 -32.29 14.36
CA THR C 316 27.39 -32.33 13.93
C THR C 316 28.33 -32.72 15.07
N SER C 317 28.01 -32.28 16.28
CA SER C 317 28.87 -32.51 17.43
C SER C 317 28.95 -33.97 17.87
N VAL C 318 27.82 -34.68 18.00
CA VAL C 318 27.89 -36.07 18.45
C VAL C 318 27.23 -37.09 17.56
N GLY C 319 26.56 -36.65 16.51
CA GLY C 319 25.71 -37.56 15.74
C GLY C 319 26.41 -38.43 14.72
N LYS C 320 25.63 -39.20 13.96
CA LYS C 320 26.18 -40.15 12.99
C LYS C 320 26.32 -39.57 11.60
N TYR C 321 25.69 -38.43 11.34
CA TYR C 321 25.71 -37.85 10.00
C TYR C 321 26.04 -36.37 9.96
N PRO C 322 27.23 -35.99 10.46
CA PRO C 322 27.62 -34.58 10.52
C PRO C 322 27.63 -33.96 9.13
N LEU C 323 28.22 -34.66 8.18
CA LEU C 323 28.32 -34.15 6.84
C LEU C 323 26.96 -34.02 6.19
N ALA C 324 26.23 -35.12 6.17
CA ALA C 324 24.92 -35.12 5.53
C ALA C 324 24.00 -34.07 6.14
N ALA C 325 24.14 -33.85 7.45
CA ALA C 325 23.37 -32.80 8.13
C ALA C 325 23.63 -31.42 7.55
N VAL C 326 24.90 -31.11 7.36
CA VAL C 326 25.26 -29.84 6.79
C VAL C 326 24.75 -29.71 5.35
N ARG C 327 24.96 -30.75 4.53
CA ARG C 327 24.54 -30.65 3.14
C ARG C 327 23.04 -30.55 3.07
N THR C 328 22.37 -31.27 3.95
CA THR C 328 20.92 -31.26 3.97
C THR C 328 20.38 -29.89 4.34
N MET C 329 20.92 -29.29 5.40
CA MET C 329 20.53 -27.95 5.78
C MET C 329 20.77 -26.97 4.63
N SER C 330 21.89 -27.14 3.93
CA SER C 330 22.24 -26.28 2.78
C SER C 330 21.30 -26.47 1.59
N ARG C 331 20.91 -27.71 1.30
CA ARG C 331 19.96 -27.93 0.21
C ARG C 331 18.63 -27.24 0.48
N ILE C 332 18.19 -27.30 1.72
CA ILE C 332 16.90 -26.70 2.10
C ILE C 332 16.92 -25.17 2.00
N ILE C 333 18.00 -24.58 2.50
CA ILE C 333 18.15 -23.14 2.46
C ILE C 333 18.19 -22.69 1.02
N CYS C 334 18.82 -23.47 0.17
CA CYS C 334 19.00 -23.07 -1.23
C CYS C 334 17.69 -23.20 -2.00
N ALA C 335 16.92 -24.22 -1.68
CA ALA C 335 15.65 -24.40 -2.33
C ALA C 335 14.80 -23.15 -2.04
N VAL C 336 14.84 -22.66 -0.80
CA VAL C 336 14.00 -21.51 -0.42
C VAL C 336 14.47 -20.21 -1.10
N GLU C 337 15.80 -20.03 -1.17
CA GLU C 337 16.40 -18.79 -1.68
C GLU C 337 16.25 -18.69 -3.19
N GLU C 338 16.35 -19.82 -3.86
CA GLU C 338 16.12 -19.87 -5.31
C GLU C 338 14.72 -19.32 -5.62
N ASN C 339 13.76 -19.65 -4.79
CA ASN C 339 12.44 -19.04 -4.94
C ASN C 339 12.52 -17.54 -4.67
N SER C 340 13.05 -17.16 -3.52
CA SER C 340 13.15 -15.74 -3.16
C SER C 340 13.98 -15.52 -1.92
N THR C 341 14.74 -14.42 -1.94
CA THR C 341 15.60 -14.02 -0.84
C THR C 341 14.89 -13.02 0.05
N ALA C 342 13.61 -12.75 -0.26
CA ALA C 342 12.79 -11.87 0.54
C ALA C 342 12.87 -12.20 2.01
N ALA C 343 12.87 -11.14 2.81
CA ALA C 343 12.75 -11.21 4.25
C ALA C 343 11.64 -10.23 4.64
N PRO C 344 11.05 -10.42 5.83
CA PRO C 344 10.07 -9.44 6.29
C PRO C 344 10.62 -8.01 6.22
N PRO C 345 9.85 -7.10 5.63
CA PRO C 345 10.32 -5.72 5.67
C PRO C 345 10.62 -5.20 7.09
N LEU C 346 11.47 -4.18 7.17
CA LEU C 346 11.74 -3.52 8.43
C LEU C 346 10.55 -2.61 8.71
N THR C 347 10.28 -2.36 9.98
CA THR C 347 9.18 -1.50 10.35
C THR C 347 9.60 -0.04 10.58
N HIS C 348 10.79 0.32 10.12
CA HIS C 348 11.16 1.75 10.05
C HIS C 348 12.04 2.04 8.84
N ILE C 349 11.98 3.28 8.37
CA ILE C 349 12.92 3.79 7.38
C ILE C 349 14.24 4.07 8.08
N PRO C 350 15.36 3.66 7.48
CA PRO C 350 16.71 3.97 7.95
C PRO C 350 16.99 5.42 8.26
N ARG C 351 17.59 5.68 9.42
CA ARG C 351 18.08 7.03 9.81
C ARG C 351 19.61 7.22 9.92
N THR C 352 20.36 6.16 10.20
CA THR C 352 21.82 6.35 10.33
C THR C 352 22.40 6.47 8.95
N LYS C 353 23.46 7.26 8.82
CA LYS C 353 24.08 7.50 7.54
C LYS C 353 24.40 6.20 6.82
N ARG C 354 24.94 5.24 7.55
CA ARG C 354 25.34 3.96 6.94
C ARG C 354 24.11 3.14 6.53
N GLY C 355 23.04 3.25 7.29
CA GLY C 355 21.77 2.57 6.98
C GLY C 355 21.12 3.15 5.73
N VAL C 356 21.06 4.48 5.68
CA VAL C 356 20.47 5.16 4.56
C VAL C 356 21.24 4.92 3.27
N ILE C 357 22.57 4.98 3.38
CA ILE C 357 23.45 4.77 2.22
C ILE C 357 23.45 3.34 1.73
N SER C 358 23.47 2.39 2.65
CA SER C 358 23.41 1.00 2.24
C SER C 358 22.03 0.64 1.67
N TYR C 359 20.97 1.26 2.18
CA TYR C 359 19.64 0.99 1.65
C TYR C 359 19.55 1.53 0.22
N ALA C 360 20.08 2.73 0.00
CA ALA C 360 20.14 3.30 -1.36
C ALA C 360 20.97 2.46 -2.30
N ALA C 361 22.05 1.89 -1.79
CA ALA C 361 23.01 1.19 -2.66
C ALA C 361 22.31 -0.03 -3.22
N ARG C 362 21.58 -0.73 -2.36
CA ARG C 362 20.73 -1.83 -2.77
C ARG C 362 19.76 -1.47 -3.87
N ASP C 363 19.04 -0.37 -3.67
CA ASP C 363 18.11 0.10 -4.67
C ASP C 363 18.80 0.25 -6.00
N ILE C 364 19.96 0.88 -5.98
CA ILE C 364 20.67 1.22 -7.22
C ILE C 364 21.10 -0.04 -7.93
N GLY C 365 21.69 -0.97 -7.18
CA GLY C 365 22.23 -2.17 -7.76
C GLY C 365 21.15 -2.98 -8.43
N GLU C 366 20.04 -3.18 -7.70
CA GLU C 366 18.94 -4.00 -8.25
C GLU C 366 18.29 -3.34 -9.46
N ARG C 367 18.12 -2.02 -9.39
CA ARG C 367 17.42 -1.31 -10.46
C ARG C 367 18.24 -1.25 -11.73
N LEU C 368 19.57 -1.28 -11.58
CA LEU C 368 20.47 -1.31 -12.75
C LEU C 368 21.04 -2.70 -13.11
N ASP C 369 20.51 -3.76 -12.51
CA ASP C 369 20.96 -5.11 -12.83
C ASP C 369 22.47 -5.20 -12.63
N ALA C 370 22.94 -4.60 -11.56
CA ALA C 370 24.32 -4.70 -11.19
C ALA C 370 24.69 -6.16 -10.91
N LYS C 371 25.97 -6.47 -11.01
CA LYS C 371 26.49 -7.86 -10.85
C LYS C 371 26.79 -8.14 -9.40
N ALA C 372 27.00 -7.08 -8.64
CA ALA C 372 27.27 -7.19 -7.24
C ALA C 372 27.13 -5.86 -6.54
N LEU C 373 26.92 -5.94 -5.25
CA LEU C 373 27.00 -4.80 -4.37
C LEU C 373 28.24 -5.03 -3.52
N VAL C 374 29.05 -4.00 -3.36
CA VAL C 374 30.34 -4.12 -2.76
C VAL C 374 30.36 -3.04 -1.72
N ALA C 375 30.82 -3.35 -0.51
CA ALA C 375 30.85 -2.35 0.56
C ALA C 375 32.10 -2.47 1.41
N PHE C 376 32.74 -1.33 1.67
CA PHE C 376 33.95 -1.33 2.47
C PHE C 376 33.54 -1.16 3.91
N THR C 377 34.14 -1.97 4.78
CA THR C 377 33.77 -1.92 6.17
C THR C 377 34.93 -2.30 7.08
N GLN C 378 35.09 -1.48 8.11
CA GLN C 378 36.19 -1.62 9.04
C GLN C 378 35.72 -2.38 10.27
N SER C 379 34.46 -2.19 10.64
CA SER C 379 33.85 -2.85 11.81
C SER C 379 32.77 -3.82 11.40
N GLY C 380 32.34 -3.75 10.15
CA GLY C 380 31.35 -4.70 9.60
C GLY C 380 29.96 -4.08 9.41
N ASP C 381 29.80 -2.93 10.04
CA ASP C 381 28.51 -2.32 10.23
C ASP C 381 27.86 -1.96 8.93
N THR C 382 28.62 -1.36 8.04
CA THR C 382 28.04 -0.88 6.80
C THR C 382 27.49 -2.07 6.01
N VAL C 383 28.21 -3.17 6.07
CA VAL C 383 27.78 -4.37 5.35
C VAL C 383 26.54 -5.00 6.03
N ARG C 384 26.49 -4.96 7.35
CA ARG C 384 25.36 -5.54 8.09
C ARG C 384 24.07 -4.75 7.86
N ARG C 385 24.19 -3.45 7.59
CA ARG C 385 23.03 -2.67 7.29
C ARG C 385 22.46 -2.95 5.92
N LEU C 386 23.28 -3.50 5.03
CA LEU C 386 22.78 -3.96 3.73
C LEU C 386 22.34 -5.43 3.82
N ALA C 387 23.06 -6.23 4.58
CA ALA C 387 22.81 -7.67 4.60
C ALA C 387 21.40 -7.92 5.09
N ARG C 388 21.01 -7.15 6.11
CA ARG C 388 19.77 -7.30 6.79
C ARG C 388 18.62 -7.17 5.81
N LEU C 389 18.83 -6.39 4.74
CA LEU C 389 17.78 -6.10 3.79
C LEU C 389 17.50 -7.26 2.88
N HIS C 390 18.45 -8.17 2.77
CA HIS C 390 18.42 -9.19 1.76
C HIS C 390 18.34 -8.60 0.35
N THR C 391 18.85 -9.35 -0.62
CA THR C 391 18.87 -8.96 -2.02
C THR C 391 19.35 -10.21 -2.73
N PRO C 392 18.88 -10.43 -3.97
CA PRO C 392 19.42 -11.54 -4.73
C PRO C 392 20.83 -11.30 -5.27
N LEU C 393 21.35 -10.08 -5.17
CA LEU C 393 22.69 -9.78 -5.70
C LEU C 393 23.76 -10.20 -4.71
N PRO C 394 24.93 -10.61 -5.23
CA PRO C 394 26.03 -10.79 -4.35
C PRO C 394 26.34 -9.55 -3.54
N LEU C 395 26.63 -9.79 -2.26
CA LEU C 395 26.98 -8.72 -1.36
C LEU C 395 28.39 -9.02 -0.88
N LEU C 396 29.33 -8.19 -1.27
CA LEU C 396 30.76 -8.48 -1.07
C LEU C 396 31.30 -7.42 -0.18
N ALA C 397 31.74 -7.81 1.01
CA ALA C 397 32.34 -6.88 1.93
C ALA C 397 33.84 -6.79 1.62
N PHE C 398 34.41 -5.59 1.68
CA PHE C 398 35.85 -5.42 1.55
C PHE C 398 36.35 -4.80 2.84
N THR C 399 37.52 -5.25 3.29
CA THR C 399 38.05 -4.78 4.55
C THR C 399 39.56 -4.96 4.57
N ALA C 400 40.24 -4.22 5.43
CA ALA C 400 41.68 -4.49 5.63
C ALA C 400 41.95 -5.21 6.93
N TRP C 401 40.89 -5.53 7.67
CA TRP C 401 41.06 -6.20 8.95
C TRP C 401 40.56 -7.62 8.89
N PRO C 402 41.51 -8.61 8.80
CA PRO C 402 41.27 -10.04 8.60
C PRO C 402 40.16 -10.62 9.47
N GLU C 403 40.09 -10.15 10.71
CA GLU C 403 39.18 -10.74 11.67
C GLU C 403 37.75 -10.39 11.29
N VAL C 404 37.58 -9.29 10.55
CA VAL C 404 36.26 -8.86 10.11
C VAL C 404 35.62 -9.87 9.13
N ARG C 405 36.46 -10.47 8.30
CA ARG C 405 36.07 -11.53 7.39
C ARG C 405 35.47 -12.73 8.10
N SER C 406 36.04 -13.06 9.25
CA SER C 406 35.60 -14.18 10.04
C SER C 406 34.33 -13.80 10.81
N GLN C 407 34.30 -12.57 11.32
CA GLN C 407 33.12 -12.07 11.97
C GLN C 407 31.92 -12.00 11.02
N LEU C 408 32.14 -11.64 9.77
CA LEU C 408 31.07 -11.57 8.78
C LEU C 408 30.66 -12.91 8.22
N ALA C 409 31.36 -13.97 8.61
CA ALA C 409 30.95 -15.32 8.25
C ALA C 409 29.54 -15.67 8.77
N MET C 410 29.07 -14.96 9.81
CA MET C 410 27.73 -15.16 10.30
C MET C 410 26.70 -14.14 9.82
N THR C 411 27.09 -13.22 8.94
CA THR C 411 26.19 -12.22 8.40
C THR C 411 25.62 -12.72 7.07
N TRP C 412 24.29 -12.65 6.92
CA TRP C 412 23.59 -13.14 5.71
C TRP C 412 24.25 -12.67 4.40
N GLY C 413 24.36 -13.63 3.48
CA GLY C 413 24.56 -13.34 2.07
C GLY C 413 25.88 -12.70 1.72
N THR C 414 26.79 -12.67 2.69
CA THR C 414 27.96 -11.83 2.62
C THR C 414 29.26 -12.61 2.42
N GLU C 415 30.01 -12.30 1.37
CA GLU C 415 31.41 -12.78 1.23
C GLU C 415 32.40 -11.64 1.48
N THR C 416 33.50 -11.95 2.14
CA THR C 416 34.48 -10.90 2.45
C THR C 416 35.80 -11.03 1.69
N PHE C 417 36.38 -9.88 1.35
CA PHE C 417 37.69 -9.81 0.68
C PHE C 417 38.62 -8.95 1.50
N ILE C 418 39.77 -9.51 1.87
CA ILE C 418 40.80 -8.73 2.57
C ILE C 418 41.64 -7.99 1.52
N VAL C 419 41.92 -6.72 1.77
CA VAL C 419 42.79 -5.93 0.90
C VAL C 419 43.56 -4.97 1.77
N PRO C 420 44.61 -4.34 1.21
CA PRO C 420 45.42 -3.47 2.03
C PRO C 420 44.66 -2.27 2.53
N LYS C 421 45.14 -1.69 3.63
CA LYS C 421 44.64 -0.42 4.12
C LYS C 421 44.98 0.68 3.14
N MET C 422 43.96 1.28 2.54
CA MET C 422 44.15 2.25 1.46
C MET C 422 43.95 3.64 2.04
N GLN C 423 44.56 4.65 1.39
CA GLN C 423 44.47 6.03 1.88
C GLN C 423 43.58 6.90 1.00
N SER C 424 42.93 6.30 0.01
CA SER C 424 41.89 7.02 -0.76
C SER C 424 40.76 6.07 -1.19
N THR C 425 39.63 6.66 -1.59
CA THR C 425 38.53 5.86 -2.15
C THR C 425 38.82 5.37 -3.56
N ASP C 426 39.54 6.17 -4.35
CA ASP C 426 39.94 5.72 -5.70
C ASP C 426 40.69 4.42 -5.53
N GLY C 427 41.49 4.37 -4.46
CA GLY C 427 42.36 3.23 -4.19
C GLY C 427 41.56 2.04 -3.72
N MET C 428 40.63 2.29 -2.81
CA MET C 428 39.65 1.25 -2.45
C MET C 428 39.02 0.62 -3.70
N ILE C 429 38.60 1.45 -4.64
CA ILE C 429 37.97 0.95 -5.87
C ILE C 429 38.91 0.18 -6.80
N ARG C 430 40.17 0.64 -6.97
CA ARG C 430 41.13 -0.13 -7.74
C ARG C 430 41.28 -1.52 -7.13
N GLN C 431 41.32 -1.58 -5.80
CA GLN C 431 41.43 -2.84 -5.10
C GLN C 431 40.22 -3.77 -5.38
N VAL C 432 39.03 -3.18 -5.47
CA VAL C 432 37.85 -3.95 -5.88
C VAL C 432 38.12 -4.61 -7.24
N ASP C 433 38.48 -3.82 -8.23
CA ASP C 433 38.71 -4.33 -9.59
C ASP C 433 39.72 -5.50 -9.58
N LYS C 434 40.81 -5.31 -8.86
CA LYS C 434 41.88 -6.30 -8.83
C LYS C 434 41.39 -7.61 -8.23
N SER C 435 40.81 -7.51 -7.03
CA SER C 435 40.35 -8.71 -6.31
C SER C 435 39.35 -9.47 -7.19
N LEU C 436 38.43 -8.74 -7.82
CA LEU C 436 37.34 -9.38 -8.50
C LEU C 436 37.76 -9.94 -9.85
N LEU C 437 38.72 -9.28 -10.50
CA LEU C 437 39.10 -9.69 -11.84
C LEU C 437 39.85 -11.01 -11.85
N GLU C 438 40.35 -11.43 -10.70
CA GLU C 438 41.08 -12.71 -10.61
C GLU C 438 40.13 -13.87 -10.67
N LEU C 439 38.85 -13.55 -10.47
CA LEU C 439 37.82 -14.57 -10.24
C LEU C 439 37.11 -14.92 -11.54
N ALA C 440 36.93 -16.22 -11.75
CA ALA C 440 36.04 -16.70 -12.79
C ALA C 440 34.75 -15.86 -12.87
N ARG C 441 34.25 -15.44 -11.71
CA ARG C 441 32.88 -14.83 -11.62
C ARG C 441 32.78 -13.45 -12.29
N TYR C 442 33.81 -12.63 -12.13
CA TYR C 442 33.78 -11.28 -12.71
C TYR C 442 34.76 -11.09 -13.87
N LYS C 443 34.48 -10.07 -14.71
CA LYS C 443 35.32 -9.72 -15.88
C LYS C 443 35.18 -8.21 -16.14
N ARG C 444 36.09 -7.65 -16.92
CA ARG C 444 36.06 -6.22 -17.24
C ARG C 444 34.72 -5.92 -17.88
N GLY C 445 34.19 -4.73 -17.66
CA GLY C 445 32.89 -4.38 -18.19
C GLY C 445 31.74 -4.60 -17.21
N ASP C 446 31.96 -5.47 -16.23
CA ASP C 446 30.90 -5.85 -15.29
C ASP C 446 30.50 -4.69 -14.39
N LEU C 447 29.20 -4.45 -14.29
CA LEU C 447 28.68 -3.33 -13.54
C LEU C 447 28.58 -3.71 -12.08
N VAL C 448 29.12 -2.90 -11.19
CA VAL C 448 29.01 -3.12 -9.76
C VAL C 448 28.75 -1.78 -9.07
N VAL C 449 28.28 -1.83 -7.83
CA VAL C 449 27.92 -0.63 -7.09
C VAL C 449 28.71 -0.71 -5.81
N ILE C 450 29.55 0.29 -5.57
CA ILE C 450 30.50 0.24 -4.49
C ILE C 450 30.20 1.28 -3.45
N VAL C 451 30.19 0.86 -2.19
CA VAL C 451 30.02 1.75 -1.07
C VAL C 451 31.36 1.90 -0.34
N ALA C 452 31.76 3.14 -0.07
CA ALA C 452 33.00 3.40 0.62
C ALA C 452 32.86 4.70 1.40
N GLY C 453 33.94 5.12 2.04
CA GLY C 453 33.89 6.36 2.82
C GLY C 453 35.22 7.03 3.06
N ALA C 454 35.20 8.35 3.16
CA ALA C 454 36.36 9.09 3.65
C ALA C 454 35.86 9.95 4.81
N PRO C 455 36.72 10.21 5.79
CA PRO C 455 38.13 9.85 5.74
C PRO C 455 38.38 8.36 5.78
N PRO C 456 39.34 7.87 4.97
CA PRO C 456 39.71 6.44 4.83
C PRO C 456 40.16 5.82 6.12
N GLY C 457 39.95 4.52 6.24
CA GLY C 457 40.29 3.79 7.46
C GLY C 457 39.70 4.37 8.73
N THR C 458 38.49 4.92 8.63
CA THR C 458 37.78 5.41 9.81
C THR C 458 36.37 4.73 9.91
N VAL C 459 36.12 4.08 11.04
CA VAL C 459 34.86 3.43 11.25
C VAL C 459 33.73 4.46 11.12
N GLY C 460 32.73 4.15 10.32
CA GLY C 460 31.52 4.99 10.17
C GLY C 460 31.64 6.18 9.22
N SER C 461 32.72 6.28 8.46
CA SER C 461 32.92 7.44 7.59
C SER C 461 32.20 7.24 6.28
N THR C 462 31.76 6.01 6.06
CA THR C 462 30.95 5.67 4.88
C THR C 462 30.11 6.83 4.35
N ASN C 463 30.39 7.27 3.11
CA ASN C 463 29.71 8.43 2.56
C ASN C 463 29.68 8.54 1.05
N LEU C 464 29.88 7.45 0.33
CA LEU C 464 29.82 7.53 -1.12
C LEU C 464 29.34 6.24 -1.73
N ILE C 465 28.65 6.38 -2.86
CA ILE C 465 28.26 5.25 -3.65
C ILE C 465 28.71 5.52 -5.06
N HIS C 466 29.32 4.52 -5.68
CA HIS C 466 29.89 4.70 -6.99
C HIS C 466 29.49 3.57 -7.84
N VAL C 467 28.89 3.87 -8.96
CA VAL C 467 28.48 2.82 -9.89
C VAL C 467 29.59 2.63 -10.87
N HIS C 468 30.17 1.43 -10.91
CA HIS C 468 31.45 1.26 -11.55
C HIS C 468 31.45 0.05 -12.46
N ARG C 469 32.05 0.22 -13.62
CA ARG C 469 32.28 -0.91 -14.50
C ARG C 469 33.71 -1.37 -14.30
N ILE C 470 33.88 -2.65 -14.06
CA ILE C 470 35.16 -3.18 -13.68
C ILE C 470 36.19 -2.95 -14.77
N GLY C 471 37.27 -2.27 -14.39
CA GLY C 471 38.42 -2.07 -15.27
C GLY C 471 38.34 -0.81 -16.10
N GLU C 472 37.17 -0.17 -16.13
CA GLU C 472 36.94 0.98 -16.99
C GLU C 472 37.26 2.24 -16.25
N ASP C 473 37.50 3.29 -17.01
CA ASP C 473 38.02 4.57 -16.51
C ASP C 473 36.84 5.49 -16.23
N ASP C 474 36.09 5.20 -15.17
CA ASP C 474 34.92 6.01 -14.81
C ASP C 474 35.00 6.50 -13.38
N VAL C 475 36.20 6.53 -12.80
CA VAL C 475 36.37 7.05 -11.45
C VAL C 475 37.20 8.31 -11.48
N THR D 5 -10.17 -19.38 22.42
CA THR D 5 -10.18 -20.86 22.19
C THR D 5 -9.99 -21.15 20.69
N ARG D 6 -9.76 -22.41 20.36
CA ARG D 6 -9.05 -22.72 19.14
C ARG D 6 -9.90 -22.70 17.91
N ARG D 7 -9.32 -22.17 16.85
CA ARG D 7 -9.98 -21.99 15.58
C ARG D 7 -9.51 -23.05 14.61
N GLY D 8 -8.20 -23.15 14.42
CA GLY D 8 -7.64 -24.22 13.57
C GLY D 8 -8.09 -25.62 13.97
N LYS D 9 -8.40 -26.45 12.99
CA LYS D 9 -8.95 -27.76 13.25
C LYS D 9 -7.87 -28.83 13.25
N ILE D 10 -8.10 -29.90 14.03
CA ILE D 10 -7.12 -30.98 14.27
C ILE D 10 -7.69 -32.29 13.79
N VAL D 11 -7.02 -32.94 12.84
CA VAL D 11 -7.38 -34.27 12.37
C VAL D 11 -6.50 -35.35 13.03
N CYS D 12 -7.11 -36.41 13.55
CA CYS D 12 -6.37 -37.51 14.16
C CYS D 12 -6.59 -38.79 13.39
N THR D 13 -5.56 -39.61 13.28
CA THR D 13 -5.70 -40.90 12.59
C THR D 13 -5.91 -41.97 13.64
N LEU D 14 -6.83 -42.88 13.36
CA LEU D 14 -7.16 -43.93 14.31
C LEU D 14 -6.38 -45.14 13.94
N GLY D 15 -6.05 -45.92 14.95
CA GLY D 15 -5.33 -47.19 14.76
C GLY D 15 -5.19 -47.84 16.11
N PRO D 16 -4.31 -48.85 16.21
CA PRO D 16 -4.13 -49.65 17.43
C PRO D 16 -4.08 -48.85 18.72
N ALA D 17 -3.54 -47.63 18.68
CA ALA D 17 -3.34 -46.87 19.92
C ALA D 17 -4.63 -46.13 20.32
N THR D 18 -5.58 -46.06 19.40
CA THR D 18 -6.89 -45.50 19.70
C THR D 18 -8.00 -46.56 19.84
N GLN D 19 -7.65 -47.85 19.77
CA GLN D 19 -8.60 -48.94 20.01
C GLN D 19 -8.76 -49.20 21.50
N ARG D 20 -7.70 -48.91 22.24
CA ARG D 20 -7.65 -49.02 23.70
C ARG D 20 -8.82 -48.23 24.33
N ASP D 21 -9.27 -48.68 25.49
CA ASP D 21 -10.55 -48.21 26.01
C ASP D 21 -10.67 -46.72 26.24
N ASP D 22 -11.77 -46.18 25.71
CA ASP D 22 -12.17 -44.82 25.95
C ASP D 22 -11.15 -43.81 25.42
N LEU D 23 -10.35 -44.25 24.46
CA LEU D 23 -9.35 -43.36 23.89
C LEU D 23 -9.95 -42.47 22.86
N VAL D 24 -10.77 -43.02 21.97
CA VAL D 24 -11.51 -42.20 21.04
C VAL D 24 -12.28 -41.10 21.79
N ARG D 25 -12.81 -41.44 22.95
CA ARG D 25 -13.58 -40.50 23.72
C ARG D 25 -12.67 -39.39 24.20
N ALA D 26 -11.55 -39.78 24.79
CA ALA D 26 -10.60 -38.81 25.34
C ALA D 26 -10.03 -37.85 24.26
N LEU D 27 -9.92 -38.33 23.02
CA LEU D 27 -9.45 -37.50 21.93
C LEU D 27 -10.44 -36.45 21.56
N VAL D 28 -11.70 -36.84 21.55
CA VAL D 28 -12.75 -35.91 21.24
C VAL D 28 -12.77 -34.88 22.36
N GLU D 29 -12.71 -35.33 23.61
CA GLU D 29 -12.68 -34.41 24.75
C GLU D 29 -11.46 -33.48 24.67
N ALA D 30 -10.33 -33.97 24.14
CA ALA D 30 -9.13 -33.13 24.02
C ALA D 30 -9.10 -32.21 22.78
N GLY D 31 -9.98 -32.44 21.83
CA GLY D 31 -10.10 -31.48 20.72
C GLY D 31 -10.28 -32.03 19.31
N MET D 32 -10.21 -33.35 19.15
CA MET D 32 -10.22 -33.93 17.80
C MET D 32 -11.42 -33.49 16.98
N ASP D 33 -11.17 -32.96 15.78
CA ASP D 33 -12.25 -32.52 14.91
C ASP D 33 -12.59 -33.47 13.80
N VAL D 34 -11.61 -34.21 13.32
CA VAL D 34 -11.85 -35.18 12.31
C VAL D 34 -11.08 -36.42 12.65
N ALA D 35 -11.73 -37.57 12.49
CA ALA D 35 -11.08 -38.84 12.69
C ALA D 35 -10.78 -39.44 11.34
N ARG D 36 -9.49 -39.73 11.11
CA ARG D 36 -9.08 -40.35 9.87
C ARG D 36 -9.08 -41.87 10.02
N MET D 37 -9.67 -42.54 9.04
CA MET D 37 -9.77 -43.98 9.04
C MET D 37 -8.89 -44.42 7.90
N ASN D 38 -7.80 -45.10 8.22
CA ASN D 38 -6.79 -45.37 7.18
C ASN D 38 -7.01 -46.78 6.66
N PHE D 39 -7.52 -46.88 5.43
CA PHE D 39 -7.76 -48.18 4.83
C PHE D 39 -6.54 -48.95 4.34
N SER D 40 -5.35 -48.37 4.48
CA SER D 40 -4.09 -49.14 4.35
C SER D 40 -3.96 -50.22 5.41
N HIS D 41 -4.61 -50.00 6.55
CA HIS D 41 -4.46 -50.90 7.70
C HIS D 41 -5.87 -51.27 8.20
N GLY D 42 -5.97 -52.39 8.93
CA GLY D 42 -7.17 -52.76 9.66
C GLY D 42 -8.13 -53.64 8.88
N ASP D 43 -8.94 -54.40 9.64
CA ASP D 43 -10.11 -55.16 9.18
C ASP D 43 -11.39 -54.26 9.13
N TYR D 44 -12.35 -54.60 8.26
CA TYR D 44 -13.61 -53.85 8.22
C TYR D 44 -14.31 -53.80 9.59
N ASP D 45 -14.11 -54.82 10.39
CA ASP D 45 -14.65 -54.90 11.74
C ASP D 45 -14.02 -53.85 12.64
N ASP D 46 -12.71 -53.65 12.52
CA ASP D 46 -12.01 -52.59 13.26
C ASP D 46 -12.54 -51.21 12.88
N HIS D 47 -12.76 -50.99 11.58
CA HIS D 47 -13.20 -49.67 11.10
C HIS D 47 -14.64 -49.41 11.53
N LYS D 48 -15.48 -50.44 11.53
CA LYS D 48 -16.81 -50.30 12.08
C LYS D 48 -16.71 -49.90 13.56
N VAL D 49 -16.12 -50.74 14.37
CA VAL D 49 -15.97 -50.43 15.79
C VAL D 49 -15.51 -48.99 16.03
N ALA D 50 -14.56 -48.52 15.24
CA ALA D 50 -13.97 -47.22 15.49
C ALA D 50 -14.92 -46.09 15.04
N TYR D 51 -15.52 -46.26 13.87
CA TYR D 51 -16.61 -45.34 13.41
C TYR D 51 -17.66 -45.13 14.50
N GLU D 52 -18.06 -46.22 15.11
CA GLU D 52 -19.07 -46.19 16.16
C GLU D 52 -18.58 -45.44 17.38
N ARG D 53 -17.34 -45.67 17.79
CA ARG D 53 -16.82 -44.99 18.99
C ARG D 53 -16.73 -43.48 18.74
N VAL D 54 -16.59 -43.09 17.48
CA VAL D 54 -16.53 -41.65 17.14
C VAL D 54 -17.92 -41.02 17.17
N ARG D 55 -18.89 -41.67 16.53
CA ARG D 55 -20.30 -41.25 16.59
C ARG D 55 -20.76 -41.11 18.04
N VAL D 56 -20.49 -42.12 18.85
CA VAL D 56 -20.88 -42.08 20.24
C VAL D 56 -20.32 -40.86 20.94
N ALA D 57 -19.01 -40.70 20.85
CA ALA D 57 -18.29 -39.63 21.57
C ALA D 57 -18.68 -38.24 21.06
N SER D 58 -18.89 -38.12 19.76
CA SER D 58 -19.46 -36.90 19.20
C SER D 58 -20.84 -36.59 19.80
N ASP D 59 -21.75 -37.55 19.72
CA ASP D 59 -23.11 -37.35 20.25
C ASP D 59 -23.09 -37.19 21.79
N ALA D 60 -22.18 -37.87 22.48
CA ALA D 60 -22.14 -37.78 23.94
C ALA D 60 -21.57 -36.46 24.44
N THR D 61 -20.59 -35.90 23.74
CA THR D 61 -19.98 -34.62 24.13
C THR D 61 -20.71 -33.41 23.54
N GLY D 62 -21.40 -33.58 22.42
CA GLY D 62 -21.98 -32.45 21.72
C GLY D 62 -21.02 -31.82 20.75
N ARG D 63 -19.83 -32.39 20.59
CA ARG D 63 -18.83 -31.83 19.69
C ARG D 63 -18.91 -32.50 18.32
N ALA D 64 -18.78 -31.70 17.26
CA ALA D 64 -18.76 -32.18 15.90
C ALA D 64 -17.51 -32.98 15.70
N VAL D 65 -17.61 -34.12 15.03
CA VAL D 65 -16.43 -34.88 14.65
C VAL D 65 -16.66 -35.58 13.32
N GLY D 66 -16.04 -35.06 12.27
CA GLY D 66 -16.14 -35.62 10.93
C GLY D 66 -15.42 -36.92 10.89
N VAL D 67 -15.85 -37.82 10.01
CA VAL D 67 -15.13 -39.05 9.81
C VAL D 67 -14.63 -39.09 8.39
N LEU D 68 -13.31 -39.25 8.24
CA LEU D 68 -12.66 -39.17 6.96
C LEU D 68 -12.14 -40.55 6.57
N ALA D 69 -12.66 -41.11 5.48
CA ALA D 69 -12.18 -42.38 5.02
C ALA D 69 -11.05 -42.17 4.03
N ASP D 70 -9.87 -42.71 4.36
CA ASP D 70 -8.68 -42.52 3.52
C ASP D 70 -8.37 -43.78 2.75
N LEU D 71 -8.52 -43.69 1.43
CA LEU D 71 -8.28 -44.79 0.51
C LEU D 71 -6.79 -44.89 0.12
N GLN D 72 -6.27 -46.12 0.17
CA GLN D 72 -4.86 -46.37 0.03
C GLN D 72 -4.34 -45.98 -1.36
N GLY D 73 -5.17 -46.12 -2.37
CA GLY D 73 -4.75 -45.78 -3.71
C GLY D 73 -3.71 -46.79 -4.19
N PRO D 74 -3.01 -46.45 -5.27
CA PRO D 74 -2.00 -47.32 -5.91
C PRO D 74 -0.67 -47.32 -5.18
N LYS D 75 -0.72 -47.67 -3.90
CA LYS D 75 0.44 -47.62 -3.04
C LYS D 75 1.25 -48.89 -3.23
N ILE D 76 2.53 -48.72 -3.55
CA ILE D 76 3.42 -49.85 -3.74
C ILE D 76 4.08 -50.22 -2.43
N ARG D 77 4.19 -51.50 -2.13
CA ARG D 77 4.71 -51.92 -0.82
C ARG D 77 5.56 -53.18 -0.85
N LEU D 78 6.37 -53.34 0.19
CA LEU D 78 7.02 -54.62 0.46
C LEU D 78 5.99 -55.61 1.04
N GLY D 79 6.29 -56.91 0.95
CA GLY D 79 5.46 -57.93 1.55
C GLY D 79 5.89 -58.15 2.99
N ARG D 80 5.95 -59.40 3.41
CA ARG D 80 6.14 -59.74 4.81
C ARG D 80 7.49 -60.40 5.02
N PHE D 81 8.08 -60.17 6.20
CA PHE D 81 9.35 -60.83 6.57
C PHE D 81 9.08 -61.90 7.62
N ALA D 82 9.90 -62.94 7.60
CA ALA D 82 9.79 -64.05 8.54
C ALA D 82 10.38 -63.72 9.92
N SER D 83 10.41 -62.45 10.30
CA SER D 83 10.36 -62.09 11.73
C SER D 83 9.29 -60.99 11.94
N GLY D 84 8.78 -60.43 10.83
CA GLY D 84 7.98 -59.21 10.93
C GLY D 84 8.80 -57.95 10.81
N ALA D 85 10.09 -58.03 11.12
CA ALA D 85 11.01 -56.88 10.99
C ALA D 85 12.46 -57.35 10.83
N THR D 86 13.26 -56.55 10.13
CA THR D 86 14.69 -56.83 10.00
C THR D 86 15.47 -55.50 9.94
N HIS D 87 16.79 -55.61 9.89
CA HIS D 87 17.62 -54.42 9.73
C HIS D 87 18.37 -54.47 8.41
N TRP D 88 18.20 -53.44 7.61
CA TRP D 88 18.93 -53.29 6.35
C TRP D 88 20.03 -52.26 6.52
N ALA D 89 21.26 -52.73 6.71
CA ALA D 89 22.41 -51.85 6.98
C ALA D 89 23.12 -51.41 5.69
N GLU D 90 23.60 -50.15 5.69
CA GLU D 90 24.43 -49.65 4.60
C GLU D 90 25.42 -50.76 4.18
N GLY D 91 25.49 -51.04 2.89
CA GLY D 91 26.49 -51.96 2.39
C GLY D 91 25.99 -53.35 2.03
N GLU D 92 24.78 -53.68 2.48
CA GLU D 92 24.22 -55.01 2.25
C GLU D 92 23.59 -55.09 0.89
N THR D 93 23.58 -56.30 0.34
CA THR D 93 22.85 -56.60 -0.88
C THR D 93 21.48 -57.18 -0.52
N VAL D 94 20.43 -56.57 -1.08
CA VAL D 94 19.05 -56.97 -0.83
C VAL D 94 18.31 -57.20 -2.15
N ARG D 95 17.44 -58.20 -2.17
CA ARG D 95 16.62 -58.49 -3.35
C ARG D 95 15.16 -58.16 -3.07
N ILE D 96 14.52 -57.43 -3.99
CA ILE D 96 13.07 -57.23 -3.92
C ILE D 96 12.42 -57.88 -5.14
N THR D 97 11.62 -58.92 -4.88
CA THR D 97 11.14 -59.75 -5.96
C THR D 97 9.65 -59.58 -6.22
N VAL D 98 9.26 -59.73 -7.47
CA VAL D 98 7.85 -59.74 -7.83
C VAL D 98 7.31 -61.18 -7.79
N GLY D 99 8.19 -62.13 -7.52
CA GLY D 99 7.80 -63.53 -7.40
C GLY D 99 7.49 -63.89 -5.97
N ALA D 100 7.08 -65.13 -5.77
CA ALA D 100 6.71 -65.59 -4.43
C ALA D 100 7.96 -65.97 -3.66
N CYS D 101 7.99 -65.72 -2.36
CA CYS D 101 9.13 -66.17 -1.55
C CYS D 101 8.84 -66.33 -0.06
N GLU D 102 9.72 -67.07 0.62
CA GLU D 102 9.92 -66.92 2.05
C GLU D 102 10.67 -65.60 2.23
N GLY D 103 10.00 -64.62 2.83
CA GLY D 103 10.60 -63.27 2.98
C GLY D 103 11.55 -63.23 4.17
N SER D 104 12.76 -62.67 3.96
CA SER D 104 13.79 -62.67 5.00
C SER D 104 14.57 -61.39 4.86
N HIS D 105 15.62 -61.28 5.65
CA HIS D 105 16.58 -60.19 5.49
C HIS D 105 17.03 -59.98 4.04
N ASP D 106 17.30 -61.07 3.33
CA ASP D 106 17.96 -61.04 2.01
C ASP D 106 16.96 -60.84 0.86
N ARG D 107 15.73 -61.27 1.07
CA ARG D 107 14.76 -61.34 -0.02
C ARG D 107 13.31 -61.21 0.49
N VAL D 108 12.60 -60.25 -0.10
CA VAL D 108 11.25 -59.92 0.31
C VAL D 108 10.40 -59.59 -0.93
N SER D 109 9.11 -59.89 -0.87
CA SER D 109 8.19 -59.66 -1.99
C SER D 109 7.86 -58.16 -2.15
N THR D 110 7.26 -57.80 -3.28
CA THR D 110 6.58 -56.50 -3.40
C THR D 110 5.22 -56.65 -4.09
N THR D 111 4.34 -55.67 -3.91
CA THR D 111 2.99 -55.71 -4.47
C THR D 111 2.98 -55.24 -5.91
N TYR D 112 3.99 -54.48 -6.31
CA TYR D 112 4.00 -53.92 -7.68
C TYR D 112 4.66 -54.92 -8.57
N LYS D 113 3.88 -55.51 -9.46
CA LYS D 113 4.33 -56.70 -10.17
C LYS D 113 5.10 -56.35 -11.43
N ARG D 114 5.08 -55.07 -11.80
CA ARG D 114 5.86 -54.54 -12.92
C ARG D 114 7.26 -54.11 -12.49
N LEU D 115 7.64 -54.36 -11.25
CA LEU D 115 8.90 -53.81 -10.72
C LEU D 115 10.14 -54.35 -11.45
N ALA D 116 10.22 -55.67 -11.60
CA ALA D 116 11.33 -56.26 -12.36
C ALA D 116 11.27 -55.80 -13.83
N GLN D 117 10.07 -55.52 -14.31
CA GLN D 117 9.88 -55.06 -15.67
C GLN D 117 10.11 -53.55 -15.87
N ASP D 118 10.08 -52.77 -14.80
CA ASP D 118 10.19 -51.30 -14.91
C ASP D 118 11.49 -50.73 -14.31
N ALA D 119 12.28 -51.58 -13.65
CA ALA D 119 13.46 -51.11 -12.92
C ALA D 119 14.73 -51.20 -13.78
N VAL D 120 15.51 -50.13 -13.73
CA VAL D 120 16.81 -50.03 -14.44
C VAL D 120 17.93 -49.88 -13.37
N ALA D 121 19.09 -50.49 -13.59
CA ALA D 121 20.23 -50.19 -12.74
C ALA D 121 20.36 -48.67 -12.55
N GLY D 122 20.58 -48.25 -11.31
CA GLY D 122 20.68 -46.82 -10.98
C GLY D 122 19.42 -46.20 -10.39
N ASP D 123 18.31 -46.91 -10.47
CA ASP D 123 17.07 -46.38 -9.95
C ASP D 123 17.21 -46.43 -8.47
N ARG D 124 16.62 -45.45 -7.81
CA ARG D 124 16.63 -45.37 -6.34
C ARG D 124 15.31 -45.92 -5.77
N VAL D 125 15.43 -46.67 -4.66
CA VAL D 125 14.25 -47.19 -3.96
C VAL D 125 14.26 -46.65 -2.55
N LEU D 126 13.26 -45.83 -2.20
CA LEU D 126 13.16 -45.32 -0.83
C LEU D 126 12.04 -46.05 -0.08
N VAL D 127 12.31 -46.42 1.16
CA VAL D 127 11.42 -47.28 1.89
C VAL D 127 10.90 -46.52 3.11
N ASP D 128 9.63 -46.72 3.45
CA ASP D 128 9.12 -46.22 4.74
C ASP D 128 9.31 -44.68 4.71
N ASP D 129 9.03 -44.09 3.54
CA ASP D 129 9.17 -42.65 3.31
C ASP D 129 10.63 -42.11 3.49
N GLY D 130 11.61 -42.99 3.33
CA GLY D 130 13.04 -42.56 3.12
C GLY D 130 14.05 -42.96 4.20
N LYS D 131 13.59 -43.68 5.23
CA LYS D 131 14.43 -44.14 6.33
C LYS D 131 15.14 -45.46 6.01
N VAL D 132 15.05 -45.86 4.76
CA VAL D 132 15.97 -46.79 4.18
C VAL D 132 16.00 -46.46 2.71
N ALA D 133 17.20 -46.34 2.14
CA ALA D 133 17.34 -46.05 0.70
C ALA D 133 18.23 -47.09 0.04
N LEU D 134 17.80 -47.56 -1.12
CA LEU D 134 18.55 -48.54 -1.84
C LEU D 134 18.80 -48.00 -3.23
N VAL D 135 19.82 -48.50 -3.89
CA VAL D 135 19.99 -48.27 -5.31
C VAL D 135 19.98 -49.62 -6.03
N VAL D 136 19.29 -49.67 -7.16
CA VAL D 136 19.20 -50.87 -7.96
C VAL D 136 20.49 -51.11 -8.70
N ASP D 137 21.03 -52.31 -8.53
CA ASP D 137 22.26 -52.70 -9.21
C ASP D 137 21.95 -53.50 -10.46
N ALA D 138 21.02 -54.46 -10.35
CA ALA D 138 20.55 -55.20 -11.53
C ALA D 138 19.16 -55.82 -11.33
N VAL D 139 18.55 -56.22 -12.45
CA VAL D 139 17.38 -57.11 -12.47
C VAL D 139 17.76 -58.52 -12.98
N GLU D 140 17.68 -59.55 -12.11
CA GLU D 140 17.87 -60.96 -12.53
C GLU D 140 16.53 -61.72 -12.51
N GLY D 141 15.92 -61.88 -13.68
CA GLY D 141 14.58 -62.46 -13.77
C GLY D 141 13.58 -61.66 -12.96
N ASP D 142 13.11 -62.24 -11.84
CA ASP D 142 12.05 -61.60 -11.05
C ASP D 142 12.56 -60.72 -9.92
N ASP D 143 13.89 -60.71 -9.73
CA ASP D 143 14.47 -60.02 -8.59
C ASP D 143 15.14 -58.72 -8.98
N VAL D 144 14.91 -57.68 -8.19
CA VAL D 144 15.64 -56.45 -8.32
C VAL D 144 16.72 -56.45 -7.24
N VAL D 145 17.96 -56.62 -7.69
CA VAL D 145 19.13 -56.71 -6.80
C VAL D 145 19.57 -55.31 -6.44
N CYS D 146 19.67 -55.02 -5.15
CA CYS D 146 19.99 -53.65 -4.72
C CYS D 146 21.08 -53.59 -3.69
N THR D 147 21.55 -52.37 -3.49
CA THR D 147 22.49 -52.10 -2.46
C THR D 147 21.89 -51.10 -1.51
N VAL D 148 21.93 -51.41 -0.21
CA VAL D 148 21.48 -50.47 0.77
C VAL D 148 22.50 -49.34 0.79
N VAL D 149 22.06 -48.14 0.44
CA VAL D 149 22.89 -46.97 0.47
C VAL D 149 22.64 -46.15 1.74
N GLU D 150 21.43 -46.23 2.29
CA GLU D 150 21.16 -45.64 3.60
C GLU D 150 20.40 -46.66 4.44
N GLY D 151 20.97 -46.99 5.60
CA GLY D 151 20.50 -48.12 6.37
C GLY D 151 19.45 -47.75 7.39
N GLY D 152 18.72 -48.78 7.84
CA GLY D 152 17.60 -48.61 8.77
C GLY D 152 16.78 -49.89 8.95
N PRO D 153 15.87 -49.89 9.93
CA PRO D 153 14.95 -51.02 10.09
C PRO D 153 13.87 -51.01 9.03
N VAL D 154 13.53 -52.19 8.52
CA VAL D 154 12.35 -52.34 7.69
C VAL D 154 11.42 -53.37 8.34
N SER D 155 10.12 -53.22 8.12
CA SER D 155 9.15 -54.18 8.60
C SER D 155 8.12 -54.53 7.53
N ASP D 156 7.29 -55.51 7.86
CA ASP D 156 6.19 -55.98 7.00
C ASP D 156 5.44 -54.84 6.33
N ASN D 157 5.26 -54.94 5.01
CA ASN D 157 4.36 -54.07 4.24
C ASN D 157 4.72 -52.60 4.35
N LYS D 158 5.97 -52.28 4.59
CA LYS D 158 6.40 -50.90 4.48
C LYS D 158 6.27 -50.43 3.01
N GLY D 159 5.95 -49.15 2.83
CA GLY D 159 5.71 -48.61 1.50
C GLY D 159 7.04 -48.32 0.84
N ILE D 160 7.07 -48.37 -0.49
CA ILE D 160 8.26 -47.94 -1.17
C ILE D 160 7.93 -46.98 -2.26
N SER D 161 8.92 -46.17 -2.57
CA SER D 161 8.77 -45.12 -3.54
C SER D 161 9.94 -45.21 -4.52
N LEU D 162 9.65 -45.00 -5.82
CA LEU D 162 10.64 -45.07 -6.90
C LEU D 162 10.75 -43.78 -7.66
N PRO D 163 11.47 -42.80 -7.12
CA PRO D 163 11.45 -41.46 -7.73
C PRO D 163 11.89 -41.47 -9.21
N GLY D 164 11.22 -40.69 -10.04
CA GLY D 164 11.60 -40.55 -11.43
C GLY D 164 10.98 -41.65 -12.28
N MET D 165 11.07 -42.88 -11.79
CA MET D 165 10.41 -44.03 -12.44
C MET D 165 8.90 -43.80 -12.54
N ASN D 166 8.34 -43.87 -13.75
CA ASN D 166 6.90 -43.64 -13.92
C ASN D 166 6.10 -44.92 -13.71
N VAL D 167 5.35 -44.94 -12.61
CA VAL D 167 4.53 -46.09 -12.21
C VAL D 167 3.22 -46.16 -13.00
N THR D 168 2.88 -47.35 -13.48
CA THR D 168 1.56 -47.58 -14.08
C THR D 168 0.60 -48.20 -13.05
N ALA D 169 -0.54 -47.54 -12.79
CA ALA D 169 -1.48 -48.05 -11.79
C ALA D 169 -2.79 -47.27 -11.71
N PRO D 170 -3.92 -48.02 -11.66
CA PRO D 170 -5.22 -47.38 -11.66
C PRO D 170 -5.39 -46.50 -10.43
N ALA D 171 -6.14 -45.40 -10.59
CA ALA D 171 -6.29 -44.36 -9.53
C ALA D 171 -7.03 -44.94 -8.36
N LEU D 172 -8.01 -45.80 -8.69
CA LEU D 172 -8.70 -46.66 -7.72
C LEU D 172 -8.44 -48.13 -8.05
N SER D 173 -7.84 -48.86 -7.11
CA SER D 173 -7.66 -50.30 -7.24
C SER D 173 -8.94 -51.01 -6.88
N GLU D 174 -8.99 -52.31 -7.15
CA GLU D 174 -10.15 -53.09 -6.75
C GLU D 174 -10.40 -52.97 -5.25
N LYS D 175 -9.34 -53.04 -4.47
CA LYS D 175 -9.46 -52.88 -3.02
C LYS D 175 -10.05 -51.53 -2.64
N ASP D 176 -9.55 -50.45 -3.23
CA ASP D 176 -10.10 -49.12 -2.94
C ASP D 176 -11.59 -49.02 -3.27
N ILE D 177 -12.04 -49.74 -4.30
CA ILE D 177 -13.44 -49.68 -4.72
C ILE D 177 -14.32 -50.32 -3.65
N GLU D 178 -13.90 -51.49 -3.16
CA GLU D 178 -14.57 -52.14 -2.08
C GLU D 178 -14.53 -51.35 -0.77
N ASP D 179 -13.39 -50.73 -0.48
CA ASP D 179 -13.28 -49.93 0.72
C ASP D 179 -14.16 -48.68 0.62
N LEU D 180 -14.23 -48.09 -0.57
CA LEU D 180 -15.04 -46.92 -0.81
C LEU D 180 -16.51 -47.26 -0.59
N THR D 181 -16.91 -48.43 -1.11
CA THR D 181 -18.26 -48.93 -0.94
C THR D 181 -18.55 -49.18 0.52
N PHE D 182 -17.69 -49.95 1.19
CA PHE D 182 -17.86 -50.21 2.59
C PHE D 182 -18.02 -48.92 3.37
N ALA D 183 -17.27 -47.91 2.99
CA ALA D 183 -17.16 -46.68 3.78
C ALA D 183 -18.38 -45.78 3.61
N LEU D 184 -18.85 -45.68 2.36
CA LEU D 184 -20.04 -44.93 2.06
C LEU D 184 -21.24 -45.47 2.79
N ASN D 185 -21.37 -46.79 2.81
CA ASN D 185 -22.53 -47.48 3.37
C ASN D 185 -22.49 -47.43 4.89
N LEU D 186 -21.30 -47.35 5.44
CA LEU D 186 -21.16 -47.32 6.88
C LEU D 186 -21.49 -45.90 7.43
N GLY D 187 -21.42 -44.89 6.57
CA GLY D 187 -21.84 -43.51 6.91
C GLY D 187 -20.79 -42.40 6.98
N VAL D 188 -19.57 -42.66 6.50
CA VAL D 188 -18.51 -41.63 6.63
C VAL D 188 -18.87 -40.30 5.96
N ASP D 189 -18.34 -39.22 6.48
CA ASP D 189 -18.71 -37.89 6.03
C ASP D 189 -17.85 -37.35 4.90
N MET D 190 -16.64 -37.89 4.74
CA MET D 190 -15.72 -37.42 3.72
C MET D 190 -14.82 -38.56 3.27
N VAL D 191 -14.28 -38.46 2.06
CA VAL D 191 -13.39 -39.49 1.50
C VAL D 191 -12.05 -38.86 1.02
N ALA D 192 -10.94 -39.45 1.41
CA ALA D 192 -9.63 -39.07 0.84
C ALA D 192 -9.05 -40.11 -0.14
N LEU D 193 -8.54 -39.62 -1.27
CA LEU D 193 -7.92 -40.47 -2.25
C LEU D 193 -6.41 -40.24 -2.30
N SER D 194 -5.66 -41.29 -2.01
CA SER D 194 -4.21 -41.27 -2.07
C SER D 194 -3.71 -41.25 -3.50
N PHE D 195 -2.59 -40.55 -3.69
CA PHE D 195 -1.83 -40.56 -4.94
C PHE D 195 -2.55 -39.97 -6.13
N VAL D 196 -3.30 -38.91 -5.90
CA VAL D 196 -3.99 -38.27 -7.02
C VAL D 196 -2.94 -37.68 -7.93
N ARG D 197 -3.13 -37.82 -9.26
CA ARG D 197 -2.29 -37.18 -10.26
C ARG D 197 -3.03 -36.29 -11.24
N SER D 198 -4.35 -36.32 -11.24
CA SER D 198 -5.11 -35.67 -12.29
C SER D 198 -6.47 -35.19 -11.74
N PRO D 199 -7.01 -34.11 -12.32
CA PRO D 199 -8.33 -33.69 -11.91
C PRO D 199 -9.39 -34.71 -12.29
N ALA D 200 -9.11 -35.54 -13.29
CA ALA D 200 -10.08 -36.53 -13.76
C ALA D 200 -10.20 -37.66 -12.77
N ASP D 201 -9.27 -37.79 -11.85
CA ASP D 201 -9.35 -38.85 -10.85
C ASP D 201 -10.65 -38.75 -10.01
N VAL D 202 -11.14 -37.53 -9.80
CA VAL D 202 -12.33 -37.34 -8.95
C VAL D 202 -13.57 -37.90 -9.63
N GLU D 203 -13.54 -37.93 -10.97
CA GLU D 203 -14.65 -38.45 -11.77
C GLU D 203 -14.86 -39.93 -11.49
N LEU D 204 -13.77 -40.66 -11.36
CA LEU D 204 -13.86 -42.10 -11.13
C LEU D 204 -14.40 -42.37 -9.74
N VAL D 205 -14.04 -41.53 -8.77
CA VAL D 205 -14.52 -41.70 -7.39
C VAL D 205 -16.02 -41.44 -7.38
N HIS D 206 -16.45 -40.43 -8.14
CA HIS D 206 -17.87 -40.05 -8.24
C HIS D 206 -18.67 -41.17 -8.92
N GLU D 207 -18.06 -41.76 -9.95
CA GLU D 207 -18.68 -42.85 -10.65
C GLU D 207 -19.09 -43.99 -9.71
N VAL D 208 -18.25 -44.28 -8.73
CA VAL D 208 -18.56 -45.30 -7.73
C VAL D 208 -19.65 -44.80 -6.81
N MET D 209 -19.47 -43.57 -6.32
CA MET D 209 -20.45 -42.94 -5.44
C MET D 209 -21.85 -43.00 -6.02
N ASP D 210 -21.96 -42.74 -7.33
CA ASP D 210 -23.25 -42.63 -8.01
C ASP D 210 -23.92 -44.00 -8.24
N ARG D 211 -23.11 -44.98 -8.62
CA ARG D 211 -23.55 -46.37 -8.64
C ARG D 211 -24.20 -46.78 -7.30
N ILE D 212 -23.58 -46.40 -6.20
CA ILE D 212 -24.06 -46.73 -4.86
C ILE D 212 -25.09 -45.72 -4.35
N GLY D 213 -25.22 -44.61 -5.07
CA GLY D 213 -26.28 -43.65 -4.81
C GLY D 213 -26.01 -42.76 -3.62
N ARG D 214 -24.73 -42.50 -3.32
CA ARG D 214 -24.36 -41.63 -2.18
C ARG D 214 -22.99 -40.95 -2.39
N ARG D 215 -23.01 -39.61 -2.40
CA ARG D 215 -21.79 -38.77 -2.51
C ARG D 215 -21.41 -38.11 -1.18
N VAL D 216 -20.11 -37.97 -0.98
CA VAL D 216 -19.57 -37.17 0.10
C VAL D 216 -18.38 -36.38 -0.49
N PRO D 217 -17.93 -35.34 0.22
CA PRO D 217 -16.78 -34.56 -0.28
C PRO D 217 -15.50 -35.37 -0.38
N VAL D 218 -14.76 -35.15 -1.46
CA VAL D 218 -13.58 -35.91 -1.79
C VAL D 218 -12.38 -35.02 -1.61
N ILE D 219 -11.45 -35.48 -0.79
CA ILE D 219 -10.18 -34.81 -0.59
C ILE D 219 -9.15 -35.43 -1.53
N ALA D 220 -8.45 -34.58 -2.28
CA ALA D 220 -7.32 -35.04 -3.07
C ALA D 220 -6.09 -34.96 -2.21
N LYS D 221 -5.45 -36.08 -1.99
CA LYS D 221 -4.19 -36.10 -1.29
C LYS D 221 -3.05 -35.78 -2.27
N LEU D 222 -2.24 -34.80 -1.89
CA LEU D 222 -1.17 -34.31 -2.74
C LEU D 222 0.13 -34.95 -2.33
N GLU D 223 0.64 -35.90 -3.11
CA GLU D 223 1.88 -36.61 -2.79
C GLU D 223 2.48 -37.23 -4.07
N LYS D 224 2.26 -36.57 -5.20
CA LYS D 224 2.91 -36.91 -6.47
C LYS D 224 3.22 -35.60 -7.17
N PRO D 225 4.33 -35.56 -7.94
CA PRO D 225 4.62 -34.31 -8.66
C PRO D 225 3.51 -33.96 -9.68
N GLU D 226 2.93 -34.96 -10.32
CA GLU D 226 1.86 -34.72 -11.28
C GLU D 226 0.73 -33.90 -10.62
N ALA D 227 0.50 -34.14 -9.34
CA ALA D 227 -0.55 -33.42 -8.62
C ALA D 227 -0.21 -31.96 -8.39
N ILE D 228 1.06 -31.69 -8.13
CA ILE D 228 1.51 -30.32 -7.93
C ILE D 228 1.55 -29.60 -9.27
N ASP D 229 1.87 -30.32 -10.34
CA ASP D 229 1.92 -29.74 -11.67
C ASP D 229 0.54 -29.27 -12.07
N ASN D 230 -0.49 -29.91 -11.51
CA ASN D 230 -1.89 -29.66 -11.87
C ASN D 230 -2.70 -29.08 -10.71
N LEU D 231 -2.03 -28.38 -9.82
CA LEU D 231 -2.60 -28.06 -8.53
C LEU D 231 -3.90 -27.32 -8.63
N GLU D 232 -3.95 -26.32 -9.50
CA GLU D 232 -5.12 -25.49 -9.61
C GLU D 232 -6.31 -26.33 -10.07
N ALA D 233 -6.10 -27.19 -11.07
CA ALA D 233 -7.20 -27.91 -11.67
C ALA D 233 -7.77 -28.93 -10.67
N ILE D 234 -6.88 -29.56 -9.91
CA ILE D 234 -7.24 -30.51 -8.87
C ILE D 234 -7.98 -29.84 -7.71
N VAL D 235 -7.46 -28.70 -7.25
CA VAL D 235 -8.16 -27.93 -6.22
C VAL D 235 -9.56 -27.53 -6.64
N LEU D 236 -9.75 -27.32 -7.94
CA LEU D 236 -11.07 -26.93 -8.49
C LEU D 236 -12.01 -28.11 -8.73
N ALA D 237 -11.48 -29.29 -9.06
CA ALA D 237 -12.32 -30.46 -9.35
C ALA D 237 -12.65 -31.24 -8.07
N PHE D 238 -11.75 -31.20 -7.11
CA PHE D 238 -11.94 -31.84 -5.81
C PHE D 238 -12.49 -30.83 -4.83
N ASP D 239 -12.92 -31.31 -3.66
CA ASP D 239 -13.64 -30.47 -2.69
C ASP D 239 -12.72 -30.04 -1.56
N ALA D 240 -11.60 -30.70 -1.46
CA ALA D 240 -10.60 -30.36 -0.51
C ALA D 240 -9.27 -31.01 -0.97
N VAL D 241 -8.18 -30.56 -0.35
CA VAL D 241 -6.86 -31.16 -0.60
C VAL D 241 -6.15 -31.36 0.71
N MET D 242 -5.28 -32.38 0.74
CA MET D 242 -4.42 -32.67 1.89
C MET D 242 -2.96 -32.67 1.39
N VAL D 243 -2.12 -31.88 2.04
CA VAL D 243 -0.71 -31.86 1.72
C VAL D 243 -0.12 -33.07 2.43
N ALA D 244 0.09 -34.15 1.68
CA ALA D 244 0.48 -35.44 2.26
C ALA D 244 2.01 -35.55 2.20
N ARG D 245 2.67 -35.07 3.23
CA ARG D 245 4.07 -34.69 3.14
C ARG D 245 4.99 -35.90 3.19
N GLY D 246 4.52 -36.99 3.78
CA GLY D 246 5.28 -38.23 3.84
C GLY D 246 5.69 -38.72 2.46
N ASP D 247 4.72 -39.05 1.61
CA ASP D 247 5.06 -39.52 0.28
C ASP D 247 5.55 -38.37 -0.60
N LEU D 248 5.09 -37.15 -0.32
CA LEU D 248 5.43 -36.02 -1.16
C LEU D 248 6.93 -35.74 -1.03
N GLY D 249 7.44 -35.95 0.18
CA GLY D 249 8.86 -35.78 0.48
C GLY D 249 9.78 -36.90 0.03
N VAL D 250 9.24 -37.94 -0.60
CA VAL D 250 10.10 -38.87 -1.31
C VAL D 250 9.85 -38.79 -2.82
N GLU D 251 8.64 -38.41 -3.22
CA GLU D 251 8.31 -38.29 -4.65
C GLU D 251 8.89 -37.01 -5.21
N LEU D 252 9.10 -36.05 -4.32
CA LEU D 252 9.81 -34.80 -4.60
C LEU D 252 11.01 -34.72 -3.69
N PRO D 253 12.04 -33.97 -4.09
CA PRO D 253 13.07 -33.72 -3.10
C PRO D 253 12.44 -33.09 -1.84
N LEU D 254 12.81 -33.59 -0.68
CA LEU D 254 12.23 -33.13 0.53
C LEU D 254 12.42 -31.64 0.79
N GLU D 255 13.46 -31.07 0.21
CA GLU D 255 13.72 -29.64 0.37
C GLU D 255 12.67 -28.76 -0.36
N GLU D 256 11.91 -29.35 -1.28
CA GLU D 256 10.95 -28.58 -2.06
C GLU D 256 9.55 -28.61 -1.42
N VAL D 257 9.38 -29.44 -0.39
CA VAL D 257 8.07 -29.63 0.21
C VAL D 257 7.52 -28.37 0.90
N PRO D 258 8.37 -27.63 1.62
CA PRO D 258 7.85 -26.52 2.39
C PRO D 258 7.21 -25.44 1.57
N LEU D 259 7.79 -25.15 0.43
CA LEU D 259 7.20 -24.18 -0.46
C LEU D 259 5.98 -24.77 -1.25
N VAL D 260 5.97 -26.06 -1.51
CA VAL D 260 4.81 -26.64 -2.15
C VAL D 260 3.62 -26.53 -1.18
N GLN D 261 3.82 -26.97 0.05
CA GLN D 261 2.86 -26.81 1.11
C GLN D 261 2.22 -25.42 1.11
N LYS D 262 3.05 -24.38 1.13
CA LYS D 262 2.52 -23.02 1.28
C LYS D 262 1.71 -22.58 0.07
N ARG D 263 2.18 -22.96 -1.11
CA ARG D 263 1.45 -22.67 -2.34
C ARG D 263 0.11 -23.45 -2.42
N ALA D 264 0.07 -24.63 -1.79
CA ALA D 264 -1.09 -25.48 -1.89
C ALA D 264 -2.16 -24.94 -0.99
N ILE D 265 -1.78 -24.50 0.20
CA ILE D 265 -2.69 -23.84 1.12
C ILE D 265 -3.30 -22.55 0.55
N GLN D 266 -2.46 -21.71 -0.04
CA GLN D 266 -2.92 -20.46 -0.67
C GLN D 266 -3.93 -20.76 -1.77
N MET D 267 -3.66 -21.82 -2.51
CA MET D 267 -4.49 -22.19 -3.64
C MET D 267 -5.87 -22.72 -3.16
N ALA D 268 -5.83 -23.50 -2.10
CA ALA D 268 -7.05 -23.95 -1.47
C ALA D 268 -7.88 -22.75 -1.01
N ARG D 269 -7.28 -21.85 -0.27
CA ARG D 269 -8.02 -20.72 0.25
C ARG D 269 -8.52 -19.79 -0.84
N GLU D 270 -7.80 -19.64 -1.95
CA GLU D 270 -8.26 -18.77 -3.05
C GLU D 270 -9.57 -19.29 -3.62
N ASN D 271 -9.76 -20.59 -3.55
CA ASN D 271 -10.92 -21.22 -4.18
C ASN D 271 -11.91 -21.80 -3.16
N ALA D 272 -11.72 -21.39 -1.90
CA ALA D 272 -12.60 -21.73 -0.81
C ALA D 272 -12.75 -23.23 -0.61
N LYS D 273 -11.63 -23.94 -0.68
CA LYS D 273 -11.63 -25.37 -0.41
C LYS D 273 -10.77 -25.63 0.80
N PRO D 274 -11.20 -26.56 1.65
CA PRO D 274 -10.44 -26.92 2.83
C PRO D 274 -9.05 -27.50 2.50
N VAL D 275 -8.07 -27.20 3.34
CA VAL D 275 -6.76 -27.83 3.23
C VAL D 275 -6.26 -28.38 4.56
N ILE D 276 -5.78 -29.62 4.51
CA ILE D 276 -5.16 -30.27 5.65
C ILE D 276 -3.66 -30.42 5.41
N VAL D 277 -2.84 -30.10 6.41
CA VAL D 277 -1.41 -30.35 6.32
C VAL D 277 -1.12 -31.59 7.14
N ALA D 278 -0.47 -32.58 6.55
CA ALA D 278 -0.37 -33.90 7.20
C ALA D 278 1.04 -34.41 7.29
N THR D 279 1.31 -35.16 8.36
CA THR D 279 2.41 -36.09 8.44
C THR D 279 3.73 -35.53 9.02
N GLN D 280 4.12 -36.16 10.14
CA GLN D 280 5.32 -35.86 10.91
C GLN D 280 5.36 -34.49 11.58
N MET D 281 4.22 -33.83 11.70
CA MET D 281 4.16 -32.53 12.37
C MET D 281 4.71 -32.62 13.78
N LEU D 282 4.40 -33.70 14.47
CA LEU D 282 4.94 -33.91 15.80
C LEU D 282 5.48 -35.33 15.89
N ASP D 283 6.16 -35.77 14.84
CA ASP D 283 6.67 -37.15 14.73
C ASP D 283 7.27 -37.73 16.01
N SER D 284 8.13 -36.97 16.69
CA SER D 284 8.88 -37.53 17.83
C SER D 284 7.98 -37.91 19.00
N MET D 285 6.75 -37.39 19.01
CA MET D 285 5.83 -37.66 20.11
C MET D 285 5.25 -39.06 20.01
N ILE D 286 5.54 -39.74 18.90
CA ILE D 286 5.36 -41.17 18.84
C ILE D 286 6.04 -41.88 20.01
N GLU D 287 7.25 -41.43 20.36
CA GLU D 287 8.08 -42.08 21.40
C GLU D 287 8.26 -41.23 22.66
N ASN D 288 7.98 -39.93 22.55
CA ASN D 288 8.37 -38.95 23.58
C ASN D 288 7.17 -38.12 24.02
N SER D 289 7.25 -37.58 25.24
CA SER D 289 6.14 -36.84 25.83
C SER D 289 6.12 -35.38 25.37
N ARG D 290 7.25 -34.91 24.85
CA ARG D 290 7.40 -33.52 24.40
C ARG D 290 8.06 -33.54 23.03
N PRO D 291 7.58 -32.67 22.12
CA PRO D 291 8.06 -32.61 20.77
C PRO D 291 9.40 -31.83 20.65
N THR D 292 9.99 -31.87 19.46
CA THR D 292 11.23 -31.09 19.22
C THR D 292 10.85 -29.62 18.94
N ARG D 293 11.87 -28.77 18.84
CA ARG D 293 11.63 -27.36 18.58
C ARG D 293 11.31 -27.22 17.09
N ALA D 294 11.87 -28.09 16.26
CA ALA D 294 11.46 -28.15 14.85
C ALA D 294 9.95 -28.42 14.73
N GLU D 295 9.48 -29.37 15.51
CA GLU D 295 8.10 -29.80 15.42
C GLU D 295 7.15 -28.74 15.87
N ALA D 296 7.45 -28.09 16.99
CA ALA D 296 6.64 -27.01 17.48
C ALA D 296 6.59 -25.85 16.45
N SER D 297 7.74 -25.57 15.85
CA SER D 297 7.80 -24.60 14.76
C SER D 297 6.91 -25.01 13.56
N ASP D 298 6.97 -26.28 13.21
CA ASP D 298 6.34 -26.74 11.96
C ASP D 298 4.82 -26.55 12.08
N VAL D 299 4.31 -26.85 13.28
CA VAL D 299 2.90 -26.63 13.62
C VAL D 299 2.50 -25.17 13.60
N ALA D 300 3.24 -24.32 14.30
CA ALA D 300 2.97 -22.88 14.29
C ALA D 300 2.96 -22.28 12.88
N ASN D 301 3.86 -22.74 12.04
CA ASN D 301 4.04 -22.15 10.73
C ASN D 301 2.96 -22.66 9.78
N ALA D 302 2.45 -23.87 10.06
CA ALA D 302 1.26 -24.38 9.36
C ALA D 302 0.03 -23.53 9.66
N VAL D 303 -0.08 -23.04 10.89
CA VAL D 303 -1.17 -22.15 11.24
C VAL D 303 -1.06 -20.82 10.51
N LEU D 304 0.17 -20.26 10.49
CA LEU D 304 0.42 -18.95 9.92
C LEU D 304 0.24 -19.00 8.43
N ASP D 305 0.53 -20.15 7.82
CA ASP D 305 0.35 -20.40 6.37
C ASP D 305 -1.09 -20.27 5.97
N GLY D 306 -1.99 -20.60 6.90
CA GLY D 306 -3.45 -20.51 6.65
C GLY D 306 -4.15 -21.86 6.51
N ALA D 307 -3.59 -22.89 7.14
CA ALA D 307 -4.16 -24.21 7.05
C ALA D 307 -5.46 -24.25 7.83
N ASP D 308 -6.47 -24.89 7.24
CA ASP D 308 -7.74 -25.12 7.87
C ASP D 308 -7.50 -26.14 8.96
N ALA D 309 -6.70 -27.15 8.65
CA ALA D 309 -6.56 -28.28 9.56
C ALA D 309 -5.18 -28.84 9.52
N LEU D 310 -4.74 -29.37 10.65
CA LEU D 310 -3.45 -30.05 10.75
C LEU D 310 -3.74 -31.44 11.21
N MET D 311 -2.93 -32.39 10.78
CA MET D 311 -3.22 -33.79 11.04
C MET D 311 -2.11 -34.46 11.82
N LEU D 312 -2.50 -35.47 12.58
CA LEU D 312 -1.59 -36.37 13.30
C LEU D 312 -1.77 -37.75 12.70
N SER D 313 -0.69 -38.45 12.42
CA SER D 313 -0.80 -39.80 11.85
C SER D 313 -0.39 -40.86 12.85
N GLY D 314 0.87 -41.25 12.89
CA GLY D 314 1.27 -42.25 13.84
C GLY D 314 1.28 -41.71 15.26
N GLU D 315 1.34 -40.38 15.38
CA GLU D 315 1.25 -39.72 16.66
C GLU D 315 0.03 -40.13 17.47
N THR D 316 -1.08 -40.42 16.79
CA THR D 316 -2.32 -40.93 17.46
C THR D 316 -2.61 -42.39 17.12
N SER D 317 -2.30 -42.79 15.89
CA SER D 317 -2.66 -44.14 15.41
C SER D 317 -1.85 -45.26 16.04
N VAL D 318 -0.52 -45.14 16.17
CA VAL D 318 0.25 -46.23 16.78
C VAL D 318 1.13 -45.84 17.94
N GLY D 319 1.21 -44.56 18.26
CA GLY D 319 2.23 -44.09 19.21
C GLY D 319 1.87 -44.24 20.67
N LYS D 320 2.76 -43.76 21.54
CA LYS D 320 2.62 -43.95 22.99
C LYS D 320 1.86 -42.81 23.67
N TYR D 321 1.73 -41.66 22.99
CA TYR D 321 1.09 -40.51 23.61
C TYR D 321 0.06 -39.82 22.71
N PRO D 322 -1.00 -40.55 22.35
CA PRO D 322 -2.04 -40.01 21.48
C PRO D 322 -2.68 -38.78 22.09
N LEU D 323 -3.03 -38.86 23.38
CA LEU D 323 -3.67 -37.72 24.06
C LEU D 323 -2.75 -36.52 24.07
N ALA D 324 -1.57 -36.69 24.64
CA ALA D 324 -0.64 -35.57 24.78
C ALA D 324 -0.33 -34.95 23.40
N ALA D 325 -0.27 -35.78 22.37
CA ALA D 325 -0.05 -35.25 21.01
C ALA D 325 -1.15 -34.27 20.58
N VAL D 326 -2.41 -34.66 20.82
CA VAL D 326 -3.51 -33.79 20.50
C VAL D 326 -3.49 -32.51 21.34
N ARG D 327 -3.30 -32.65 22.65
CA ARG D 327 -3.28 -31.48 23.54
C ARG D 327 -2.16 -30.56 23.11
N THR D 328 -1.03 -31.16 22.76
CA THR D 328 0.15 -30.39 22.43
C THR D 328 -0.05 -29.63 21.15
N MET D 329 -0.57 -30.29 20.12
CA MET D 329 -0.89 -29.62 18.88
C MET D 329 -1.86 -28.47 19.13
N SER D 330 -2.84 -28.69 20.01
CA SER D 330 -3.81 -27.65 20.36
C SER D 330 -3.21 -26.48 21.12
N ARG D 331 -2.33 -26.75 22.07
CA ARG D 331 -1.59 -25.67 22.75
C ARG D 331 -0.88 -24.76 21.76
N ILE D 332 -0.22 -25.36 20.79
CA ILE D 332 0.61 -24.60 19.83
C ILE D 332 -0.24 -23.75 18.90
N ILE D 333 -1.33 -24.34 18.41
CA ILE D 333 -2.21 -23.61 17.55
C ILE D 333 -2.78 -22.41 18.29
N CYS D 334 -3.10 -22.63 19.56
CA CYS D 334 -3.75 -21.58 20.35
C CYS D 334 -2.75 -20.47 20.67
N ALA D 335 -1.50 -20.84 20.94
CA ALA D 335 -0.50 -19.85 21.23
C ALA D 335 -0.37 -18.93 20.05
N VAL D 336 -0.37 -19.48 18.85
CA VAL D 336 -0.22 -18.65 17.64
C VAL D 336 -1.43 -17.73 17.38
N GLU D 337 -2.63 -18.25 17.61
CA GLU D 337 -3.87 -17.54 17.32
C GLU D 337 -4.13 -16.42 18.32
N GLU D 338 -3.76 -16.65 19.57
CA GLU D 338 -3.84 -15.62 20.60
C GLU D 338 -3.03 -14.40 20.15
N ASN D 339 -1.88 -14.61 19.54
CA ASN D 339 -1.17 -13.50 18.94
C ASN D 339 -1.99 -12.90 17.77
N SER D 340 -2.37 -13.73 16.81
CA SER D 340 -3.18 -13.26 15.68
C SER D 340 -3.69 -14.40 14.81
N THR D 341 -4.92 -14.23 14.30
CA THR D 341 -5.57 -15.20 13.45
C THR D 341 -5.37 -14.85 11.99
N ALA D 342 -4.61 -13.79 11.72
CA ALA D 342 -4.41 -13.33 10.34
C ALA D 342 -3.90 -14.45 9.47
N ALA D 343 -4.37 -14.49 8.22
CA ALA D 343 -3.86 -15.40 7.19
C ALA D 343 -3.42 -14.61 6.00
N PRO D 344 -2.44 -15.13 5.22
CA PRO D 344 -1.98 -14.41 4.04
C PRO D 344 -3.14 -13.93 3.15
N PRO D 345 -3.18 -12.64 2.82
CA PRO D 345 -4.32 -12.18 2.04
C PRO D 345 -4.49 -12.90 0.71
N LEU D 346 -5.71 -12.89 0.19
CA LEU D 346 -5.99 -13.46 -1.10
C LEU D 346 -5.46 -12.53 -2.17
N THR D 347 -5.07 -13.09 -3.30
CA THR D 347 -4.54 -12.30 -4.40
C THR D 347 -5.61 -11.96 -5.44
N HIS D 348 -6.87 -12.11 -5.07
CA HIS D 348 -7.95 -11.55 -5.89
C HIS D 348 -9.06 -10.97 -5.02
N ILE D 349 -9.75 -9.99 -5.59
CA ILE D 349 -11.00 -9.48 -5.05
C ILE D 349 -12.08 -10.50 -5.40
N PRO D 350 -12.95 -10.82 -4.43
CA PRO D 350 -14.01 -11.80 -4.68
C PRO D 350 -14.96 -11.40 -5.81
N ARG D 351 -15.27 -12.36 -6.68
CA ARG D 351 -16.26 -12.16 -7.74
C ARG D 351 -17.62 -12.92 -7.54
N THR D 352 -17.58 -14.09 -6.88
CA THR D 352 -18.79 -14.87 -6.72
C THR D 352 -19.63 -14.18 -5.68
N LYS D 353 -20.93 -14.24 -5.88
CA LYS D 353 -21.87 -13.63 -4.97
C LYS D 353 -21.60 -14.02 -3.54
N ARG D 354 -21.36 -15.30 -3.31
CA ARG D 354 -21.17 -15.79 -1.94
C ARG D 354 -19.84 -15.32 -1.35
N GLY D 355 -18.84 -15.16 -2.22
CA GLY D 355 -17.54 -14.64 -1.80
C GLY D 355 -17.61 -13.18 -1.42
N VAL D 356 -18.26 -12.40 -2.28
CA VAL D 356 -18.41 -10.98 -2.04
C VAL D 356 -19.23 -10.71 -0.79
N ILE D 357 -20.31 -11.48 -0.61
CA ILE D 357 -21.21 -11.31 0.53
C ILE D 357 -20.58 -11.74 1.84
N SER D 358 -19.88 -12.85 1.81
CA SER D 358 -19.16 -13.29 3.00
C SER D 358 -17.99 -12.34 3.36
N TYR D 359 -17.37 -11.77 2.35
CA TYR D 359 -16.28 -10.85 2.60
C TYR D 359 -16.84 -9.58 3.25
N ALA D 360 -17.96 -9.08 2.73
CA ALA D 360 -18.65 -7.94 3.35
C ALA D 360 -19.09 -8.22 4.76
N ALA D 361 -19.52 -9.45 5.01
CA ALA D 361 -20.12 -9.77 6.31
C ALA D 361 -19.03 -9.65 7.37
N ARG D 362 -17.86 -10.18 7.04
CA ARG D 362 -16.67 -10.03 7.84
C ARG D 362 -16.35 -8.59 8.16
N ASP D 363 -16.35 -7.74 7.13
CA ASP D 363 -16.05 -6.31 7.31
C ASP D 363 -16.99 -5.76 8.36
N ILE D 364 -18.26 -6.09 8.20
CA ILE D 364 -19.30 -5.48 9.03
C ILE D 364 -19.13 -5.92 10.48
N GLY D 365 -18.93 -7.22 10.67
CA GLY D 365 -18.87 -7.76 12.02
C GLY D 365 -17.72 -7.18 12.77
N GLU D 366 -16.53 -7.19 12.13
CA GLU D 366 -15.34 -6.66 12.80
C GLU D 366 -15.44 -5.16 13.06
N ARG D 367 -15.98 -4.40 12.11
CA ARG D 367 -16.02 -2.96 12.24
C ARG D 367 -17.02 -2.53 13.32
N LEU D 368 -18.05 -3.37 13.55
CA LEU D 368 -19.02 -3.10 14.63
C LEU D 368 -18.80 -3.89 15.94
N ASP D 369 -17.66 -4.56 16.06
CA ASP D 369 -17.35 -5.30 17.29
C ASP D 369 -18.47 -6.28 17.58
N ALA D 370 -18.94 -6.91 16.52
CA ALA D 370 -19.98 -7.91 16.66
C ALA D 370 -19.50 -9.06 17.52
N LYS D 371 -20.44 -9.80 18.10
CA LYS D 371 -20.10 -10.93 19.02
C LYS D 371 -19.92 -12.22 18.26
N ALA D 372 -20.48 -12.27 17.08
CA ALA D 372 -20.29 -13.41 16.20
C ALA D 372 -20.68 -13.10 14.78
N LEU D 373 -20.15 -13.87 13.86
CA LEU D 373 -20.62 -13.90 12.50
C LEU D 373 -21.33 -15.24 12.31
N VAL D 374 -22.50 -15.21 11.69
CA VAL D 374 -23.33 -16.37 11.57
C VAL D 374 -23.65 -16.48 10.11
N ALA D 375 -23.51 -17.66 9.53
CA ALA D 375 -23.87 -17.84 8.12
C ALA D 375 -24.67 -19.12 7.88
N PHE D 376 -25.73 -19.00 7.10
CA PHE D 376 -26.52 -20.16 6.74
C PHE D 376 -25.94 -20.79 5.52
N THR D 377 -25.84 -22.12 5.54
CA THR D 377 -25.24 -22.82 4.43
C THR D 377 -25.80 -24.21 4.27
N GLN D 378 -26.08 -24.55 3.03
CA GLN D 378 -26.68 -25.81 2.67
C GLN D 378 -25.61 -26.80 2.25
N SER D 379 -24.56 -26.30 1.60
CA SER D 379 -23.45 -27.15 1.11
C SER D 379 -22.16 -26.81 1.83
N GLY D 380 -22.14 -25.70 2.55
CA GLY D 380 -20.95 -25.31 3.35
C GLY D 380 -20.19 -24.14 2.72
N ASP D 381 -20.53 -23.84 1.48
CA ASP D 381 -19.76 -22.97 0.64
C ASP D 381 -19.69 -21.58 1.19
N THR D 382 -20.85 -21.07 1.62
CA THR D 382 -20.93 -19.70 2.06
C THR D 382 -20.02 -19.52 3.29
N VAL D 383 -19.99 -20.53 4.12
CA VAL D 383 -19.19 -20.47 5.33
C VAL D 383 -17.68 -20.60 4.98
N ARG D 384 -17.37 -21.42 3.99
CA ARG D 384 -15.97 -21.61 3.57
C ARG D 384 -15.39 -20.36 2.96
N ARG D 385 -16.23 -19.55 2.31
CA ARG D 385 -15.74 -18.32 1.73
C ARG D 385 -15.43 -17.27 2.77
N LEU D 386 -16.04 -17.40 3.95
CA LEU D 386 -15.71 -16.52 5.07
C LEU D 386 -14.54 -17.09 5.88
N ALA D 387 -14.53 -18.40 6.09
CA ALA D 387 -13.55 -19.03 6.95
C ALA D 387 -12.17 -18.76 6.42
N ARG D 388 -12.03 -18.82 5.09
CA ARG D 388 -10.77 -18.72 4.42
C ARG D 388 -10.12 -17.40 4.76
N LEU D 389 -10.92 -16.38 5.06
CA LEU D 389 -10.40 -15.05 5.31
C LEU D 389 -9.78 -14.94 6.69
N HIS D 390 -10.14 -15.85 7.56
CA HIS D 390 -9.86 -15.76 8.97
C HIS D 390 -10.50 -14.50 9.56
N THR D 391 -10.80 -14.58 10.85
CA THR D 391 -11.28 -13.44 11.61
C THR D 391 -11.15 -13.87 13.05
N PRO D 392 -10.90 -12.91 13.97
CA PRO D 392 -10.92 -13.27 15.38
C PRO D 392 -12.33 -13.52 15.95
N LEU D 393 -13.38 -13.21 15.19
CA LEU D 393 -14.76 -13.41 15.68
C LEU D 393 -15.20 -14.84 15.51
N PRO D 394 -16.05 -15.32 16.43
CA PRO D 394 -16.69 -16.59 16.21
C PRO D 394 -17.39 -16.65 14.87
N LEU D 395 -17.19 -17.77 14.18
CA LEU D 395 -17.85 -17.99 12.91
C LEU D 395 -18.75 -19.21 13.09
N LEU D 396 -20.06 -18.98 13.04
CA LEU D 396 -21.04 -20.03 13.40
C LEU D 396 -21.83 -20.33 12.17
N ALA D 397 -21.69 -21.55 11.67
CA ALA D 397 -22.43 -21.95 10.50
C ALA D 397 -23.80 -22.52 10.97
N PHE D 398 -24.86 -22.21 10.24
CA PHE D 398 -26.17 -22.80 10.50
C PHE D 398 -26.59 -23.58 9.28
N THR D 399 -27.23 -24.72 9.50
CA THR D 399 -27.62 -25.56 8.40
C THR D 399 -28.77 -26.46 8.79
N ALA D 400 -29.51 -26.96 7.80
CA ALA D 400 -30.53 -27.98 8.11
C ALA D 400 -30.08 -29.38 7.69
N TRP D 401 -28.86 -29.49 7.18
CA TRP D 401 -28.34 -30.77 6.75
C TRP D 401 -27.23 -31.24 7.67
N PRO D 402 -27.56 -32.22 8.57
CA PRO D 402 -26.67 -32.74 9.63
C PRO D 402 -25.28 -33.09 9.16
N GLU D 403 -25.17 -33.58 7.92
CA GLU D 403 -23.88 -34.05 7.43
C GLU D 403 -22.95 -32.86 7.24
N VAL D 404 -23.53 -31.68 7.03
CA VAL D 404 -22.76 -30.48 6.79
C VAL D 404 -21.97 -30.05 8.04
N ARG D 405 -22.56 -30.30 9.22
CA ARG D 405 -21.88 -30.07 10.49
C ARG D 405 -20.60 -30.90 10.62
N SER D 406 -20.65 -32.12 10.12
CA SER D 406 -19.51 -33.01 10.17
C SER D 406 -18.49 -32.62 9.09
N GLN D 407 -18.97 -32.25 7.92
CA GLN D 407 -18.12 -31.79 6.85
C GLN D 407 -17.38 -30.51 7.25
N LEU D 408 -18.06 -29.62 7.96
CA LEU D 408 -17.45 -28.36 8.37
C LEU D 408 -16.55 -28.48 9.57
N ALA D 409 -16.48 -29.67 10.13
CA ALA D 409 -15.51 -29.96 11.18
C ALA D 409 -14.05 -29.70 10.77
N MET D 410 -13.76 -29.74 9.46
CA MET D 410 -12.41 -29.43 9.01
C MET D 410 -12.25 -28.09 8.35
N THR D 411 -13.28 -27.24 8.42
CA THR D 411 -13.18 -25.86 7.96
C THR D 411 -12.75 -24.95 9.12
N TRP D 412 -11.73 -24.10 8.85
CA TRP D 412 -11.16 -23.20 9.87
C TRP D 412 -12.22 -22.44 10.70
N GLY D 413 -12.01 -22.41 12.01
CA GLY D 413 -12.63 -21.43 12.88
C GLY D 413 -14.14 -21.57 13.02
N THR D 414 -14.68 -22.66 12.52
CA THR D 414 -16.11 -22.76 12.28
C THR D 414 -16.82 -23.76 13.22
N GLU D 415 -17.86 -23.28 13.90
CA GLU D 415 -18.77 -24.16 14.70
C GLU D 415 -20.15 -24.26 14.01
N THR D 416 -20.75 -25.44 14.01
CA THR D 416 -22.03 -25.59 13.30
C THR D 416 -23.24 -25.85 14.20
N PHE D 417 -24.40 -25.36 13.77
CA PHE D 417 -25.68 -25.57 14.47
C PHE D 417 -26.71 -26.13 13.50
N ILE D 418 -27.29 -27.28 13.82
CA ILE D 418 -28.36 -27.85 12.99
C ILE D 418 -29.69 -27.23 13.40
N VAL D 419 -30.51 -26.85 12.43
CA VAL D 419 -31.86 -26.28 12.71
C VAL D 419 -32.78 -26.71 11.59
N PRO D 420 -34.10 -26.54 11.79
CA PRO D 420 -35.03 -27.01 10.78
C PRO D 420 -34.90 -26.29 9.46
N LYS D 421 -35.30 -26.95 8.39
CA LYS D 421 -35.43 -26.28 7.10
C LYS D 421 -36.54 -25.26 7.14
N MET D 422 -36.20 -24.00 6.96
CA MET D 422 -37.12 -22.90 7.14
C MET D 422 -37.61 -22.43 5.78
N GLN D 423 -38.77 -21.75 5.76
CA GLN D 423 -39.39 -21.25 4.51
C GLN D 423 -39.16 -19.76 4.29
N SER D 424 -38.50 -19.11 5.23
CA SER D 424 -38.17 -17.69 5.10
C SER D 424 -36.86 -17.35 5.80
N THR D 425 -36.31 -16.18 5.47
CA THR D 425 -35.15 -15.65 6.18
C THR D 425 -35.50 -15.13 7.58
N ASP D 426 -36.70 -14.58 7.75
CA ASP D 426 -37.14 -14.13 9.11
C ASP D 426 -37.04 -15.35 10.01
N GLY D 427 -37.39 -16.51 9.43
CA GLY D 427 -37.42 -17.76 10.17
C GLY D 427 -36.02 -18.26 10.45
N MET D 428 -35.15 -18.20 9.43
CA MET D 428 -33.74 -18.48 9.66
C MET D 428 -33.21 -17.67 10.86
N ILE D 429 -33.54 -16.39 10.91
CA ILE D 429 -33.08 -15.54 12.01
C ILE D 429 -33.69 -15.85 13.38
N ARG D 430 -34.99 -16.17 13.44
CA ARG D 430 -35.58 -16.64 14.71
C ARG D 430 -34.79 -17.84 15.22
N GLN D 431 -34.47 -18.74 14.29
CA GLN D 431 -33.73 -19.95 14.65
C GLN D 431 -32.33 -19.62 15.18
N VAL D 432 -31.68 -18.60 14.64
CA VAL D 432 -30.42 -18.13 15.20
C VAL D 432 -30.61 -17.75 16.68
N ASP D 433 -31.54 -16.87 16.95
CA ASP D 433 -31.78 -16.43 18.33
C ASP D 433 -32.00 -17.60 19.28
N LYS D 434 -32.82 -18.55 18.86
CA LYS D 434 -33.18 -19.69 19.69
C LYS D 434 -31.95 -20.54 19.97
N SER D 435 -31.24 -20.94 18.92
CA SER D 435 -30.09 -21.82 19.09
C SER D 435 -29.03 -21.13 19.96
N LEU D 436 -28.84 -19.83 19.78
CA LEU D 436 -27.78 -19.15 20.52
C LEU D 436 -28.17 -18.91 21.97
N LEU D 437 -29.43 -18.64 22.20
CA LEU D 437 -29.86 -18.28 23.54
C LEU D 437 -29.86 -19.47 24.48
N GLU D 438 -29.77 -20.69 23.94
CA GLU D 438 -29.71 -21.91 24.78
C GLU D 438 -28.35 -22.01 25.43
N LEU D 439 -27.40 -21.22 24.92
CA LEU D 439 -26.02 -21.22 25.41
C LEU D 439 -25.85 -20.22 26.56
N ALA D 440 -25.20 -20.67 27.64
CA ALA D 440 -24.76 -19.75 28.68
C ALA D 440 -24.06 -18.53 28.02
N ARG D 441 -23.34 -18.78 26.94
CA ARG D 441 -22.43 -17.81 26.34
C ARG D 441 -23.12 -16.61 25.68
N TYR D 442 -24.26 -16.82 25.04
CA TYR D 442 -24.95 -15.71 24.35
C TYR D 442 -26.22 -15.22 25.06
N LYS D 443 -26.57 -13.95 24.82
CA LYS D 443 -27.51 -13.22 25.71
C LYS D 443 -28.22 -12.13 24.91
N ARG D 444 -29.46 -11.80 25.30
CA ARG D 444 -30.26 -10.78 24.58
C ARG D 444 -29.45 -9.51 24.51
N GLY D 445 -29.61 -8.75 23.44
CA GLY D 445 -28.87 -7.52 23.28
C GLY D 445 -27.56 -7.68 22.51
N ASP D 446 -27.07 -8.91 22.41
CA ASP D 446 -25.80 -9.16 21.74
C ASP D 446 -25.91 -8.91 20.26
N LEU D 447 -24.95 -8.15 19.70
CA LEU D 447 -24.95 -7.87 18.29
C LEU D 447 -24.29 -8.99 17.54
N VAL D 448 -24.95 -9.47 16.48
CA VAL D 448 -24.42 -10.51 15.63
C VAL D 448 -24.77 -10.16 14.17
N VAL D 449 -24.05 -10.74 13.22
CA VAL D 449 -24.21 -10.38 11.80
C VAL D 449 -24.50 -11.68 11.10
N ILE D 450 -25.63 -11.75 10.43
CA ILE D 450 -26.11 -13.00 9.92
C ILE D 450 -26.18 -12.96 8.41
N VAL D 451 -25.67 -14.01 7.78
CA VAL D 451 -25.71 -14.15 6.32
C VAL D 451 -26.73 -15.24 5.97
N ALA D 452 -27.63 -14.95 5.04
CA ALA D 452 -28.66 -15.88 4.68
C ALA D 452 -29.07 -15.63 3.24
N GLY D 453 -30.06 -16.38 2.76
CA GLY D 453 -30.44 -16.28 1.35
C GLY D 453 -31.81 -16.81 1.01
N ALA D 454 -32.45 -16.18 0.03
CA ALA D 454 -33.65 -16.69 -0.57
C ALA D 454 -33.40 -16.76 -2.08
N PRO D 455 -34.04 -17.68 -2.77
CA PRO D 455 -35.02 -18.60 -2.18
C PRO D 455 -34.42 -19.56 -1.17
N PRO D 456 -35.14 -19.81 -0.06
CA PRO D 456 -34.75 -20.72 1.03
C PRO D 456 -34.49 -22.14 0.54
N GLY D 457 -33.63 -22.86 1.25
CA GLY D 457 -33.27 -24.22 0.88
C GLY D 457 -32.71 -24.36 -0.52
N THR D 458 -32.00 -23.34 -1.02
CA THR D 458 -31.37 -23.43 -2.34
C THR D 458 -29.85 -23.13 -2.26
N VAL D 459 -29.02 -24.08 -2.72
CA VAL D 459 -27.59 -23.86 -2.62
C VAL D 459 -27.24 -22.65 -3.48
N GLY D 460 -26.50 -21.72 -2.90
CA GLY D 460 -26.01 -20.55 -3.65
C GLY D 460 -26.96 -19.36 -3.69
N SER D 461 -28.07 -19.41 -2.96
CA SER D 461 -29.05 -18.34 -3.02
C SER D 461 -28.69 -17.24 -2.07
N THR D 462 -27.71 -17.51 -1.22
CA THR D 462 -27.17 -16.49 -0.31
C THR D 462 -27.22 -15.07 -0.89
N ASN D 463 -27.96 -14.17 -0.25
CA ASN D 463 -28.17 -12.84 -0.81
C ASN D 463 -28.58 -11.73 0.16
N LEU D 464 -28.33 -11.93 1.45
CA LEU D 464 -28.53 -10.84 2.39
C LEU D 464 -27.63 -10.92 3.58
N ILE D 465 -27.42 -9.77 4.21
CA ILE D 465 -26.74 -9.71 5.49
C ILE D 465 -27.62 -8.89 6.41
N HIS D 466 -27.76 -9.35 7.64
CA HIS D 466 -28.60 -8.66 8.60
C HIS D 466 -27.87 -8.50 9.86
N VAL D 467 -27.76 -7.28 10.31
CA VAL D 467 -27.10 -6.99 11.57
C VAL D 467 -28.17 -7.05 12.64
N HIS D 468 -28.01 -7.94 13.61
CA HIS D 468 -29.13 -8.27 14.46
C HIS D 468 -28.71 -8.29 15.92
N ARG D 469 -29.59 -7.75 16.74
CA ARG D 469 -29.41 -7.81 18.16
C ARG D 469 -30.27 -8.98 18.67
N ILE D 470 -29.66 -9.88 19.44
CA ILE D 470 -30.31 -11.11 19.81
C ILE D 470 -31.53 -10.81 20.66
N GLY D 471 -32.68 -11.31 20.19
CA GLY D 471 -33.92 -11.22 20.96
C GLY D 471 -34.74 -9.99 20.65
N GLU D 472 -34.13 -9.02 19.97
CA GLU D 472 -34.79 -7.74 19.73
C GLU D 472 -35.53 -7.77 18.42
N ASP D 473 -36.49 -6.88 18.27
CA ASP D 473 -37.47 -6.94 17.20
C ASP D 473 -37.04 -6.03 16.05
N ASP D 474 -35.98 -6.43 15.34
CA ASP D 474 -35.39 -5.57 14.31
C ASP D 474 -35.33 -6.24 12.95
N VAL D 475 -36.24 -7.18 12.70
CA VAL D 475 -36.18 -8.01 11.50
C VAL D 475 -37.31 -7.78 10.50
P AMP E . 24.13 14.92 -17.79
O1P AMP E . 23.29 15.65 -16.77
O2P AMP E . 24.08 13.43 -17.61
O3P AMP E . 23.73 15.29 -19.19
O5' AMP E . 25.65 15.35 -17.46
C5' AMP E . 26.18 15.12 -16.15
C4' AMP E . 27.69 14.94 -16.28
O4' AMP E . 28.27 16.12 -16.83
C3' AMP E . 28.42 14.70 -14.97
O3' AMP E . 28.49 13.31 -14.67
C2' AMP E . 29.81 15.29 -15.22
O2' AMP E . 30.73 14.29 -15.69
C1' AMP E . 29.58 16.33 -16.30
N9 AMP E . 29.70 17.69 -15.70
C8 AMP E . 28.69 18.44 -15.21
N7 AMP E . 29.17 19.62 -14.74
C5 AMP E . 30.48 19.60 -14.93
C6 AMP E . 31.57 20.53 -14.66
N6 AMP E . 31.31 21.71 -14.07
N1 AMP E . 32.80 20.15 -14.99
C2 AMP E . 33.06 18.96 -15.58
N3 AMP E . 32.11 18.06 -15.86
C4 AMP E . 30.83 18.33 -15.55
C1 G6P F . 13.64 9.42 -20.82
C2 G6P F . 14.11 8.53 -21.96
C3 G6P F . 13.36 7.24 -22.09
C4 G6P F . 13.12 6.65 -20.71
C5 G6P F . 12.21 7.57 -19.95
C6 G6P F . 12.12 7.20 -18.48
O1 G6P F . 13.27 10.70 -21.33
O2 G6P F . 14.02 9.28 -23.18
O3 G6P F . 14.12 6.32 -22.89
O4 G6P F . 12.47 5.40 -20.82
O5 G6P F . 12.53 8.95 -20.05
O6 G6P F . 13.37 7.40 -17.86
P G6P F . 13.55 6.80 -16.38
O1P G6P F . 14.72 7.45 -15.68
O2P G6P F . 13.70 5.30 -16.52
O3P G6P F . 12.32 7.16 -15.61
MG MG G . -1.62 28.96 -29.14
C1 OXL H . -2.40 29.09 -26.32
C2 OXL H . -1.02 29.49 -26.38
O1 OXL H . -2.95 29.09 -25.19
O2 OXL H . -0.49 30.00 -25.36
O3 OXL H . -2.98 28.78 -27.41
O4 OXL H . -0.44 29.32 -27.49
P AMP I . -31.62 7.26 8.04
O1P AMP I . -31.92 8.72 7.85
O2P AMP I . -30.69 6.77 6.98
O3P AMP I . -31.10 6.97 9.44
O5' AMP I . -32.99 6.47 7.79
C5' AMP I . -32.92 5.05 7.68
C4' AMP I . -34.29 4.46 8.00
O4' AMP I . -35.29 5.01 7.17
C3' AMP I . -34.37 2.98 7.76
O3' AMP I . -34.04 2.30 8.96
C2' AMP I . -35.82 2.73 7.36
O2' AMP I . -36.49 1.93 8.35
C1' AMP I . -36.41 4.13 7.24
N9 AMP I . -37.26 4.27 6.06
C8 AMP I . -37.02 5.05 4.98
N7 AMP I . -38.04 4.94 4.08
C5 AMP I . -38.93 4.11 4.63
C6 AMP I . -40.21 3.57 4.21
N6 AMP I . -40.73 3.93 3.03
N1 AMP I . -40.82 2.71 5.04
C2 AMP I . -40.29 2.36 6.24
N3 AMP I . -39.12 2.82 6.68
C4 AMP I . -38.42 3.67 5.91
C1 G6P J . -20.59 11.33 11.44
C2 G6P J . -20.57 11.74 12.90
C3 G6P J . -19.40 11.22 13.69
C4 G6P J . -18.89 9.95 13.07
C5 G6P J . -18.38 10.28 11.70
C6 G6P J . -17.81 9.07 11.03
O1 G6P J . -20.98 12.48 10.69
O2 G6P J . -20.58 13.15 12.96
O3 G6P J . -19.84 10.94 15.02
O4 G6P J . -17.82 9.45 13.87
O5 G6P J . -19.40 10.82 10.86
O6 G6P J . -18.92 8.22 10.74
P G6P J . -18.64 6.90 9.92
O1P G6P J . -17.83 6.01 10.84
O2P G6P J . -17.96 7.24 8.62
O3P G6P J . -19.96 6.25 9.57
MG MG K . -20.55 35.94 1.39
C1 OXL L . -19.34 34.36 -0.58
C2 OXL L . -20.67 33.83 -0.35
O1 OXL L . -19.02 35.43 -0.03
O2 OXL L . -21.37 34.37 0.54
O3 OXL L . -18.58 33.71 -1.34
O4 OXL L . -21.06 32.87 -1.06
K K M . -26.22 36.21 1.41
P AMP N . 32.11 0.75 9.00
O1P AMP N . 31.12 0.16 8.03
O2P AMP N . 31.68 2.08 9.57
O3P AMP N . 32.43 -0.19 10.15
O5' AMP N . 33.41 1.01 8.10
C5' AMP N . 33.29 1.79 6.92
C4' AMP N . 34.58 2.57 6.72
O4' AMP N . 35.70 1.71 6.93
C3' AMP N . 34.74 3.09 5.30
O3' AMP N . 34.11 4.35 5.12
C2' AMP N . 36.25 3.16 5.12
O2' AMP N . 36.73 4.49 5.39
C1' AMP N . 36.81 2.18 6.13
N9 AMP N . 37.49 1.06 5.43
C8 AMP N . 37.03 -0.17 5.15
N7 AMP N . 37.99 -0.88 4.49
C5 AMP N . 39.04 -0.09 4.34
C6 AMP N . 40.34 -0.20 3.71
N6 AMP N . 40.70 -1.36 3.13
N1 AMP N . 41.14 0.85 3.75
C2 AMP N . 40.78 2.01 4.33
N3 AMP N . 39.60 2.19 4.92
C4 AMP N . 38.71 1.19 4.95
C1 G6P O . 21.92 0.27 15.21
C2 G6P O . 22.24 1.22 16.33
C3 G6P O . 21.08 2.18 16.57
C4 G6P O . 20.20 2.44 15.33
C5 G6P O . 19.75 1.12 14.70
C6 G6P O . 19.86 1.16 13.20
O1 G6P O . 22.59 -0.99 15.34
O2 G6P O . 22.59 0.49 17.52
O3 G6P O . 21.61 3.45 16.96
O4 G6P O . 19.03 3.21 15.66
O5 G6P O . 20.54 0.03 15.20
O6 G6P O . 19.10 2.27 12.73
P G6P O . 18.94 2.45 11.18
O1P G6P O . 20.33 2.46 10.56
O2P G6P O . 18.25 3.76 10.94
O3P G6P O . 18.14 1.26 10.65
MG MG P . 21.24 -23.50 26.11
C1 OXL Q . 20.14 -24.31 23.31
C2 OXL Q . 21.55 -24.00 23.12
O1 OXL Q . 19.58 -23.99 24.39
O2 OXL Q . 22.16 -23.41 24.04
O3 OXL Q . 19.55 -24.87 22.37
O4 OXL Q . 22.08 -24.35 22.05
P PO4 R . 24.54 -29.60 26.50
O1 PO4 R . 23.33 -29.57 27.41
O2 PO4 R . 25.48 -30.67 27.00
O3 PO4 R . 24.13 -29.94 25.09
O4 PO4 R . 25.19 -28.20 26.53
P AMP S . -24.67 -22.58 0.15
O1P AMP S . -24.31 -24.00 -0.23
O2P AMP S . -23.85 -22.05 1.30
O3P AMP S . -24.65 -21.70 -1.05
O5' AMP S . -26.17 -22.58 0.73
C5' AMP S . -26.62 -21.48 1.49
C4' AMP S . -28.12 -21.56 1.48
O4' AMP S . -28.56 -22.62 2.34
C3' AMP S . -28.80 -20.31 1.98
O3' AMP S . -28.95 -19.40 0.88
C2' AMP S . -30.12 -20.83 2.54
O2' AMP S . -31.20 -20.53 1.62
C1' AMP S . -29.92 -22.34 2.70
N9 AMP S . -30.16 -22.76 4.09
C8 AMP S . -29.24 -22.99 5.05
N7 AMP S . -29.85 -23.34 6.21
C5 AMP S . -31.16 -23.33 5.96
C6 AMP S . -32.34 -23.59 6.76
N6 AMP S . -32.19 -23.95 8.05
N1 AMP S . -33.54 -23.48 6.16
C2 AMP S . -33.67 -23.11 4.87
N3 AMP S . -32.61 -22.86 4.09
C4 AMP S . -31.36 -22.94 4.59
C1 G6P T . -14.62 -21.11 -6.39
C2 G6P T . -15.06 -21.11 -7.87
C3 G6P T . -14.22 -20.19 -8.74
C4 G6P T . -14.11 -18.86 -8.03
C5 G6P T . -13.24 -19.06 -6.80
C6 G6P T . -13.11 -17.75 -6.07
O1 G6P T . -13.94 -22.31 -6.04
O2 G6P T . -15.16 -22.44 -8.43
O3 G6P T . -14.85 -20.01 -9.99
O4 G6P T . -13.58 -17.81 -8.85
O5 G6P T . -13.85 -20.00 -5.89
O6 G6P T . -14.39 -17.41 -5.55
P G6P T . -14.50 -16.00 -4.83
O1P G6P T . -13.34 -15.93 -3.88
O2P G6P T . -14.47 -14.95 -5.92
O3P G6P T . -15.79 -15.91 -4.02
MG MG U . 1.07 -40.88 1.34
C1 OXL V . 1.26 -39.11 3.56
C2 OXL V . -0.15 -39.39 3.73
O1 OXL V . 1.87 -39.76 2.68
O2 OXL V . -0.73 -40.20 2.95
O3 OXL V . 1.82 -38.24 4.27
O4 OXL V . -0.75 -38.81 4.65
P PO4 W . 0.77 -46.31 5.92
O1 PO4 W . 0.35 -47.76 6.13
O2 PO4 W . -0.37 -45.53 5.28
O3 PO4 W . 1.98 -46.31 5.00
O4 PO4 W . 1.10 -45.70 7.27
#